data_7P04
#
_entry.id   7P04
#
_cell.length_a   1.00
_cell.length_b   1.00
_cell.length_c   1.00
_cell.angle_alpha   90.00
_cell.angle_beta   90.00
_cell.angle_gamma   90.00
#
_symmetry.space_group_name_H-M   'P 1'
#
loop_
_entity.id
_entity.type
_entity.pdbx_description
1 polymer 'Pleiotropic ABC efflux transporter of multiple drugs'
2 non-polymer "ADENOSINE-5'-TRIPHOSPHATE"
3 non-polymer "ADENOSINE-5'-DIPHOSPHATE"
#
_entity_poly.entity_id   1
_entity_poly.type   'polypeptide(L)'
_entity_poly.pdbx_seq_one_letter_code
;MPEAKLNNNVNDVTSYSSASSSTENAADLHNYNGFDEHTEARIQKLARTLTAQSMQNSTQSAPNKSDAQSIFSSGVEGVN
PIFSDPEAPGYDPKLDPNSENFSSAAWVKNMAHLSAADPDFYKPYSLGCAWKNLSASGASADVAYQSTVVNIPYKILKSG
LRKFQRSKETNTFQILKPMDGCLNPGELLVVLGRPGSGCTTLLKSISSNTHGFDLGADTKISYSGYSGDDIKKHFRGEVV
YNAEADVHLPHLTVFETLVTVARLKTPQNRIKGVDRESYANHLAEVAMATYGLSHTRNTKVGNDIVRGVSGGERKRVSIA
EVSICGSKFQCWDNATRGLDSATALEFIRALKTQADISNTSATVAIYQCSQDAYDLFNKVCVLDDGYQIYYGPADKAKKY
FEDMGYVCPSRQTTADFLTSVTSPSERTLNKDMLKKGIHIPQTPKEMNDYWVKSPNYKELMKEVDQRLLNDDEASREAIK
EAHIAKQSKRARPSSPYTVSYMMQVKYLLIRNMWRLRNNIGFTLFMILGNCSMALILGSMFFKIMKKGDTSTFYFRGSAM
FFAILFNAFSSLLEIFSLYEARPITEKHRTYSLYHPSADAFASVLSEIPSKLIIAVCFNIIFYFLVDFRRNGGVFFFYLL
INIVAVFSMSHLFRCVGSLTKTLSEAMVPASMLLLALSMYTGFAIPKKKILRWSKWIWYINPLAYLFESLLINEFHGIKF
PCAEYVPRGPAYANISSTESVCTVVGAVPGQDYVLGDDFIRGTYQYYHKDKWRGFGIGMAYVVFFFFVYLFLCEYNEGAK
QKGEILVFPRSIVKRMKKRGVLTEKNANDPENVGERSDLSSDRKMLQESSEEESDTYGEIGLSKSEAIFHWRNLCYEVQI
KAETRRILNNVDGWVKPGTLTALMGASGAGKTTLLDCLAERVTMGVITGDILVNGIPRDKSFPRSIGYCQQQDLHLKTAT
VRESLRFSAYLRQPAEVSIEEKNRYVEEVIKILEMEKYADAVVGVAGEGLNVEQRKRLTIGVELTAKPKLLVFLDEPTSG
LDSQTAWSICQLMKKLANHGQAILCTIHQPSAILMQEFDRLLFMQRGGKTVYFGDLGEGCKTMIDYFESHGAHKCPADAN
PAEWMLEVVGAAPGSHANQDYYEVWRNSEEYRAVQSELDWMERELPKKGSITAAEDKHEFSQSIIYQTKLVSIRLFQQYW
RSPDYLWSKFILTIFNQLFIGFTFFKAGTSLQGLQNQMLAVFMFTVIFNPILQQYLPSFVQQRDLYEARERPSRTFSWIS
FIFAQIFVEVPWNILAGTIAYFIYYYPIGFYSNASAAGQLHERGALFWLFSCAFYVYVGSMGLLVISFNQVAESAANLAS
LLFTMSLSFCGVMTTPSAMPRFWIFMYRVSPLTYFIQALLAVGVANVDVKCADYELLEFTPPSGMTCGQYMEPYLQLAKT
GYLTDENATDTCSFCQISTTNDYLANVNSFYSERWRNYGIFICYIAFNYIAGVFFYWLARVPKKNGKLSKK
;
_entity_poly.pdbx_strand_id   A
#
loop_
_chem_comp.id
_chem_comp.type
_chem_comp.name
_chem_comp.formula
ADP non-polymer ADENOSINE-5'-DIPHOSPHATE 'C10 H15 N5 O10 P2'
ATP non-polymer ADENOSINE-5'-TRIPHOSPHATE 'C10 H16 N5 O13 P3'
#
# COMPACT_ATOMS: atom_id res chain seq x y z
N ASN A 31 23.80 -21.60 -3.24
CA ASN A 31 23.08 -22.05 -4.43
C ASN A 31 22.32 -23.33 -4.15
N TYR A 32 21.32 -23.61 -4.98
CA TYR A 32 20.48 -24.80 -4.84
C TYR A 32 20.62 -25.64 -6.09
N ASN A 33 20.94 -26.92 -5.91
CA ASN A 33 21.25 -27.82 -7.02
C ASN A 33 20.25 -28.97 -7.15
N GLY A 34 19.08 -28.85 -6.52
CA GLY A 34 18.01 -29.80 -6.76
C GLY A 34 18.23 -31.18 -6.18
N PHE A 35 18.22 -31.29 -4.86
CA PHE A 35 18.22 -32.58 -4.18
C PHE A 35 19.54 -33.32 -4.39
N ASP A 36 20.64 -32.57 -4.51
CA ASP A 36 21.94 -33.18 -4.63
C ASP A 36 22.36 -33.81 -3.30
N GLU A 37 23.41 -34.64 -3.36
CA GLU A 37 23.77 -35.49 -2.23
C GLU A 37 23.80 -34.74 -0.91
N HIS A 38 24.10 -33.44 -0.93
CA HIS A 38 24.07 -32.66 0.30
C HIS A 38 22.72 -32.77 0.98
N THR A 39 21.64 -32.53 0.23
CA THR A 39 20.31 -32.57 0.85
C THR A 39 19.93 -33.99 1.22
N GLU A 40 20.39 -35.00 0.49
CA GLU A 40 20.13 -36.37 0.91
C GLU A 40 20.76 -36.66 2.25
N ALA A 41 22.00 -36.22 2.45
CA ALA A 41 22.66 -36.40 3.75
C ALA A 41 21.92 -35.64 4.84
N ARG A 42 21.50 -34.41 4.55
CA ARG A 42 20.87 -33.60 5.60
C ARG A 42 19.50 -34.15 5.95
N ILE A 43 18.78 -34.70 4.98
CA ILE A 43 17.50 -35.33 5.27
C ILE A 43 17.69 -36.62 6.03
N GLN A 44 18.79 -37.35 5.76
CA GLN A 44 19.08 -38.50 6.61
C GLN A 44 19.36 -38.07 8.04
N LYS A 45 20.06 -36.94 8.21
CA LYS A 45 20.28 -36.41 9.56
C LYS A 45 18.96 -36.08 10.23
N LEU A 46 18.06 -35.41 9.52
CA LEU A 46 16.76 -35.08 10.10
C LEU A 46 15.98 -36.35 10.46
N ALA A 47 16.07 -37.38 9.61
CA ALA A 47 15.36 -38.62 9.91
C ALA A 47 15.97 -39.32 11.11
N ARG A 48 17.30 -39.32 11.25
CA ARG A 48 17.90 -39.86 12.45
C ARG A 48 17.41 -39.12 13.68
N THR A 49 17.40 -37.79 13.62
CA THR A 49 16.89 -37.03 14.75
C THR A 49 15.48 -37.45 15.10
N LEU A 50 14.59 -37.47 14.10
CA LEU A 50 13.19 -37.80 14.37
C LEU A 50 13.04 -39.18 14.97
N THR A 51 13.64 -40.19 14.34
CA THR A 51 13.41 -41.55 14.80
C THR A 51 14.09 -41.83 16.13
N ALA A 52 15.25 -41.23 16.39
CA ALA A 52 15.87 -41.36 17.71
C ALA A 52 14.98 -40.74 18.77
N GLN A 53 14.47 -39.54 18.50
CA GLN A 53 13.54 -38.90 19.42
C GLN A 53 12.32 -39.79 19.68
N SER A 54 11.78 -40.42 18.63
CA SER A 54 10.59 -41.23 18.78
C SER A 54 10.88 -42.51 19.55
N MET A 55 11.96 -43.21 19.20
CA MET A 55 12.34 -44.43 19.91
C MET A 55 12.73 -44.14 21.36
N GLN A 56 13.04 -42.90 21.68
CA GLN A 56 13.28 -42.52 23.07
C GLN A 56 11.97 -42.48 23.82
N ASP A 92 11.74 -50.99 6.55
CA ASP A 92 12.72 -51.65 5.69
C ASP A 92 13.98 -50.79 5.56
N PRO A 93 15.13 -51.46 5.33
CA PRO A 93 16.40 -50.72 5.36
C PRO A 93 16.46 -49.58 4.36
N LYS A 94 15.73 -49.67 3.26
CA LYS A 94 15.65 -48.55 2.32
C LYS A 94 15.02 -47.32 2.96
N LEU A 95 14.33 -47.51 4.09
CA LEU A 95 13.58 -46.45 4.75
C LEU A 95 14.00 -46.26 6.20
N ASP A 96 15.17 -46.76 6.60
CA ASP A 96 15.61 -46.74 7.99
C ASP A 96 16.70 -45.72 8.17
N PRO A 97 16.48 -44.64 8.94
CA PRO A 97 17.49 -43.57 9.01
C PRO A 97 18.84 -44.02 9.52
N ASN A 98 18.86 -44.90 10.52
CA ASN A 98 20.10 -45.19 11.23
C ASN A 98 20.90 -46.29 10.56
N SER A 99 20.25 -47.38 10.16
CA SER A 99 20.96 -48.44 9.46
C SER A 99 21.43 -47.94 8.11
N GLU A 100 22.51 -48.54 7.63
CA GLU A 100 23.04 -48.22 6.32
C GLU A 100 21.97 -48.48 5.25
N ASN A 101 22.25 -48.01 4.02
CA ASN A 101 21.38 -48.21 2.88
C ASN A 101 20.11 -47.37 2.95
N PHE A 102 20.18 -46.22 3.59
CA PHE A 102 19.06 -45.30 3.64
C PHE A 102 18.89 -44.61 2.29
N SER A 103 17.65 -44.18 2.01
CA SER A 103 17.33 -43.47 0.77
C SER A 103 16.44 -42.29 1.13
N SER A 104 17.04 -41.10 1.19
CA SER A 104 16.27 -39.91 1.52
C SER A 104 15.14 -39.67 0.54
N ALA A 105 15.33 -40.05 -0.73
CA ALA A 105 14.27 -39.86 -1.72
C ALA A 105 13.04 -40.67 -1.34
N ALA A 106 13.22 -41.89 -0.85
CA ALA A 106 12.07 -42.67 -0.40
C ALA A 106 11.49 -42.08 0.86
N TRP A 107 12.35 -41.74 1.83
CA TRP A 107 11.90 -41.13 3.07
C TRP A 107 10.92 -40.00 2.80
N VAL A 108 11.38 -38.96 2.12
CA VAL A 108 10.50 -37.84 1.81
C VAL A 108 9.28 -38.34 1.07
N LYS A 109 9.48 -39.23 0.10
CA LYS A 109 8.34 -39.72 -0.68
C LYS A 109 7.37 -40.48 0.22
N ASN A 110 7.89 -41.24 1.18
CA ASN A 110 7.02 -41.87 2.17
C ASN A 110 6.10 -40.82 2.80
N MET A 111 6.67 -39.71 3.23
CA MET A 111 5.86 -38.68 3.88
C MET A 111 4.76 -38.20 2.94
N ALA A 112 5.07 -38.09 1.64
CA ALA A 112 4.04 -37.70 0.68
C ALA A 112 2.86 -38.66 0.74
N HIS A 113 3.13 -39.96 0.79
CA HIS A 113 2.06 -40.93 1.00
C HIS A 113 1.41 -40.73 2.36
N LEU A 114 2.23 -40.54 3.39
CA LEU A 114 1.71 -40.55 4.75
C LEU A 114 0.67 -39.46 4.95
N SER A 115 0.76 -38.37 4.19
CA SER A 115 -0.20 -37.28 4.29
C SER A 115 -1.31 -37.37 3.26
N ALA A 116 -1.08 -38.09 2.16
CA ALA A 116 -2.05 -38.14 1.07
C ALA A 116 -2.98 -39.34 1.15
N ALA A 117 -2.46 -40.51 1.56
CA ALA A 117 -3.18 -41.77 1.45
C ALA A 117 -3.97 -42.11 2.70
N ASP A 118 -4.44 -41.12 3.44
CA ASP A 118 -5.25 -41.40 4.62
C ASP A 118 -6.49 -42.20 4.21
N PRO A 119 -6.77 -43.34 4.85
CA PRO A 119 -7.96 -44.10 4.45
C PRO A 119 -9.26 -43.34 4.61
N ASP A 120 -9.29 -42.31 5.47
CA ASP A 120 -10.48 -41.46 5.60
C ASP A 120 -10.50 -40.23 4.71
N PHE A 121 -9.42 -39.94 3.98
CA PHE A 121 -9.38 -38.86 3.01
C PHE A 121 -9.04 -39.47 1.66
N TYR A 122 -9.93 -39.28 0.69
CA TYR A 122 -9.83 -39.93 -0.61
C TYR A 122 -9.10 -39.07 -1.63
N LYS A 123 -8.20 -38.21 -1.16
CA LYS A 123 -7.45 -37.35 -2.07
C LYS A 123 -6.58 -38.20 -2.99
N PRO A 124 -6.50 -37.88 -4.27
CA PRO A 124 -5.74 -38.72 -5.19
C PRO A 124 -4.24 -38.64 -4.93
N TYR A 125 -3.55 -39.74 -5.27
CA TYR A 125 -2.11 -39.79 -5.10
C TYR A 125 -1.40 -38.84 -6.05
N SER A 126 -2.01 -38.60 -7.21
CA SER A 126 -1.37 -37.78 -8.24
C SER A 126 -2.41 -37.43 -9.30
N LEU A 127 -2.42 -36.16 -9.70
CA LEU A 127 -3.36 -35.66 -10.69
C LEU A 127 -2.59 -35.29 -11.95
N GLY A 128 -2.89 -35.97 -13.04
CA GLY A 128 -2.54 -35.47 -14.34
C GLY A 128 -3.51 -34.40 -14.77
N CYS A 129 -3.48 -34.09 -16.05
CA CYS A 129 -4.49 -33.22 -16.64
C CYS A 129 -4.52 -33.47 -18.14
N ALA A 130 -5.71 -33.57 -18.68
CA ALA A 130 -5.91 -33.62 -20.12
C ALA A 130 -6.94 -32.58 -20.47
N TRP A 131 -6.76 -31.91 -21.60
CA TRP A 131 -7.76 -30.93 -22.03
C TRP A 131 -7.79 -30.90 -23.55
N LYS A 132 -8.98 -31.07 -24.11
CA LYS A 132 -9.17 -30.94 -25.54
C LYS A 132 -10.30 -29.95 -25.81
N ASN A 133 -10.19 -29.26 -26.93
CA ASN A 133 -11.15 -28.24 -27.33
C ASN A 133 -11.27 -27.16 -26.27
N LEU A 134 -10.19 -26.87 -25.55
CA LEU A 134 -10.23 -25.83 -24.54
C LEU A 134 -10.25 -24.45 -25.18
N SER A 135 -11.44 -23.90 -25.35
CA SER A 135 -11.60 -22.52 -25.79
C SER A 135 -12.00 -21.67 -24.58
N ALA A 136 -11.38 -20.51 -24.45
CA ALA A 136 -11.71 -19.58 -23.38
C ALA A 136 -12.09 -18.25 -24.00
N SER A 137 -13.22 -17.69 -23.58
CA SER A 137 -13.70 -16.43 -24.09
C SER A 137 -14.05 -15.51 -22.93
N GLY A 138 -13.95 -14.22 -23.16
CA GLY A 138 -14.25 -13.24 -22.13
C GLY A 138 -14.85 -12.00 -22.74
N ALA A 139 -15.51 -11.23 -21.88
CA ALA A 139 -16.17 -10.01 -22.34
C ALA A 139 -15.17 -9.10 -23.03
N SER A 140 -15.54 -8.62 -24.21
CA SER A 140 -14.66 -7.74 -24.97
C SER A 140 -14.14 -6.62 -24.09
N ALA A 141 -12.92 -6.17 -24.40
CA ALA A 141 -12.27 -5.09 -23.66
C ALA A 141 -12.49 -3.80 -24.43
N ASP A 142 -13.40 -2.97 -23.93
CA ASP A 142 -13.60 -1.64 -24.51
C ASP A 142 -12.48 -0.71 -24.05
N VAL A 143 -12.56 0.53 -24.48
CA VAL A 143 -11.68 1.59 -24.00
C VAL A 143 -12.43 2.33 -22.92
N ALA A 144 -11.95 2.24 -21.69
CA ALA A 144 -12.59 2.90 -20.55
C ALA A 144 -12.01 4.29 -20.39
N TYR A 145 -12.78 5.31 -20.74
CA TYR A 145 -12.28 6.67 -20.66
C TYR A 145 -11.90 7.00 -19.22
N GLN A 146 -10.85 7.81 -19.07
CA GLN A 146 -10.32 8.11 -17.75
C GLN A 146 -11.35 8.82 -16.90
N SER A 147 -11.47 8.37 -15.66
CA SER A 147 -12.41 8.97 -14.71
C SER A 147 -11.87 10.30 -14.23
N THR A 148 -12.64 11.37 -14.42
CA THR A 148 -12.35 12.66 -13.84
C THR A 148 -13.32 12.93 -12.70
N VAL A 149 -13.09 14.04 -11.99
CA VAL A 149 -13.92 14.37 -10.84
C VAL A 149 -15.30 14.90 -11.22
N VAL A 150 -15.57 15.07 -12.52
CA VAL A 150 -16.84 15.60 -12.97
C VAL A 150 -17.60 14.51 -13.72
N ASN A 151 -16.89 13.67 -14.45
CA ASN A 151 -17.52 12.63 -15.26
C ASN A 151 -17.73 11.33 -14.50
N ILE A 152 -17.21 11.20 -13.28
CA ILE A 152 -17.29 9.93 -12.58
C ILE A 152 -18.71 9.66 -12.07
N PRO A 153 -19.52 10.66 -11.71
CA PRO A 153 -20.92 10.32 -11.35
C PRO A 153 -21.66 9.66 -12.49
N TYR A 154 -21.54 10.21 -13.70
CA TYR A 154 -22.16 9.59 -14.86
C TYR A 154 -21.54 8.23 -15.14
N LYS A 155 -20.23 8.10 -14.97
CA LYS A 155 -19.61 6.79 -15.14
C LYS A 155 -20.21 5.78 -14.17
N ILE A 156 -20.47 6.20 -12.94
CA ILE A 156 -21.04 5.30 -11.94
C ILE A 156 -22.44 4.88 -12.34
N LEU A 157 -23.27 5.85 -12.73
CA LEU A 157 -24.63 5.53 -13.14
C LEU A 157 -24.64 4.60 -14.34
N LYS A 158 -23.79 4.88 -15.33
CA LYS A 158 -23.68 4.03 -16.50
C LYS A 158 -23.25 2.61 -16.12
N SER A 159 -22.28 2.49 -15.22
CA SER A 159 -21.84 1.16 -14.79
C SER A 159 -22.97 0.42 -14.07
N GLY A 160 -23.76 1.14 -13.26
CA GLY A 160 -24.87 0.50 -12.58
C GLY A 160 -25.91 -0.01 -13.56
N LEU A 161 -26.25 0.80 -14.56
CA LEU A 161 -27.24 0.36 -15.55
C LEU A 161 -26.68 -0.74 -16.45
N ARG A 162 -25.37 -0.76 -16.65
CA ARG A 162 -24.75 -1.81 -17.46
C ARG A 162 -24.46 -3.06 -16.67
N LYS A 163 -24.58 -2.99 -15.34
CA LYS A 163 -24.46 -4.18 -14.49
C LYS A 163 -25.83 -4.79 -14.20
N PHE A 164 -26.86 -3.96 -14.06
CA PHE A 164 -28.20 -4.49 -13.87
C PHE A 164 -28.84 -4.89 -15.20
N GLN A 165 -29.02 -3.94 -16.11
CA GLN A 165 -29.63 -4.23 -17.40
C GLN A 165 -28.79 -3.64 -18.54
N THR A 170 -23.26 -8.05 -23.61
CA THR A 170 -21.91 -7.65 -23.98
C THR A 170 -21.31 -8.64 -24.97
N ASN A 171 -20.64 -8.10 -26.00
CA ASN A 171 -19.93 -8.94 -26.95
C ASN A 171 -18.65 -9.49 -26.33
N THR A 172 -18.21 -10.63 -26.84
CA THR A 172 -17.14 -11.42 -26.23
C THR A 172 -15.92 -11.50 -27.13
N PHE A 173 -14.77 -11.68 -26.51
CA PHE A 173 -13.48 -11.79 -27.19
C PHE A 173 -12.91 -13.16 -26.93
N GLN A 174 -12.47 -13.84 -27.99
CA GLN A 174 -11.95 -15.21 -27.89
C GLN A 174 -10.52 -15.15 -27.37
N ILE A 175 -10.35 -15.34 -26.06
CA ILE A 175 -9.02 -15.26 -25.46
C ILE A 175 -8.16 -16.42 -25.94
N LEU A 176 -8.68 -17.64 -25.86
CA LEU A 176 -7.96 -18.84 -26.25
C LEU A 176 -8.79 -19.61 -27.27
N LYS A 177 -8.26 -19.75 -28.47
CA LYS A 177 -8.85 -20.61 -29.48
C LYS A 177 -8.61 -22.06 -29.10
N PRO A 178 -9.41 -22.99 -29.62
CA PRO A 178 -9.42 -24.35 -29.09
C PRO A 178 -8.02 -24.95 -29.00
N MET A 179 -7.72 -25.56 -27.86
CA MET A 179 -6.42 -26.10 -27.55
C MET A 179 -6.54 -27.54 -27.10
N ASP A 180 -5.43 -28.26 -27.20
CA ASP A 180 -5.33 -29.62 -26.69
C ASP A 180 -4.02 -29.77 -25.95
N GLY A 181 -3.98 -30.72 -25.03
CA GLY A 181 -2.77 -30.98 -24.29
C GLY A 181 -3.01 -31.98 -23.20
N CYS A 182 -1.91 -32.49 -22.66
CA CYS A 182 -1.97 -33.40 -21.53
C CYS A 182 -0.65 -33.34 -20.79
N LEU A 183 -0.75 -33.22 -19.46
CA LEU A 183 0.40 -33.16 -18.57
C LEU A 183 0.26 -34.29 -17.55
N ASN A 184 1.17 -35.24 -17.60
CA ASN A 184 1.10 -36.40 -16.73
C ASN A 184 1.78 -36.09 -15.40
N PRO A 185 1.42 -36.84 -14.35
CA PRO A 185 2.04 -36.58 -13.04
C PRO A 185 3.56 -36.72 -13.10
N GLY A 186 4.24 -35.84 -12.38
CA GLY A 186 5.69 -35.84 -12.34
C GLY A 186 6.35 -35.07 -13.45
N GLU A 187 5.59 -34.48 -14.36
CA GLU A 187 6.12 -33.77 -15.51
C GLU A 187 6.09 -32.27 -15.27
N LEU A 188 6.99 -31.55 -15.95
CA LEU A 188 7.02 -30.11 -15.93
C LEU A 188 6.61 -29.59 -17.31
N LEU A 189 5.62 -28.71 -17.32
CA LEU A 189 5.16 -28.06 -18.53
C LEU A 189 5.57 -26.59 -18.49
N VAL A 190 6.07 -26.09 -19.61
CA VAL A 190 6.41 -24.68 -19.74
C VAL A 190 5.56 -24.09 -20.84
N VAL A 191 4.89 -22.97 -20.53
CA VAL A 191 4.05 -22.27 -21.49
C VAL A 191 4.82 -21.06 -21.98
N LEU A 192 5.04 -20.99 -23.29
CA LEU A 192 5.78 -19.92 -23.91
C LEU A 192 4.85 -19.12 -24.81
N GLY A 193 5.17 -17.86 -24.99
CA GLY A 193 4.38 -16.95 -25.80
C GLY A 193 4.60 -15.52 -25.33
N ARG A 194 4.54 -14.60 -26.29
CA ARG A 194 4.75 -13.20 -25.97
C ARG A 194 3.61 -12.68 -25.11
N PRO A 195 3.84 -11.65 -24.29
CA PRO A 195 2.77 -11.15 -23.42
C PRO A 195 1.55 -10.74 -24.23
N GLY A 196 0.38 -11.08 -23.70
CA GLY A 196 -0.86 -10.94 -24.43
C GLY A 196 -1.24 -12.15 -25.24
N SER A 197 -0.41 -13.19 -25.26
CA SER A 197 -0.67 -14.37 -26.06
C SER A 197 -1.68 -15.31 -25.41
N GLY A 198 -1.98 -15.14 -24.14
CA GLY A 198 -2.93 -15.98 -23.44
C GLY A 198 -2.32 -17.05 -22.57
N CYS A 199 -1.14 -16.81 -22.00
CA CYS A 199 -0.53 -17.80 -21.12
C CYS A 199 -1.24 -17.84 -19.77
N THR A 200 -1.54 -16.67 -19.19
CA THR A 200 -2.23 -16.64 -17.91
C THR A 200 -3.60 -17.27 -18.01
N THR A 201 -4.33 -16.99 -19.09
CA THR A 201 -5.66 -17.56 -19.24
C THR A 201 -5.60 -19.07 -19.38
N LEU A 202 -4.59 -19.59 -20.09
CA LEU A 202 -4.44 -21.03 -20.18
C LEU A 202 -4.16 -21.65 -18.81
N LEU A 203 -3.29 -21.02 -18.02
CA LEU A 203 -2.98 -21.57 -16.70
C LEU A 203 -4.19 -21.54 -15.80
N LYS A 204 -4.96 -20.45 -15.83
CA LYS A 204 -6.18 -20.39 -15.05
C LYS A 204 -7.21 -21.39 -15.53
N SER A 205 -7.22 -21.69 -16.83
CA SER A 205 -8.21 -22.62 -17.37
C SER A 205 -7.87 -24.06 -16.97
N ILE A 206 -6.62 -24.47 -17.12
CA ILE A 206 -6.27 -25.84 -16.80
C ILE A 206 -6.27 -26.08 -15.30
N SER A 207 -6.10 -25.04 -14.49
CA SER A 207 -6.20 -25.17 -13.05
C SER A 207 -7.61 -24.87 -12.53
N SER A 208 -8.55 -24.62 -13.43
CA SER A 208 -9.97 -24.45 -13.10
C SER A 208 -10.27 -23.10 -12.44
N ASN A 209 -9.27 -22.24 -12.27
CA ASN A 209 -9.49 -20.92 -11.71
C ASN A 209 -10.03 -19.96 -12.78
N THR A 210 -11.20 -20.32 -13.32
CA THR A 210 -11.80 -19.61 -14.45
C THR A 210 -12.83 -18.62 -13.94
N HIS A 211 -12.34 -17.51 -13.40
CA HIS A 211 -13.17 -16.39 -12.97
C HIS A 211 -12.76 -15.15 -13.74
N GLY A 212 -13.75 -14.41 -14.23
CA GLY A 212 -13.52 -13.30 -15.12
C GLY A 212 -13.61 -13.64 -16.59
N PHE A 213 -13.73 -14.92 -16.92
CA PHE A 213 -13.98 -15.35 -18.29
C PHE A 213 -14.77 -16.65 -18.20
N ASP A 214 -14.98 -17.28 -19.36
CA ASP A 214 -15.78 -18.50 -19.42
C ASP A 214 -15.24 -19.41 -20.51
N LEU A 215 -15.30 -20.70 -20.25
CA LEU A 215 -14.80 -21.71 -21.17
C LEU A 215 -15.88 -22.12 -22.17
N GLY A 216 -15.44 -22.64 -23.31
CA GLY A 216 -16.35 -23.07 -24.33
C GLY A 216 -17.15 -24.29 -23.91
N ALA A 217 -18.21 -24.57 -24.68
CA ALA A 217 -19.02 -25.74 -24.40
C ALA A 217 -18.32 -27.04 -24.76
N ASP A 218 -17.33 -26.99 -25.65
CA ASP A 218 -16.60 -28.18 -26.07
C ASP A 218 -15.39 -28.48 -25.20
N THR A 219 -15.02 -27.59 -24.28
CA THR A 219 -13.82 -27.80 -23.48
C THR A 219 -13.99 -29.02 -22.60
N LYS A 220 -13.19 -30.04 -22.85
CA LYS A 220 -13.16 -31.22 -22.01
C LYS A 220 -11.85 -31.20 -21.24
N ILE A 221 -11.94 -30.99 -19.93
CA ILE A 221 -10.78 -31.01 -19.04
C ILE A 221 -11.00 -32.10 -18.01
N SER A 222 -10.00 -32.95 -17.81
CA SER A 222 -10.08 -34.07 -16.89
C SER A 222 -8.79 -34.17 -16.09
N TYR A 223 -8.93 -34.24 -14.76
CA TYR A 223 -7.78 -34.39 -13.87
C TYR A 223 -7.69 -35.86 -13.47
N SER A 224 -7.18 -36.67 -14.40
CA SER A 224 -7.03 -38.11 -14.20
C SER A 224 -8.33 -38.73 -13.68
N GLY A 225 -9.44 -38.37 -14.34
CA GLY A 225 -10.74 -38.93 -14.05
C GLY A 225 -11.69 -37.96 -13.38
N TYR A 226 -11.17 -37.03 -12.58
CA TYR A 226 -11.99 -36.06 -11.87
C TYR A 226 -12.19 -34.83 -12.77
N SER A 227 -13.45 -34.48 -13.01
CA SER A 227 -13.74 -33.33 -13.84
C SER A 227 -13.41 -32.04 -13.10
N GLY A 228 -13.42 -30.93 -13.84
CA GLY A 228 -13.24 -29.64 -13.19
C GLY A 228 -14.27 -29.42 -12.10
N ASP A 229 -15.52 -29.82 -12.36
CA ASP A 229 -16.58 -29.70 -11.37
C ASP A 229 -16.36 -30.61 -10.17
N ASP A 230 -15.44 -31.58 -10.27
CA ASP A 230 -15.10 -32.40 -9.11
C ASP A 230 -14.12 -31.68 -8.20
N ILE A 231 -12.94 -31.34 -8.73
CA ILE A 231 -11.94 -30.68 -7.90
C ILE A 231 -12.45 -29.33 -7.41
N LYS A 232 -13.33 -28.69 -8.18
CA LYS A 232 -13.83 -27.39 -7.74
C LYS A 232 -14.61 -27.49 -6.43
N LYS A 233 -15.07 -28.69 -6.06
CA LYS A 233 -15.82 -28.88 -4.84
C LYS A 233 -15.09 -29.76 -3.83
N HIS A 234 -14.72 -30.98 -4.20
CA HIS A 234 -14.28 -31.97 -3.24
C HIS A 234 -12.77 -32.08 -3.10
N PHE A 235 -12.00 -31.60 -4.09
CA PHE A 235 -10.55 -31.73 -4.06
C PHE A 235 -9.85 -30.40 -4.28
N ARG A 236 -10.55 -29.29 -4.15
CA ARG A 236 -9.90 -28.00 -4.31
C ARG A 236 -8.75 -27.89 -3.33
N GLY A 237 -7.64 -27.33 -3.79
CA GLY A 237 -6.40 -27.35 -3.06
C GLY A 237 -5.41 -28.36 -3.59
N GLU A 238 -5.88 -29.40 -4.29
CA GLU A 238 -5.00 -30.26 -5.04
C GLU A 238 -4.57 -29.60 -6.35
N VAL A 239 -5.39 -28.72 -6.89
CA VAL A 239 -5.13 -28.03 -8.15
C VAL A 239 -5.00 -26.55 -7.82
N VAL A 240 -3.81 -26.01 -7.98
CA VAL A 240 -3.46 -24.70 -7.46
C VAL A 240 -2.85 -23.84 -8.55
N TYR A 241 -3.27 -22.59 -8.60
CA TYR A 241 -2.70 -21.59 -9.48
C TYR A 241 -2.14 -20.47 -8.63
N ASN A 242 -0.93 -20.01 -8.96
CA ASN A 242 -0.24 -18.98 -8.19
C ASN A 242 0.21 -17.89 -9.15
N ALA A 243 -0.57 -16.81 -9.21
CA ALA A 243 -0.20 -15.69 -10.07
C ALA A 243 1.16 -15.14 -9.68
N GLU A 244 1.54 -15.24 -8.41
CA GLU A 244 2.84 -14.82 -7.94
C GLU A 244 3.35 -15.83 -6.93
N ALA A 245 4.68 -16.00 -6.90
CA ALA A 245 5.34 -16.83 -5.90
C ALA A 245 6.11 -15.98 -4.89
N ASP A 246 5.60 -14.80 -4.56
CA ASP A 246 6.25 -13.87 -3.65
C ASP A 246 5.36 -13.46 -2.48
N VAL A 247 4.06 -13.75 -2.55
CA VAL A 247 3.13 -13.34 -1.51
C VAL A 247 3.45 -14.14 -0.25
N HIS A 248 3.84 -13.43 0.82
CA HIS A 248 4.20 -14.07 2.07
C HIS A 248 3.94 -13.10 3.20
N LEU A 249 4.20 -13.55 4.42
CA LEU A 249 4.07 -12.70 5.59
C LEU A 249 5.45 -12.19 5.95
N PRO A 250 5.76 -10.90 5.75
CA PRO A 250 7.17 -10.48 5.81
C PRO A 250 7.87 -10.80 7.12
N HIS A 251 7.18 -10.71 8.25
CA HIS A 251 7.86 -10.73 9.53
C HIS A 251 7.99 -12.12 10.13
N LEU A 252 7.35 -13.13 9.55
CA LEU A 252 7.57 -14.50 9.99
C LEU A 252 8.87 -15.02 9.41
N THR A 253 9.62 -15.78 10.21
CA THR A 253 10.79 -16.44 9.68
C THR A 253 10.38 -17.54 8.72
N VAL A 254 11.33 -18.00 7.92
CA VAL A 254 11.03 -19.06 6.96
C VAL A 254 10.55 -20.30 7.70
N PHE A 255 11.25 -20.66 8.78
CA PHE A 255 10.84 -21.84 9.53
C PHE A 255 9.46 -21.67 10.14
N GLU A 256 9.15 -20.48 10.66
CA GLU A 256 7.80 -20.26 11.19
C GLU A 256 6.76 -20.35 10.09
N THR A 257 7.03 -19.70 8.95
CA THR A 257 6.12 -19.74 7.82
C THR A 257 5.81 -21.16 7.39
N LEU A 258 6.82 -22.04 7.44
CA LEU A 258 6.63 -23.40 6.98
C LEU A 258 6.08 -24.31 8.08
N VAL A 259 6.45 -24.08 9.33
CA VAL A 259 5.99 -24.95 10.41
C VAL A 259 4.53 -24.71 10.70
N THR A 260 4.04 -23.47 10.56
CA THR A 260 2.60 -23.27 10.73
C THR A 260 1.82 -24.08 9.70
N VAL A 261 2.27 -24.06 8.44
CA VAL A 261 1.61 -24.83 7.40
C VAL A 261 1.73 -26.32 7.68
N ALA A 262 2.90 -26.78 8.11
CA ALA A 262 3.08 -28.19 8.38
C ALA A 262 2.27 -28.65 9.58
N ARG A 263 1.94 -27.73 10.49
CA ARG A 263 1.03 -28.05 11.58
C ARG A 263 -0.40 -28.15 11.08
N LEU A 264 -0.80 -27.24 10.20
CA LEU A 264 -2.13 -27.35 9.61
C LEU A 264 -2.26 -28.56 8.68
N LYS A 265 -1.15 -29.19 8.31
CA LYS A 265 -1.17 -30.31 7.37
C LYS A 265 -0.51 -31.55 7.97
N THR A 266 -0.64 -31.73 9.28
CA THR A 266 -0.19 -32.97 9.90
C THR A 266 -1.36 -33.96 9.95
N PRO A 267 -1.28 -35.10 9.26
CA PRO A 267 -2.38 -36.06 9.33
C PRO A 267 -2.44 -36.71 10.70
N GLN A 268 -2.66 -35.87 11.71
CA GLN A 268 -2.34 -36.24 13.09
C GLN A 268 -3.18 -37.39 13.63
N ASN A 269 -4.28 -37.74 12.98
CA ASN A 269 -5.09 -38.86 13.47
C ASN A 269 -4.48 -40.22 13.14
N ARG A 270 -3.36 -40.25 12.41
CA ARG A 270 -2.81 -41.51 11.91
C ARG A 270 -1.34 -41.71 12.24
N ILE A 271 -0.63 -40.70 12.73
CA ILE A 271 0.78 -40.84 13.07
C ILE A 271 0.91 -41.30 14.51
N LYS A 272 1.76 -42.32 14.73
CA LYS A 272 1.99 -42.87 16.04
C LYS A 272 3.48 -42.83 16.36
N GLY A 273 3.79 -42.58 17.63
CA GLY A 273 5.16 -42.61 18.11
C GLY A 273 5.85 -41.27 18.18
N VAL A 274 5.27 -40.21 17.62
CA VAL A 274 5.88 -38.89 17.64
C VAL A 274 4.80 -37.84 17.90
N ASP A 275 5.13 -36.86 18.74
CA ASP A 275 4.21 -35.78 19.03
C ASP A 275 3.87 -35.03 17.75
N ARG A 276 2.62 -34.59 17.64
CA ARG A 276 2.19 -33.84 16.46
C ARG A 276 3.12 -32.67 16.19
N GLU A 277 3.61 -32.03 17.25
CA GLU A 277 4.52 -30.91 17.06
C GLU A 277 5.87 -31.38 16.57
N SER A 278 6.36 -32.50 17.08
CA SER A 278 7.64 -33.02 16.59
C SER A 278 7.54 -33.39 15.13
N TYR A 279 6.44 -34.02 14.73
CA TYR A 279 6.27 -34.37 13.32
C TYR A 279 6.13 -33.13 12.46
N ALA A 280 5.41 -32.11 12.92
CA ALA A 280 5.30 -30.89 12.12
C ALA A 280 6.67 -30.23 11.97
N ASN A 281 7.46 -30.22 13.04
CA ASN A 281 8.82 -29.70 12.96
C ASN A 281 9.63 -30.47 11.93
N HIS A 282 9.58 -31.80 12.00
CA HIS A 282 10.36 -32.61 11.06
C HIS A 282 9.91 -32.38 9.63
N LEU A 283 8.61 -32.25 9.41
CA LEU A 283 8.08 -32.04 8.07
C LEU A 283 8.54 -30.71 7.50
N ALA A 284 8.49 -29.66 8.31
CA ALA A 284 8.97 -28.36 7.84
C ALA A 284 10.48 -28.38 7.62
N GLU A 285 11.22 -29.11 8.45
CA GLU A 285 12.67 -29.18 8.30
C GLU A 285 13.05 -29.92 7.02
N VAL A 286 12.36 -31.01 6.72
CA VAL A 286 12.61 -31.71 5.47
C VAL A 286 12.20 -30.86 4.28
N ALA A 287 11.13 -30.08 4.42
CA ALA A 287 10.73 -29.19 3.33
C ALA A 287 11.78 -28.11 3.09
N MET A 288 12.44 -27.62 4.15
CA MET A 288 13.52 -26.67 3.92
C MET A 288 14.73 -27.36 3.30
N ALA A 289 15.05 -28.56 3.78
CA ALA A 289 16.22 -29.26 3.25
C ALA A 289 16.05 -29.56 1.77
N THR A 290 14.86 -30.00 1.36
CA THR A 290 14.66 -30.39 -0.02
C THR A 290 14.84 -29.21 -0.98
N TYR A 291 14.32 -28.05 -0.61
CA TYR A 291 14.28 -26.90 -1.50
C TYR A 291 15.32 -25.84 -1.17
N GLY A 292 16.40 -26.23 -0.50
CA GLY A 292 17.54 -25.36 -0.34
C GLY A 292 17.28 -24.11 0.47
N LEU A 293 16.62 -24.26 1.62
CA LEU A 293 16.30 -23.12 2.47
C LEU A 293 16.75 -23.30 3.91
N SER A 294 17.45 -24.38 4.23
CA SER A 294 17.80 -24.68 5.61
C SER A 294 18.77 -23.68 6.22
N HIS A 295 19.41 -22.84 5.41
CA HIS A 295 20.21 -21.75 5.96
C HIS A 295 19.33 -20.60 6.44
N THR A 296 18.15 -20.42 5.86
CA THR A 296 17.24 -19.34 6.22
C THR A 296 16.25 -19.74 7.31
N ARG A 297 16.54 -20.78 8.09
CA ARG A 297 15.60 -21.25 9.09
C ARG A 297 15.13 -20.12 10.00
N ASN A 298 16.04 -19.25 10.42
CA ASN A 298 15.75 -18.20 11.39
C ASN A 298 15.72 -16.81 10.78
N THR A 299 15.72 -16.69 9.46
CA THR A 299 15.69 -15.41 8.80
C THR A 299 14.26 -15.02 8.44
N LYS A 300 13.93 -13.76 8.66
CA LYS A 300 12.59 -13.30 8.35
C LYS A 300 12.33 -13.44 6.85
N VAL A 301 11.16 -13.98 6.50
CA VAL A 301 10.83 -14.17 5.09
C VAL A 301 11.04 -12.89 4.31
N GLY A 302 10.84 -11.75 4.96
CA GLY A 302 11.14 -10.49 4.35
C GLY A 302 10.14 -10.13 3.27
N ASN A 303 10.49 -9.06 2.56
CA ASN A 303 9.66 -8.52 1.49
C ASN A 303 10.52 -7.59 0.66
N ASP A 304 9.89 -6.83 -0.23
CA ASP A 304 10.61 -5.79 -0.96
C ASP A 304 11.14 -4.73 0.01
N ILE A 305 10.29 -4.26 0.91
CA ILE A 305 10.67 -3.23 1.87
C ILE A 305 11.23 -3.81 3.16
N VAL A 306 11.04 -5.10 3.41
CA VAL A 306 11.55 -5.78 4.60
C VAL A 306 12.69 -6.67 4.15
N ARG A 307 13.87 -6.47 4.72
CA ARG A 307 15.03 -7.27 4.39
C ARG A 307 14.95 -8.61 5.10
N GLY A 308 15.41 -9.66 4.41
CA GLY A 308 15.25 -11.02 4.87
C GLY A 308 15.91 -11.99 3.90
N VAL A 309 15.20 -13.04 3.53
CA VAL A 309 15.69 -13.95 2.50
C VAL A 309 15.67 -13.21 1.17
N SER A 310 16.32 -13.75 0.16
CA SER A 310 16.36 -13.14 -1.15
C SER A 310 15.12 -13.53 -1.97
N GLY A 311 14.92 -12.84 -3.08
CA GLY A 311 13.75 -13.11 -3.90
C GLY A 311 13.66 -14.55 -4.33
N GLY A 312 14.79 -15.13 -4.74
CA GLY A 312 14.79 -16.54 -5.11
C GLY A 312 14.43 -17.44 -3.95
N GLU A 313 15.05 -17.18 -2.78
CA GLU A 313 14.72 -17.98 -1.60
C GLU A 313 13.27 -17.78 -1.20
N ARG A 314 12.71 -16.61 -1.44
CA ARG A 314 11.30 -16.39 -1.11
C ARG A 314 10.39 -17.19 -2.03
N LYS A 315 10.71 -17.23 -3.33
CA LYS A 315 9.94 -18.08 -4.23
C LYS A 315 10.11 -19.56 -3.89
N ARG A 316 11.28 -19.97 -3.45
CA ARG A 316 11.44 -21.35 -3.02
C ARG A 316 10.73 -21.62 -1.70
N VAL A 317 10.51 -20.60 -0.87
CA VAL A 317 9.64 -20.78 0.28
C VAL A 317 8.22 -21.01 -0.17
N SER A 318 7.77 -20.31 -1.22
CA SER A 318 6.48 -20.61 -1.80
C SER A 318 6.41 -22.07 -2.27
N ILE A 319 7.47 -22.54 -2.94
CA ILE A 319 7.49 -23.92 -3.43
C ILE A 319 7.41 -24.89 -2.26
N ALA A 320 8.21 -24.68 -1.21
CA ALA A 320 8.19 -25.58 -0.08
C ALA A 320 6.85 -25.55 0.65
N GLU A 321 6.24 -24.38 0.73
CA GLU A 321 4.95 -24.26 1.40
C GLU A 321 3.89 -25.05 0.65
N VAL A 322 3.83 -24.88 -0.67
CA VAL A 322 2.84 -25.65 -1.44
C VAL A 322 3.19 -27.14 -1.43
N SER A 323 4.47 -27.47 -1.31
CA SER A 323 4.86 -28.87 -1.18
C SER A 323 4.32 -29.49 0.10
N ILE A 324 4.40 -28.75 1.20
CA ILE A 324 3.83 -29.25 2.45
C ILE A 324 2.30 -29.34 2.33
N CYS A 325 1.68 -28.35 1.67
CA CYS A 325 0.24 -28.38 1.48
C CYS A 325 -0.21 -29.59 0.66
N GLY A 326 0.70 -30.22 -0.08
CA GLY A 326 0.37 -31.46 -0.77
C GLY A 326 -0.36 -31.30 -2.07
N SER A 327 -0.26 -30.15 -2.73
CA SER A 327 -0.90 -29.98 -4.03
C SER A 327 -0.28 -30.92 -5.04
N LYS A 328 -1.06 -31.28 -6.06
CA LYS A 328 -0.63 -32.23 -7.07
C LYS A 328 -0.60 -31.68 -8.48
N PHE A 329 -1.48 -30.73 -8.81
CA PHE A 329 -1.40 -30.00 -10.06
C PHE A 329 -1.14 -28.54 -9.73
N GLN A 330 -0.07 -27.99 -10.27
CA GLN A 330 0.36 -26.63 -9.92
C GLN A 330 0.55 -25.81 -11.17
N CYS A 331 0.28 -24.51 -11.05
CA CYS A 331 0.49 -23.56 -12.13
C CYS A 331 1.17 -22.33 -11.56
N TRP A 332 2.28 -21.92 -12.17
CA TRP A 332 3.09 -20.80 -11.71
C TRP A 332 3.16 -19.79 -12.84
N ASP A 333 2.43 -18.69 -12.69
CA ASP A 333 2.21 -17.80 -13.83
C ASP A 333 3.37 -16.83 -14.06
N ASN A 334 3.83 -16.16 -13.01
CA ASN A 334 4.95 -15.24 -13.10
C ASN A 334 6.13 -15.79 -12.30
N ALA A 335 6.39 -17.07 -12.51
CA ALA A 335 7.30 -17.84 -11.67
C ALA A 335 8.57 -17.07 -11.35
N THR A 336 9.35 -16.73 -12.36
CA THR A 336 10.68 -16.18 -12.18
C THR A 336 10.72 -14.67 -12.44
N ARG A 337 9.66 -13.96 -12.08
CA ARG A 337 9.67 -12.51 -12.22
C ARG A 337 10.64 -11.88 -11.24
N GLY A 338 11.54 -11.04 -11.76
CA GLY A 338 12.52 -10.39 -10.93
C GLY A 338 13.72 -11.24 -10.58
N LEU A 339 13.92 -12.36 -11.27
CA LEU A 339 14.99 -13.29 -10.96
C LEU A 339 15.99 -13.33 -12.11
N ASP A 340 17.27 -13.22 -11.78
CA ASP A 340 18.32 -13.43 -12.77
C ASP A 340 18.43 -14.92 -13.07
N SER A 341 19.13 -15.23 -14.16
CA SER A 341 19.10 -16.59 -14.71
C SER A 341 19.47 -17.63 -13.66
N ALA A 342 20.46 -17.35 -12.82
CA ALA A 342 20.86 -18.31 -11.80
C ALA A 342 19.69 -18.61 -10.86
N THR A 343 19.04 -17.56 -10.36
CA THR A 343 17.96 -17.74 -9.42
C THR A 343 16.72 -18.35 -10.06
N ALA A 344 16.42 -17.96 -11.31
CA ALA A 344 15.30 -18.57 -12.02
C ALA A 344 15.54 -20.05 -12.24
N LEU A 345 16.76 -20.43 -12.59
CA LEU A 345 17.11 -21.84 -12.73
C LEU A 345 16.99 -22.56 -11.39
N GLU A 346 17.36 -21.91 -10.29
CA GLU A 346 17.18 -22.53 -8.99
C GLU A 346 15.70 -22.79 -8.73
N PHE A 347 14.84 -21.84 -9.08
CA PHE A 347 13.41 -22.02 -8.89
C PHE A 347 12.88 -23.19 -9.72
N ILE A 348 13.26 -23.25 -11.00
CA ILE A 348 12.81 -24.35 -11.85
C ILE A 348 13.36 -25.67 -11.32
N ARG A 349 14.56 -25.65 -10.77
CA ARG A 349 15.13 -26.87 -10.22
C ARG A 349 14.37 -27.32 -8.98
N ALA A 350 13.90 -26.38 -8.17
CA ALA A 350 13.06 -26.74 -7.03
C ALA A 350 11.74 -27.35 -7.50
N LEU A 351 11.14 -26.79 -8.56
CA LEU A 351 9.96 -27.43 -9.14
C LEU A 351 10.25 -28.84 -9.63
N LYS A 352 11.39 -29.05 -10.29
CA LYS A 352 11.73 -30.39 -10.75
C LYS A 352 11.93 -31.35 -9.57
N THR A 353 12.58 -30.88 -8.51
CA THR A 353 12.75 -31.68 -7.31
C THR A 353 11.40 -32.08 -6.73
N GLN A 354 10.48 -31.12 -6.64
CA GLN A 354 9.15 -31.44 -6.15
C GLN A 354 8.45 -32.42 -7.08
N ALA A 355 8.63 -32.26 -8.39
CA ALA A 355 7.96 -33.13 -9.34
C ALA A 355 8.40 -34.57 -9.17
N ASP A 356 9.68 -34.81 -8.98
CA ASP A 356 10.16 -36.19 -8.87
C ASP A 356 10.18 -36.70 -7.44
N ILE A 357 9.93 -35.86 -6.44
CA ILE A 357 9.80 -36.34 -5.08
C ILE A 357 8.34 -36.62 -4.71
N SER A 358 7.40 -35.91 -5.33
CA SER A 358 6.00 -35.98 -4.94
C SER A 358 5.07 -36.29 -6.10
N ASN A 359 5.56 -36.37 -7.33
CA ASN A 359 4.73 -36.63 -8.50
C ASN A 359 3.68 -35.54 -8.68
N THR A 360 4.12 -34.29 -8.65
CA THR A 360 3.24 -33.15 -8.89
C THR A 360 3.52 -32.60 -10.28
N SER A 361 2.51 -32.61 -11.14
CA SER A 361 2.62 -31.98 -12.45
C SER A 361 2.54 -30.47 -12.28
N ALA A 362 3.58 -29.77 -12.73
CA ALA A 362 3.69 -28.32 -12.52
C ALA A 362 3.87 -27.63 -13.86
N THR A 363 2.98 -26.70 -14.15
CA THR A 363 3.04 -25.84 -15.32
C THR A 363 3.62 -24.49 -14.92
N VAL A 364 4.38 -23.88 -15.82
CA VAL A 364 4.95 -22.56 -15.56
C VAL A 364 4.86 -21.71 -16.81
N ALA A 365 4.61 -20.41 -16.61
CA ALA A 365 4.73 -19.41 -17.66
C ALA A 365 5.87 -18.48 -17.28
N ILE A 366 6.83 -18.31 -18.18
CA ILE A 366 8.08 -17.64 -17.87
C ILE A 366 8.59 -16.89 -19.09
N TYR A 367 9.51 -15.95 -18.85
CA TYR A 367 10.11 -15.13 -19.89
C TYR A 367 11.61 -15.35 -19.91
N GLN A 368 12.19 -15.27 -21.11
CA GLN A 368 13.63 -15.41 -21.28
C GLN A 368 14.16 -16.65 -20.58
N CYS A 369 13.47 -17.77 -20.80
CA CYS A 369 13.89 -19.03 -20.20
C CYS A 369 15.31 -19.38 -20.63
N SER A 370 16.19 -19.57 -19.66
CA SER A 370 17.54 -19.99 -19.97
C SER A 370 17.54 -21.39 -20.55
N GLN A 371 18.53 -21.68 -21.39
CA GLN A 371 18.61 -23.01 -21.97
C GLN A 371 18.84 -24.06 -20.89
N ASP A 372 19.65 -23.74 -19.90
CA ASP A 372 19.88 -24.66 -18.80
C ASP A 372 18.59 -24.88 -18.00
N ALA A 373 17.76 -23.84 -17.88
CA ALA A 373 16.46 -24.00 -17.26
C ALA A 373 15.47 -24.68 -18.20
N TYR A 374 15.58 -24.40 -19.50
CA TYR A 374 14.67 -25.02 -20.46
C TYR A 374 14.85 -26.53 -20.48
N ASP A 375 16.08 -27.01 -20.32
CA ASP A 375 16.33 -28.44 -20.40
C ASP A 375 15.51 -29.21 -19.37
N LEU A 376 15.28 -28.63 -18.19
CA LEU A 376 14.57 -29.32 -17.13
C LEU A 376 13.13 -29.64 -17.49
N PHE A 377 12.57 -29.02 -18.53
CA PHE A 377 11.15 -29.10 -18.79
C PHE A 377 10.81 -30.31 -19.65
N ASN A 378 9.85 -31.10 -19.18
CA ASN A 378 9.41 -32.26 -19.95
C ASN A 378 8.66 -31.82 -21.20
N LYS A 379 7.72 -30.90 -21.07
CA LYS A 379 6.82 -30.55 -22.16
C LYS A 379 6.73 -29.04 -22.33
N VAL A 380 6.46 -28.63 -23.58
CA VAL A 380 6.34 -27.23 -23.93
C VAL A 380 5.02 -27.00 -24.64
N CYS A 381 4.28 -26.00 -24.19
CA CYS A 381 3.14 -25.46 -24.92
C CYS A 381 3.53 -24.09 -25.45
N VAL A 382 3.25 -23.83 -26.72
CA VAL A 382 3.61 -22.58 -27.36
C VAL A 382 2.32 -21.91 -27.81
N LEU A 383 2.11 -20.67 -27.37
CA LEU A 383 0.90 -19.92 -27.68
C LEU A 383 1.25 -18.71 -28.52
N ASP A 384 0.27 -18.28 -29.31
CA ASP A 384 0.40 -17.08 -30.14
C ASP A 384 -1.00 -16.51 -30.33
N ASP A 385 -1.29 -15.41 -29.66
CA ASP A 385 -2.58 -14.75 -29.80
C ASP A 385 -3.73 -15.73 -29.53
N GLY A 386 -3.56 -16.54 -28.48
CA GLY A 386 -4.58 -17.50 -28.11
C GLY A 386 -4.62 -18.75 -28.95
N TYR A 387 -3.68 -18.92 -29.88
CA TYR A 387 -3.60 -20.12 -30.69
C TYR A 387 -2.48 -21.01 -30.15
N GLN A 388 -2.70 -22.32 -30.19
CA GLN A 388 -1.68 -23.27 -29.80
C GLN A 388 -0.91 -23.71 -31.04
N ILE A 389 0.37 -23.35 -31.10
CA ILE A 389 1.20 -23.71 -32.23
C ILE A 389 1.93 -25.03 -32.01
N TYR A 390 2.14 -25.44 -30.76
CA TYR A 390 2.87 -26.66 -30.48
C TYR A 390 2.56 -27.11 -29.07
N TYR A 391 2.41 -28.41 -28.88
CA TYR A 391 2.39 -29.02 -27.56
C TYR A 391 3.04 -30.38 -27.66
N GLY A 392 4.12 -30.59 -26.93
CA GLY A 392 4.82 -31.84 -26.95
C GLY A 392 6.09 -31.79 -26.14
N PRO A 393 6.94 -32.80 -26.28
CA PRO A 393 8.20 -32.81 -25.54
C PRO A 393 9.03 -31.58 -25.85
N ALA A 394 9.74 -31.10 -24.84
CA ALA A 394 10.54 -29.89 -25.00
C ALA A 394 11.66 -30.07 -26.00
N ASP A 395 12.20 -31.29 -26.11
CA ASP A 395 13.35 -31.53 -26.98
C ASP A 395 12.97 -31.69 -28.44
N LYS A 396 11.67 -31.74 -28.76
CA LYS A 396 11.23 -31.87 -30.14
C LYS A 396 10.67 -30.57 -30.71
N ALA A 397 10.49 -29.54 -29.88
CA ALA A 397 9.89 -28.31 -30.37
C ALA A 397 10.80 -27.59 -31.35
N LYS A 398 12.09 -27.52 -31.04
CA LYS A 398 13.03 -26.86 -31.94
C LYS A 398 13.02 -27.53 -33.31
N LYS A 399 13.07 -28.86 -33.33
CA LYS A 399 13.06 -29.57 -34.60
C LYS A 399 11.73 -29.41 -35.31
N TYR A 400 10.63 -29.42 -34.57
CA TYR A 400 9.32 -29.24 -35.20
C TYR A 400 9.25 -27.90 -35.92
N PHE A 401 9.71 -26.85 -35.27
CA PHE A 401 9.68 -25.53 -35.90
C PHE A 401 10.74 -25.38 -36.97
N GLU A 402 11.82 -26.16 -36.92
CA GLU A 402 12.79 -26.13 -37.99
C GLU A 402 12.26 -26.84 -39.24
N ASP A 403 11.46 -27.90 -39.07
CA ASP A 403 10.78 -28.50 -40.20
C ASP A 403 9.73 -27.55 -40.77
N MET A 404 9.02 -26.84 -39.89
CA MET A 404 8.01 -25.90 -40.35
C MET A 404 8.59 -24.85 -41.29
N GLY A 405 9.87 -24.50 -41.10
CA GLY A 405 10.53 -23.60 -42.02
C GLY A 405 11.16 -22.38 -41.39
N TYR A 406 11.44 -22.43 -40.10
CA TYR A 406 12.15 -21.36 -39.40
C TYR A 406 13.49 -21.89 -38.92
N VAL A 407 14.55 -21.14 -39.18
CA VAL A 407 15.91 -21.59 -38.87
C VAL A 407 16.37 -20.90 -37.60
N CYS A 408 16.99 -21.66 -36.71
CA CYS A 408 17.47 -21.13 -35.44
C CYS A 408 18.88 -20.61 -35.61
N PRO A 409 19.15 -19.33 -35.37
CA PRO A 409 20.53 -18.86 -35.35
C PRO A 409 21.34 -19.62 -34.30
N SER A 410 22.60 -19.86 -34.61
CA SER A 410 23.40 -20.82 -33.85
C SER A 410 23.34 -20.54 -32.35
N ARG A 411 23.38 -19.28 -31.96
CA ARG A 411 23.55 -18.91 -30.56
C ARG A 411 22.23 -18.60 -29.86
N GLN A 412 21.11 -19.12 -30.35
CA GLN A 412 19.80 -18.85 -29.78
C GLN A 412 19.32 -20.04 -28.98
N THR A 413 18.94 -19.80 -27.73
CA THR A 413 18.34 -20.84 -26.91
C THR A 413 16.98 -21.23 -27.47
N THR A 414 16.65 -22.52 -27.37
CA THR A 414 15.44 -23.00 -28.00
C THR A 414 14.19 -22.33 -27.44
N ALA A 415 14.19 -21.97 -26.16
CA ALA A 415 13.06 -21.22 -25.63
C ALA A 415 12.90 -19.90 -26.37
N ASP A 416 14.00 -19.18 -26.56
CA ASP A 416 13.95 -17.93 -27.31
C ASP A 416 13.57 -18.17 -28.76
N PHE A 417 14.05 -19.28 -29.35
CA PHE A 417 13.68 -19.59 -30.72
C PHE A 417 12.18 -19.80 -30.86
N LEU A 418 11.61 -20.60 -29.97
CA LEU A 418 10.16 -20.84 -30.02
C LEU A 418 9.39 -19.55 -29.82
N THR A 419 9.81 -18.71 -28.89
CA THR A 419 9.06 -17.50 -28.63
C THR A 419 9.23 -16.48 -29.76
N SER A 420 10.35 -16.52 -30.48
CA SER A 420 10.58 -15.56 -31.55
C SER A 420 9.94 -16.01 -32.85
N VAL A 421 9.72 -17.32 -33.02
CA VAL A 421 9.00 -17.80 -34.19
C VAL A 421 7.64 -17.14 -34.30
N THR A 422 7.13 -16.57 -33.20
CA THR A 422 5.88 -15.82 -33.19
C THR A 422 6.12 -14.32 -33.22
N SER A 423 7.16 -13.86 -33.94
CA SER A 423 7.52 -12.45 -34.00
C SER A 423 7.88 -12.10 -35.43
N PRO A 424 6.93 -11.57 -36.21
CA PRO A 424 7.19 -11.34 -37.65
C PRO A 424 8.56 -10.76 -37.98
N SER A 425 9.11 -9.93 -37.10
CA SER A 425 10.33 -9.19 -37.38
C SER A 425 11.58 -9.86 -36.82
N GLU A 426 11.47 -11.08 -36.26
CA GLU A 426 12.62 -11.79 -35.73
C GLU A 426 12.72 -13.22 -36.23
N ARG A 427 11.71 -13.73 -36.93
CA ARG A 427 11.75 -15.06 -37.49
C ARG A 427 12.75 -15.07 -38.64
N THR A 428 13.51 -16.15 -38.75
CA THR A 428 14.41 -16.37 -39.86
C THR A 428 13.84 -17.53 -40.68
N LEU A 429 12.98 -17.19 -41.64
CA LEU A 429 12.41 -18.22 -42.49
C LEU A 429 13.52 -18.93 -43.27
N ASN A 430 13.34 -20.23 -43.47
CA ASN A 430 14.32 -21.01 -44.19
C ASN A 430 14.29 -20.64 -45.67
N LYS A 431 15.47 -20.35 -46.23
CA LYS A 431 15.55 -19.99 -47.64
C LYS A 431 15.45 -21.21 -48.55
N ASP A 432 15.92 -22.36 -48.09
CA ASP A 432 15.85 -23.56 -48.92
C ASP A 432 14.41 -23.91 -49.25
N MET A 433 13.53 -23.88 -48.25
CA MET A 433 12.12 -24.11 -48.50
C MET A 433 11.46 -22.96 -49.25
N LEU A 434 12.05 -21.79 -49.23
CA LEU A 434 11.58 -20.70 -50.08
C LEU A 434 12.18 -20.77 -51.48
N LYS A 435 13.19 -21.62 -51.70
CA LYS A 435 13.67 -21.87 -53.06
C LYS A 435 12.74 -22.82 -53.79
N LYS A 436 12.33 -23.90 -53.13
CA LYS A 436 11.39 -24.84 -53.71
C LYS A 436 9.93 -24.41 -53.55
N GLY A 437 9.69 -23.25 -52.95
CA GLY A 437 8.34 -22.70 -52.94
C GLY A 437 7.32 -23.53 -52.20
N ILE A 438 7.65 -24.01 -51.01
CA ILE A 438 6.71 -24.73 -50.16
C ILE A 438 6.23 -23.78 -49.07
N HIS A 439 4.96 -23.93 -48.68
CA HIS A 439 4.32 -22.94 -47.81
C HIS A 439 4.83 -23.05 -46.38
N ILE A 440 5.03 -21.89 -45.75
CA ILE A 440 5.47 -21.81 -44.37
C ILE A 440 4.46 -20.94 -43.62
N PRO A 441 3.75 -21.46 -42.63
CA PRO A 441 2.81 -20.61 -41.89
C PRO A 441 3.53 -19.43 -41.27
N GLN A 442 2.90 -18.27 -41.33
CA GLN A 442 3.52 -17.04 -40.85
C GLN A 442 2.63 -16.32 -39.85
N THR A 443 1.36 -16.37 -40.06
CA THR A 443 0.44 -15.79 -39.11
C THR A 443 -0.01 -16.85 -38.10
N PRO A 444 -0.35 -16.47 -36.87
CA PRO A 444 -0.71 -17.49 -35.88
C PRO A 444 -1.83 -18.41 -36.32
N LYS A 445 -2.81 -17.90 -37.07
CA LYS A 445 -3.86 -18.76 -37.58
C LYS A 445 -3.29 -19.85 -38.47
N GLU A 446 -2.36 -19.49 -39.36
CA GLU A 446 -1.75 -20.48 -40.24
C GLU A 446 -0.90 -21.46 -39.46
N MET A 447 -0.21 -20.98 -38.42
CA MET A 447 0.60 -21.88 -37.60
C MET A 447 -0.27 -22.88 -36.87
N ASN A 448 -1.42 -22.46 -36.36
CA ASN A 448 -2.32 -23.42 -35.72
C ASN A 448 -2.91 -24.37 -36.74
N ASP A 449 -3.28 -23.88 -37.92
CA ASP A 449 -3.81 -24.77 -38.95
C ASP A 449 -2.76 -25.78 -39.39
N TYR A 450 -1.49 -25.41 -39.35
CA TYR A 450 -0.41 -26.34 -39.65
C TYR A 450 -0.24 -27.36 -38.54
N TRP A 451 -0.25 -26.89 -37.28
CA TRP A 451 -0.06 -27.82 -36.16
C TRP A 451 -1.17 -28.86 -36.12
N VAL A 452 -2.42 -28.42 -36.30
CA VAL A 452 -3.54 -29.36 -36.23
C VAL A 452 -3.38 -30.47 -37.26
N LYS A 453 -2.76 -30.16 -38.40
CA LYS A 453 -2.47 -31.18 -39.41
C LYS A 453 -1.19 -31.95 -39.10
N SER A 454 -0.35 -31.44 -38.20
CA SER A 454 0.93 -32.09 -37.93
C SER A 454 0.73 -33.55 -37.54
N PRO A 455 1.81 -34.34 -37.59
CA PRO A 455 1.75 -35.70 -37.02
C PRO A 455 1.92 -35.67 -35.52
N ASN A 456 2.65 -34.66 -35.03
CA ASN A 456 2.78 -34.48 -33.59
C ASN A 456 1.43 -34.22 -32.95
N TYR A 457 0.57 -33.46 -33.61
CA TYR A 457 -0.79 -33.27 -33.09
C TYR A 457 -1.55 -34.59 -33.07
N LYS A 458 -1.33 -35.45 -34.07
CA LYS A 458 -2.00 -36.74 -34.07
C LYS A 458 -1.55 -37.58 -32.89
N GLU A 459 -0.24 -37.59 -32.60
CA GLU A 459 0.25 -38.30 -31.43
C GLU A 459 -0.35 -37.72 -30.15
N LEU A 460 -0.35 -36.38 -30.03
CA LEU A 460 -0.87 -35.76 -28.83
C LEU A 460 -2.33 -36.10 -28.61
N MET A 461 -3.13 -36.12 -29.69
CA MET A 461 -4.53 -36.45 -29.54
C MET A 461 -4.72 -37.93 -29.25
N LYS A 462 -3.88 -38.79 -29.83
CA LYS A 462 -3.99 -40.21 -29.49
C LYS A 462 -3.66 -40.45 -28.03
N GLU A 463 -2.89 -39.56 -27.42
CA GLU A 463 -2.69 -39.65 -25.97
C GLU A 463 -3.83 -39.01 -25.18
N VAL A 464 -4.28 -37.83 -25.59
CA VAL A 464 -5.33 -37.12 -24.84
C VAL A 464 -6.63 -37.91 -24.87
N ASP A 465 -6.93 -38.58 -25.97
CA ASP A 465 -8.16 -39.37 -26.05
C ASP A 465 -8.11 -40.53 -25.09
N GLN A 466 -7.05 -41.33 -25.14
CA GLN A 466 -6.91 -42.41 -24.16
C GLN A 466 -6.99 -41.86 -22.75
N ARG A 467 -6.47 -40.66 -22.52
CA ARG A 467 -6.47 -40.12 -21.17
C ARG A 467 -7.88 -39.76 -20.73
N LEU A 468 -8.69 -39.23 -21.64
CA LEU A 468 -10.04 -38.81 -21.30
C LEU A 468 -11.04 -39.97 -21.22
N LEU A 469 -10.89 -40.99 -22.06
CA LEU A 469 -11.87 -42.08 -22.02
C LEU A 469 -11.79 -42.88 -20.72
N ASN A 470 -10.58 -43.24 -20.28
CA ASN A 470 -10.45 -44.05 -19.08
C ASN A 470 -10.19 -43.19 -17.85
N PRO A 496 -12.35 -31.92 4.09
CA PRO A 496 -11.77 -30.81 3.33
C PRO A 496 -10.43 -30.36 3.90
N TYR A 497 -10.33 -30.31 5.23
CA TYR A 497 -9.13 -29.85 5.93
C TYR A 497 -8.58 -30.97 6.80
N THR A 498 -7.25 -30.98 6.93
CA THR A 498 -6.59 -32.05 7.67
C THR A 498 -6.86 -31.96 9.17
N VAL A 499 -6.94 -30.75 9.71
CA VAL A 499 -7.10 -30.55 11.15
C VAL A 499 -8.42 -29.87 11.42
N SER A 500 -8.99 -30.15 12.59
CA SER A 500 -10.29 -29.61 12.96
C SER A 500 -10.22 -28.08 13.05
N TYR A 501 -11.40 -27.47 13.20
CA TYR A 501 -11.47 -26.02 13.24
C TYR A 501 -10.70 -25.46 14.43
N MET A 502 -10.82 -26.10 15.59
CA MET A 502 -10.14 -25.61 16.78
C MET A 502 -8.63 -25.65 16.61
N MET A 503 -8.12 -26.72 16.02
CA MET A 503 -6.68 -26.80 15.78
C MET A 503 -6.24 -25.73 14.78
N GLN A 504 -7.03 -25.49 13.74
CA GLN A 504 -6.69 -24.40 12.82
C GLN A 504 -6.60 -23.08 13.56
N VAL A 505 -7.57 -22.81 14.43
CA VAL A 505 -7.56 -21.56 15.18
C VAL A 505 -6.32 -21.49 16.07
N LYS A 506 -6.00 -22.60 16.74
CA LYS A 506 -4.84 -22.63 17.63
C LYS A 506 -3.54 -22.34 16.87
N TYR A 507 -3.36 -22.99 15.73
CA TYR A 507 -2.11 -22.82 14.99
C TYR A 507 -2.01 -21.44 14.38
N LEU A 508 -3.11 -20.91 13.86
CA LEU A 508 -3.07 -19.57 13.31
C LEU A 508 -2.90 -18.53 14.40
N LEU A 509 -3.41 -18.80 15.60
CA LEU A 509 -3.16 -17.90 16.73
C LEU A 509 -1.69 -17.91 17.11
N ILE A 510 -1.07 -19.08 17.16
CA ILE A 510 0.37 -19.14 17.42
C ILE A 510 1.12 -18.36 16.35
N ARG A 511 0.72 -18.50 15.09
CA ARG A 511 1.36 -17.74 14.02
C ARG A 511 1.19 -16.24 14.22
N ASN A 512 0.01 -15.81 14.66
CA ASN A 512 -0.21 -14.38 14.89
C ASN A 512 0.67 -13.85 16.01
N MET A 513 0.81 -14.63 17.09
CA MET A 513 1.75 -14.23 18.13
C MET A 513 3.17 -14.16 17.62
N TRP A 514 3.55 -15.09 16.74
CA TRP A 514 4.88 -15.02 16.14
C TRP A 514 5.04 -13.74 15.33
N ARG A 515 4.01 -13.35 14.58
CA ARG A 515 4.05 -12.07 13.89
C ARG A 515 4.28 -10.94 14.88
N LEU A 516 3.55 -10.96 15.99
CA LEU A 516 3.64 -9.86 16.94
C LEU A 516 5.05 -9.75 17.50
N ARG A 517 5.61 -10.85 18.02
CA ARG A 517 6.95 -10.75 18.57
C ARG A 517 8.08 -10.68 17.54
N ASN A 518 7.80 -10.89 16.26
CA ASN A 518 8.77 -10.60 15.23
C ASN A 518 8.71 -9.15 14.76
N ASN A 519 7.62 -8.46 15.03
CA ASN A 519 7.46 -7.04 14.73
C ASN A 519 6.93 -6.32 15.96
N ILE A 520 7.58 -6.57 17.10
CA ILE A 520 7.08 -6.07 18.37
C ILE A 520 7.03 -4.55 18.39
N GLY A 521 7.89 -3.90 17.61
CA GLY A 521 8.01 -2.45 17.72
C GLY A 521 6.69 -1.74 17.56
N PHE A 522 5.87 -2.16 16.59
CA PHE A 522 4.55 -1.56 16.43
C PHE A 522 3.70 -1.77 17.67
N THR A 523 3.75 -2.97 18.25
CA THR A 523 2.94 -3.25 19.44
C THR A 523 3.34 -2.36 20.60
N LEU A 524 4.65 -2.25 20.85
CA LEU A 524 5.12 -1.38 21.92
C LEU A 524 4.74 0.07 21.64
N PHE A 525 4.80 0.48 20.37
CA PHE A 525 4.33 1.81 20.01
C PHE A 525 2.90 2.00 20.46
N MET A 526 2.02 1.06 20.10
CA MET A 526 0.62 1.17 20.50
C MET A 526 0.49 1.31 22.01
N ILE A 527 1.11 0.39 22.75
CA ILE A 527 0.95 0.36 24.20
C ILE A 527 1.42 1.68 24.80
N LEU A 528 2.63 2.10 24.44
CA LEU A 528 3.22 3.26 25.09
C LEU A 528 2.54 4.55 24.66
N GLY A 529 2.11 4.64 23.40
CA GLY A 529 1.39 5.81 22.96
C GLY A 529 0.06 5.96 23.68
N ASN A 530 -0.69 4.86 23.80
CA ASN A 530 -1.94 4.93 24.55
C ASN A 530 -1.69 5.31 26.01
N CYS A 531 -0.67 4.71 26.63
CA CYS A 531 -0.41 5.00 28.04
C CYS A 531 0.04 6.44 28.24
N SER A 532 0.83 6.97 27.32
CA SER A 532 1.33 8.35 27.46
C SER A 532 0.23 9.36 27.18
N MET A 533 -0.65 9.08 26.22
CA MET A 533 -1.83 9.92 26.04
C MET A 533 -2.71 9.87 27.29
N ALA A 534 -2.82 8.69 27.89
CA ALA A 534 -3.51 8.58 29.17
C ALA A 534 -2.90 9.54 30.18
N LEU A 535 -1.58 9.46 30.35
CA LEU A 535 -0.92 10.29 31.35
C LEU A 535 -1.17 11.77 31.08
N ILE A 536 -1.00 12.20 29.82
CA ILE A 536 -1.12 13.61 29.49
C ILE A 536 -2.56 14.09 29.73
N LEU A 537 -3.51 13.43 29.07
CA LEU A 537 -4.90 13.87 29.14
C LEU A 537 -5.45 13.77 30.56
N GLY A 538 -5.10 12.73 31.29
CA GLY A 538 -5.52 12.63 32.68
C GLY A 538 -4.91 13.72 33.54
N SER A 539 -3.62 14.03 33.32
CA SER A 539 -3.00 15.13 34.05
C SER A 539 -3.77 16.42 33.79
N MET A 540 -4.28 16.60 32.57
CA MET A 540 -5.10 17.76 32.29
C MET A 540 -6.31 17.84 33.21
N PHE A 541 -6.79 16.69 33.70
CA PHE A 541 -7.94 16.63 34.60
C PHE A 541 -7.54 16.56 36.06
N PHE A 542 -6.25 16.74 36.38
CA PHE A 542 -5.77 16.47 37.72
C PHE A 542 -6.28 17.52 38.72
N LYS A 543 -6.16 18.80 38.36
CA LYS A 543 -6.38 19.86 39.34
C LYS A 543 -7.85 20.07 39.70
N ILE A 544 -8.77 19.64 38.85
CA ILE A 544 -10.16 20.06 39.01
C ILE A 544 -10.99 19.05 39.79
N MET A 545 -10.62 17.77 39.75
CA MET A 545 -11.41 16.73 40.39
C MET A 545 -11.10 16.57 41.88
N LYS A 546 -10.05 17.22 42.38
CA LYS A 546 -9.70 17.05 43.79
C LYS A 546 -10.80 17.54 44.70
N LYS A 547 -11.39 18.70 44.40
CA LYS A 547 -12.37 19.29 45.30
C LYS A 547 -13.61 18.42 45.44
N GLY A 548 -14.08 17.83 44.34
CA GLY A 548 -15.24 16.96 44.41
C GLY A 548 -16.56 17.66 44.56
N ASP A 549 -16.60 18.98 44.39
CA ASP A 549 -17.82 19.75 44.57
C ASP A 549 -18.73 19.55 43.36
N THR A 550 -19.84 20.29 43.33
CA THR A 550 -20.71 20.31 42.17
C THR A 550 -20.13 21.11 41.01
N SER A 551 -19.02 21.80 41.24
CA SER A 551 -18.35 22.51 40.16
C SER A 551 -17.63 21.58 39.21
N THR A 552 -17.51 20.30 39.55
CA THR A 552 -16.77 19.33 38.75
C THR A 552 -17.67 18.42 37.93
N PHE A 553 -18.97 18.70 37.84
CA PHE A 553 -19.87 17.78 37.18
C PHE A 553 -19.63 17.72 35.67
N TYR A 554 -19.49 18.88 35.03
CA TYR A 554 -19.22 18.88 33.61
C TYR A 554 -17.88 18.23 33.31
N PHE A 555 -16.89 18.45 34.17
CA PHE A 555 -15.59 17.85 33.95
C PHE A 555 -15.61 16.34 34.19
N ARG A 556 -16.45 15.88 35.11
CA ARG A 556 -16.65 14.43 35.26
C ARG A 556 -17.26 13.85 34.00
N GLY A 557 -18.28 14.51 33.46
CA GLY A 557 -18.85 14.06 32.21
C GLY A 557 -17.82 14.00 31.10
N SER A 558 -17.02 15.05 30.96
CA SER A 558 -16.05 15.09 29.86
C SER A 558 -14.91 14.11 30.07
N ALA A 559 -14.49 13.90 31.31
CA ALA A 559 -13.46 12.92 31.59
C ALA A 559 -13.95 11.50 31.30
N MET A 560 -15.20 11.19 31.66
CA MET A 560 -15.73 9.88 31.34
C MET A 560 -15.90 9.71 29.84
N PHE A 561 -16.26 10.79 29.15
CA PHE A 561 -16.30 10.78 27.69
C PHE A 561 -14.94 10.41 27.12
N PHE A 562 -13.89 11.06 27.61
CA PHE A 562 -12.54 10.76 27.14
C PHE A 562 -12.18 9.31 27.41
N ALA A 563 -12.46 8.85 28.64
CA ALA A 563 -12.14 7.48 28.99
C ALA A 563 -12.79 6.51 28.01
N ILE A 564 -14.09 6.65 27.78
CA ILE A 564 -14.79 5.66 26.97
C ILE A 564 -14.35 5.76 25.53
N LEU A 565 -14.18 6.98 25.00
CA LEU A 565 -13.76 7.11 23.61
C LEU A 565 -12.38 6.49 23.39
N PHE A 566 -11.43 6.79 24.29
CA PHE A 566 -10.09 6.27 24.11
C PHE A 566 -10.06 4.75 24.24
N ASN A 567 -10.76 4.22 25.24
CA ASN A 567 -10.82 2.76 25.34
C ASN A 567 -11.46 2.14 24.10
N ALA A 568 -12.54 2.75 23.61
CA ALA A 568 -13.24 2.21 22.46
C ALA A 568 -12.37 2.19 21.21
N PHE A 569 -11.64 3.27 20.97
CA PHE A 569 -10.93 3.45 19.71
C PHE A 569 -9.44 3.15 19.81
N SER A 570 -8.97 2.62 20.96
CA SER A 570 -7.57 2.22 21.05
C SER A 570 -7.25 1.06 20.13
N SER A 571 -8.16 0.09 19.99
CA SER A 571 -7.87 -1.15 19.28
C SER A 571 -7.79 -0.99 17.76
N LEU A 572 -8.05 0.20 17.23
CA LEU A 572 -8.27 0.35 15.79
C LEU A 572 -7.01 0.17 14.95
N LEU A 573 -5.82 0.07 15.56
CA LEU A 573 -4.61 -0.09 14.75
C LEU A 573 -4.44 -1.50 14.20
N GLU A 574 -5.25 -2.47 14.64
CA GLU A 574 -5.13 -3.84 14.17
C GLU A 574 -5.71 -4.06 12.78
N ILE A 575 -6.45 -3.08 12.25
CA ILE A 575 -6.94 -3.22 10.88
C ILE A 575 -5.76 -3.27 9.91
N PHE A 576 -4.63 -2.66 10.29
CA PHE A 576 -3.42 -2.78 9.49
C PHE A 576 -3.00 -4.24 9.37
N SER A 577 -2.97 -4.96 10.49
CA SER A 577 -2.62 -6.38 10.43
C SER A 577 -3.67 -7.16 9.65
N LEU A 578 -4.94 -6.79 9.78
CA LEU A 578 -5.98 -7.43 8.98
C LEU A 578 -5.66 -7.33 7.49
N TYR A 579 -5.40 -6.11 7.00
CA TYR A 579 -5.12 -5.92 5.59
C TYR A 579 -3.79 -6.55 5.19
N GLU A 580 -2.85 -6.62 6.13
CA GLU A 580 -1.55 -7.24 5.84
C GLU A 580 -1.69 -8.74 5.67
N ALA A 581 -2.62 -9.36 6.39
CA ALA A 581 -2.77 -10.80 6.35
C ALA A 581 -3.81 -11.27 5.34
N ARG A 582 -4.64 -10.37 4.81
CA ARG A 582 -5.66 -10.81 3.86
C ARG A 582 -5.10 -11.56 2.66
N PRO A 583 -4.05 -11.09 1.97
CA PRO A 583 -3.55 -11.84 0.81
C PRO A 583 -3.11 -13.25 1.16
N ILE A 584 -2.44 -13.40 2.31
CA ILE A 584 -1.99 -14.72 2.74
C ILE A 584 -3.18 -15.59 3.11
N THR A 585 -4.21 -15.00 3.71
CA THR A 585 -5.42 -15.77 4.01
C THR A 585 -6.07 -16.26 2.72
N GLU A 586 -6.12 -15.41 1.70
CA GLU A 586 -6.69 -15.82 0.43
C GLU A 586 -5.88 -16.94 -0.20
N LYS A 587 -4.56 -16.81 -0.19
CA LYS A 587 -3.71 -17.87 -0.73
C LYS A 587 -3.95 -19.18 0.00
N HIS A 588 -3.88 -19.17 1.33
CA HIS A 588 -4.09 -20.38 2.10
C HIS A 588 -5.52 -20.89 1.97
N ARG A 589 -6.46 -20.05 1.56
CA ARG A 589 -7.79 -20.54 1.24
C ARG A 589 -7.79 -21.32 -0.07
N THR A 590 -7.12 -20.78 -1.10
CA THR A 590 -7.03 -21.52 -2.35
C THR A 590 -6.32 -22.86 -2.15
N TYR A 591 -5.60 -23.00 -1.04
CA TYR A 591 -5.18 -24.29 -0.56
C TYR A 591 -6.28 -24.75 0.40
N SER A 592 -6.67 -26.01 0.33
CA SER A 592 -7.63 -26.47 1.33
C SER A 592 -6.90 -26.61 2.65
N LEU A 593 -6.45 -25.48 3.20
CA LEU A 593 -5.56 -25.45 4.35
C LEU A 593 -6.29 -25.14 5.65
N TYR A 594 -7.22 -24.19 5.64
CA TYR A 594 -8.03 -23.92 6.82
C TYR A 594 -9.22 -23.08 6.41
N HIS A 595 -10.23 -23.05 7.27
CA HIS A 595 -11.33 -22.12 7.09
C HIS A 595 -10.80 -20.70 7.23
N PRO A 596 -11.14 -19.78 6.33
CA PRO A 596 -10.78 -18.38 6.57
C PRO A 596 -11.40 -17.84 7.85
N SER A 597 -12.52 -18.42 8.28
CA SER A 597 -13.06 -18.11 9.59
C SER A 597 -12.07 -18.42 10.69
N ALA A 598 -11.30 -19.50 10.52
CA ALA A 598 -10.28 -19.81 11.52
C ALA A 598 -9.25 -18.68 11.61
N ASP A 599 -8.83 -18.15 10.46
CA ASP A 599 -7.88 -17.04 10.49
C ASP A 599 -8.49 -15.81 11.12
N ALA A 600 -9.76 -15.52 10.82
CA ALA A 600 -10.42 -14.38 11.42
C ALA A 600 -10.50 -14.52 12.94
N PHE A 601 -10.92 -15.69 13.40
CA PHE A 601 -11.05 -15.93 14.83
C PHE A 601 -9.70 -15.85 15.53
N ALA A 602 -8.66 -16.44 14.91
CA ALA A 602 -7.33 -16.38 15.50
C ALA A 602 -6.77 -14.96 15.51
N SER A 603 -7.10 -14.16 14.49
CA SER A 603 -6.66 -12.77 14.49
C SER A 603 -7.39 -11.95 15.53
N VAL A 604 -8.64 -12.31 15.84
CA VAL A 604 -9.33 -11.69 16.95
C VAL A 604 -8.67 -12.07 18.27
N LEU A 605 -8.33 -13.35 18.42
CA LEU A 605 -7.79 -13.83 19.69
C LEU A 605 -6.38 -13.30 19.94
N SER A 606 -5.57 -13.16 18.89
CA SER A 606 -4.19 -12.74 19.07
C SER A 606 -4.08 -11.29 19.54
N GLU A 607 -5.15 -10.50 19.39
CA GLU A 607 -5.12 -9.11 19.83
C GLU A 607 -5.67 -8.91 21.23
N ILE A 608 -6.18 -9.98 21.86
CA ILE A 608 -6.67 -9.84 23.23
C ILE A 608 -5.58 -9.40 24.19
N PRO A 609 -4.39 -10.00 24.18
CA PRO A 609 -3.37 -9.57 25.16
C PRO A 609 -3.04 -8.08 25.06
N SER A 610 -2.90 -7.56 23.84
CA SER A 610 -2.65 -6.12 23.68
C SER A 610 -3.80 -5.29 24.22
N LYS A 611 -5.03 -5.69 23.88
CA LYS A 611 -6.20 -4.95 24.34
C LYS A 611 -6.25 -4.93 25.87
N LEU A 612 -5.93 -6.04 26.51
CA LEU A 612 -6.00 -6.09 27.96
C LEU A 612 -4.86 -5.29 28.60
N ILE A 613 -3.67 -5.36 28.03
CA ILE A 613 -2.57 -4.55 28.55
C ILE A 613 -2.93 -3.07 28.47
N ILE A 614 -3.51 -2.64 27.33
CA ILE A 614 -3.90 -1.24 27.20
C ILE A 614 -5.01 -0.90 28.19
N ALA A 615 -6.07 -1.71 28.22
CA ALA A 615 -7.21 -1.39 29.07
C ALA A 615 -6.86 -1.47 30.54
N VAL A 616 -5.74 -2.08 30.90
CA VAL A 616 -5.26 -2.04 32.27
C VAL A 616 -4.39 -0.82 32.52
N CYS A 617 -3.35 -0.63 31.72
CA CYS A 617 -2.41 0.46 31.99
C CYS A 617 -3.07 1.82 31.82
N PHE A 618 -3.70 2.05 30.66
CA PHE A 618 -4.36 3.33 30.42
C PHE A 618 -5.39 3.61 31.50
N ASN A 619 -6.25 2.63 31.78
CA ASN A 619 -7.35 2.85 32.70
C ASN A 619 -6.84 3.10 34.11
N ILE A 620 -5.83 2.35 34.56
CA ILE A 620 -5.29 2.59 35.89
C ILE A 620 -4.74 4.01 35.99
N ILE A 621 -3.92 4.40 35.02
CA ILE A 621 -3.36 5.76 35.05
C ILE A 621 -4.46 6.80 35.06
N PHE A 622 -5.42 6.67 34.14
CA PHE A 622 -6.43 7.72 33.96
C PHE A 622 -7.37 7.78 35.16
N TYR A 623 -7.85 6.62 35.61
CA TYR A 623 -8.76 6.58 36.75
C TYR A 623 -8.09 7.12 38.00
N PHE A 624 -6.82 6.78 38.22
CA PHE A 624 -6.10 7.33 39.37
C PHE A 624 -6.00 8.84 39.26
N LEU A 625 -5.54 9.35 38.11
CA LEU A 625 -5.27 10.78 37.99
C LEU A 625 -6.56 11.59 37.97
N VAL A 626 -7.55 11.17 37.17
CA VAL A 626 -8.81 11.89 37.09
C VAL A 626 -9.59 11.85 38.40
N ASP A 627 -9.25 10.93 39.29
CA ASP A 627 -9.87 10.87 40.62
C ASP A 627 -11.38 10.64 40.52
N PHE A 628 -11.77 9.55 39.87
CA PHE A 628 -13.13 9.07 39.97
C PHE A 628 -13.31 8.39 41.33
N ARG A 629 -14.48 7.79 41.53
CA ARG A 629 -14.77 7.16 42.82
C ARG A 629 -13.69 6.13 43.16
N ARG A 630 -13.27 6.12 44.42
CA ARG A 630 -12.16 5.28 44.85
C ARG A 630 -12.58 3.88 45.28
N ASN A 631 -13.88 3.57 45.32
CA ASN A 631 -14.30 2.23 45.64
C ASN A 631 -13.70 1.26 44.64
N GLY A 632 -13.23 0.10 45.13
CA GLY A 632 -12.69 -0.90 44.23
C GLY A 632 -13.75 -1.49 43.33
N GLY A 633 -14.95 -1.72 43.86
CA GLY A 633 -16.01 -2.31 43.06
C GLY A 633 -16.40 -1.44 41.89
N VAL A 634 -16.58 -0.13 42.13
CA VAL A 634 -16.96 0.77 41.06
C VAL A 634 -15.84 0.88 40.04
N PHE A 635 -14.59 0.87 40.51
CA PHE A 635 -13.48 0.91 39.58
C PHE A 635 -13.49 -0.31 38.67
N PHE A 636 -13.75 -1.49 39.23
CA PHE A 636 -13.74 -2.69 38.40
C PHE A 636 -14.93 -2.72 37.47
N PHE A 637 -16.08 -2.19 37.88
CA PHE A 637 -17.18 -2.06 36.95
C PHE A 637 -16.83 -1.14 35.80
N TYR A 638 -16.15 -0.03 36.10
CA TYR A 638 -15.67 0.87 35.05
C TYR A 638 -14.72 0.13 34.11
N LEU A 639 -13.82 -0.67 34.68
CA LEU A 639 -12.87 -1.41 33.86
C LEU A 639 -13.58 -2.40 32.96
N LEU A 640 -14.59 -3.10 33.49
CA LEU A 640 -15.33 -4.06 32.68
C LEU A 640 -16.09 -3.36 31.56
N ILE A 641 -16.70 -2.22 31.86
CA ILE A 641 -17.42 -1.47 30.83
C ILE A 641 -16.46 -1.04 29.73
N ASN A 642 -15.26 -0.60 30.11
CA ASN A 642 -14.30 -0.16 29.10
C ASN A 642 -13.79 -1.33 28.27
N ILE A 643 -13.60 -2.49 28.89
CA ILE A 643 -13.20 -3.68 28.13
C ILE A 643 -14.28 -4.03 27.11
N VAL A 644 -15.53 -4.00 27.53
CA VAL A 644 -16.63 -4.28 26.61
C VAL A 644 -16.65 -3.25 25.49
N ALA A 645 -16.38 -1.99 25.81
CA ALA A 645 -16.36 -0.95 24.78
C ALA A 645 -15.30 -1.25 23.73
N VAL A 646 -14.09 -1.53 24.18
CA VAL A 646 -12.99 -1.75 23.23
C VAL A 646 -13.29 -2.96 22.36
N PHE A 647 -13.81 -4.05 22.95
CA PHE A 647 -14.08 -5.23 22.15
C PHE A 647 -15.21 -5.00 21.16
N SER A 648 -16.28 -4.33 21.60
CA SER A 648 -17.38 -4.04 20.69
C SER A 648 -16.92 -3.25 19.49
N MET A 649 -16.16 -2.18 19.74
CA MET A 649 -15.72 -1.34 18.63
C MET A 649 -14.70 -2.06 17.76
N SER A 650 -13.84 -2.88 18.37
CA SER A 650 -12.89 -3.65 17.59
C SER A 650 -13.61 -4.57 16.61
N HIS A 651 -14.64 -5.27 17.08
CA HIS A 651 -15.36 -6.18 16.19
C HIS A 651 -16.15 -5.42 15.13
N LEU A 652 -16.77 -4.30 15.51
CA LEU A 652 -17.51 -3.52 14.53
C LEU A 652 -16.60 -3.04 13.41
N PHE A 653 -15.42 -2.53 13.76
CA PHE A 653 -14.54 -2.01 12.73
C PHE A 653 -13.76 -3.10 12.01
N ARG A 654 -13.61 -4.28 12.61
CA ARG A 654 -13.15 -5.43 11.85
C ARG A 654 -14.16 -5.77 10.76
N CYS A 655 -15.44 -5.73 11.10
CA CYS A 655 -16.47 -5.95 10.08
C CYS A 655 -16.39 -4.89 8.99
N VAL A 656 -16.24 -3.62 9.39
CA VAL A 656 -16.19 -2.54 8.41
C VAL A 656 -14.98 -2.70 7.49
N GLY A 657 -13.82 -3.01 8.06
CA GLY A 657 -12.64 -3.20 7.24
C GLY A 657 -12.74 -4.42 6.35
N SER A 658 -13.44 -5.46 6.81
CA SER A 658 -13.58 -6.67 6.00
C SER A 658 -14.31 -6.38 4.70
N LEU A 659 -15.35 -5.56 4.75
CA LEU A 659 -16.11 -5.24 3.54
C LEU A 659 -15.30 -4.45 2.52
N THR A 660 -14.28 -3.72 2.96
CA THR A 660 -13.47 -2.89 2.07
C THR A 660 -12.26 -3.68 1.58
N LYS A 661 -11.67 -3.20 0.49
CA LYS A 661 -10.50 -3.82 -0.09
C LYS A 661 -9.20 -3.21 0.44
N THR A 662 -9.13 -1.89 0.49
CA THR A 662 -7.96 -1.19 0.99
C THR A 662 -8.39 -0.29 2.15
N LEU A 663 -7.42 0.06 2.99
CA LEU A 663 -7.72 0.95 4.11
C LEU A 663 -8.22 2.31 3.63
N SER A 664 -7.71 2.79 2.49
CA SER A 664 -8.19 4.06 1.95
C SER A 664 -9.68 4.01 1.64
N GLU A 665 -10.14 2.90 1.05
CA GLU A 665 -11.56 2.73 0.78
C GLU A 665 -12.40 2.60 2.04
N ALA A 666 -11.76 2.35 3.20
CA ALA A 666 -12.47 2.20 4.46
C ALA A 666 -12.41 3.46 5.31
N MET A 667 -11.50 4.38 5.02
CA MET A 667 -11.32 5.55 5.88
C MET A 667 -12.54 6.46 5.86
N VAL A 668 -13.32 6.45 4.78
CA VAL A 668 -14.51 7.29 4.69
C VAL A 668 -15.65 6.69 5.50
N PRO A 669 -16.12 5.47 5.20
CA PRO A 669 -17.18 4.88 6.02
C PRO A 669 -16.79 4.70 7.48
N ALA A 670 -15.53 4.33 7.73
CA ALA A 670 -15.06 4.22 9.09
C ALA A 670 -15.12 5.56 9.79
N SER A 671 -14.75 6.63 9.09
CA SER A 671 -14.83 7.96 9.69
C SER A 671 -16.28 8.34 9.98
N MET A 672 -17.20 7.99 9.08
CA MET A 672 -18.61 8.28 9.31
C MET A 672 -19.10 7.57 10.57
N LEU A 673 -18.79 6.28 10.69
CA LEU A 673 -19.19 5.55 11.89
C LEU A 673 -18.54 6.10 13.13
N LEU A 674 -17.26 6.46 13.04
CA LEU A 674 -16.56 7.01 14.20
C LEU A 674 -17.27 8.28 14.68
N LEU A 675 -17.62 9.16 13.75
CA LEU A 675 -18.30 10.38 14.13
C LEU A 675 -19.65 10.07 14.76
N ALA A 676 -20.44 9.21 14.13
CA ALA A 676 -21.75 8.89 14.68
C ALA A 676 -21.63 8.35 16.10
N LEU A 677 -20.78 7.34 16.30
CA LEU A 677 -20.65 6.70 17.59
C LEU A 677 -20.14 7.67 18.65
N SER A 678 -19.13 8.47 18.30
CA SER A 678 -18.58 9.40 19.28
C SER A 678 -19.58 10.49 19.64
N MET A 679 -20.31 11.01 18.67
CA MET A 679 -21.14 12.18 18.91
C MET A 679 -22.48 11.82 19.53
N TYR A 680 -22.98 10.60 19.32
CA TYR A 680 -24.21 10.17 19.97
C TYR A 680 -23.96 9.33 21.20
N THR A 681 -22.75 9.39 21.76
CA THR A 681 -22.40 8.63 22.95
C THR A 681 -23.13 9.13 24.19
N GLY A 682 -23.71 10.33 24.16
CA GLY A 682 -24.47 10.86 25.28
C GLY A 682 -23.85 12.04 25.98
N PHE A 683 -22.64 12.45 25.62
CA PHE A 683 -22.00 13.61 26.22
C PHE A 683 -22.07 14.84 25.32
N ALA A 684 -21.66 14.72 24.06
CA ALA A 684 -21.74 15.85 23.15
C ALA A 684 -23.16 16.37 23.04
N ILE A 685 -24.14 15.50 23.15
CA ILE A 685 -25.55 15.87 23.16
C ILE A 685 -26.27 14.93 24.11
N PRO A 686 -26.79 15.40 25.24
CA PRO A 686 -27.46 14.50 26.17
C PRO A 686 -28.67 13.84 25.54
N LYS A 687 -28.99 12.64 26.04
CA LYS A 687 -30.13 11.89 25.53
C LYS A 687 -31.41 12.71 25.58
N LYS A 688 -31.50 13.64 26.53
CA LYS A 688 -32.64 14.55 26.56
C LYS A 688 -32.71 15.39 25.30
N LYS A 689 -31.57 15.91 24.84
CA LYS A 689 -31.53 16.92 23.79
C LYS A 689 -31.57 16.33 22.39
N ILE A 690 -31.39 15.02 22.23
CA ILE A 690 -31.36 14.44 20.89
C ILE A 690 -32.71 14.61 20.23
N LEU A 691 -32.71 14.84 18.93
CA LEU A 691 -33.91 15.15 18.17
C LEU A 691 -34.60 13.88 17.72
N ARG A 692 -35.87 14.01 17.37
CA ARG A 692 -36.66 12.83 17.01
C ARG A 692 -36.12 12.14 15.77
N TRP A 693 -35.43 12.86 14.90
CA TRP A 693 -34.97 12.27 13.66
C TRP A 693 -33.77 11.35 13.85
N SER A 694 -33.04 11.48 14.97
CA SER A 694 -31.81 10.73 15.16
C SER A 694 -31.74 10.12 16.56
N LYS A 695 -32.89 9.88 17.19
CA LYS A 695 -32.89 9.19 18.47
C LYS A 695 -32.53 7.71 18.29
N TRP A 696 -32.93 7.12 17.16
CA TRP A 696 -32.59 5.73 16.90
C TRP A 696 -31.08 5.52 16.88
N ILE A 697 -30.33 6.52 16.44
CA ILE A 697 -28.87 6.39 16.46
C ILE A 697 -28.39 6.17 17.89
N TRP A 698 -28.86 7.01 18.82
CA TRP A 698 -28.51 6.81 20.21
C TRP A 698 -28.94 5.43 20.69
N TYR A 699 -30.11 4.97 20.23
CA TYR A 699 -30.62 3.69 20.72
C TYR A 699 -29.81 2.51 20.21
N ILE A 700 -29.17 2.63 19.03
CA ILE A 700 -28.39 1.53 18.48
C ILE A 700 -26.90 1.71 18.70
N ASN A 701 -26.49 2.70 19.49
CA ASN A 701 -25.07 2.98 19.69
C ASN A 701 -24.59 2.26 20.95
N PRO A 702 -23.74 1.24 20.84
CA PRO A 702 -23.27 0.57 22.06
C PRO A 702 -22.53 1.50 23.01
N LEU A 703 -21.78 2.46 22.46
CA LEU A 703 -21.10 3.43 23.31
C LEU A 703 -22.10 4.25 24.10
N ALA A 704 -23.29 4.46 23.58
CA ALA A 704 -24.30 5.21 24.31
C ALA A 704 -24.68 4.49 25.60
N TYR A 705 -24.97 3.20 25.50
CA TYR A 705 -25.34 2.44 26.70
C TYR A 705 -24.16 2.28 27.64
N LEU A 706 -22.96 2.08 27.08
CA LEU A 706 -21.79 1.94 27.93
C LEU A 706 -21.51 3.24 28.70
N PHE A 707 -21.66 4.38 28.04
CA PHE A 707 -21.46 5.66 28.69
C PHE A 707 -22.55 5.93 29.72
N GLU A 708 -23.78 5.51 29.43
CA GLU A 708 -24.84 5.60 30.42
C GLU A 708 -24.47 4.82 31.67
N SER A 709 -24.00 3.59 31.50
CA SER A 709 -23.60 2.79 32.65
C SER A 709 -22.43 3.42 33.38
N LEU A 710 -21.48 4.00 32.64
CA LEU A 710 -20.35 4.64 33.30
C LEU A 710 -20.80 5.82 34.14
N LEU A 711 -21.71 6.65 33.63
CA LEU A 711 -22.17 7.80 34.39
C LEU A 711 -22.99 7.36 35.59
N ILE A 712 -23.84 6.34 35.42
CA ILE A 712 -24.58 5.83 36.57
C ILE A 712 -23.63 5.32 37.64
N ASN A 713 -22.58 4.61 37.22
CA ASN A 713 -21.62 4.08 38.18
C ASN A 713 -20.87 5.20 38.89
N GLU A 714 -20.47 6.23 38.14
CA GLU A 714 -19.62 7.28 38.72
C GLU A 714 -20.42 8.20 39.62
N PHE A 715 -21.69 8.43 39.31
CA PHE A 715 -22.49 9.39 40.06
C PHE A 715 -23.38 8.75 41.11
N HIS A 716 -23.90 7.55 40.85
CA HIS A 716 -24.93 6.98 41.70
C HIS A 716 -24.47 6.88 43.15
N GLY A 717 -25.34 7.32 44.06
CA GLY A 717 -25.19 7.02 45.47
C GLY A 717 -24.21 7.89 46.24
N ILE A 718 -23.54 8.84 45.59
CA ILE A 718 -22.58 9.71 46.26
C ILE A 718 -23.12 11.13 46.21
N LYS A 719 -23.19 11.77 47.37
CA LYS A 719 -23.65 13.14 47.48
C LYS A 719 -22.48 14.09 47.25
N PHE A 720 -22.66 15.04 46.35
CA PHE A 720 -21.62 16.00 46.04
C PHE A 720 -21.89 17.30 46.77
N PRO A 721 -20.99 17.79 47.62
CA PRO A 721 -21.25 19.06 48.29
C PRO A 721 -21.38 20.19 47.29
N CYS A 722 -22.21 21.17 47.64
CA CYS A 722 -22.44 22.30 46.76
C CYS A 722 -21.20 23.18 46.66
N ALA A 723 -21.05 23.83 45.52
CA ALA A 723 -19.93 24.73 45.26
C ALA A 723 -20.30 26.19 45.40
N GLU A 724 -21.45 26.59 44.86
CA GLU A 724 -21.91 27.97 45.00
C GLU A 724 -23.43 28.00 44.90
N TYR A 725 -24.04 28.83 45.73
CA TYR A 725 -25.48 29.03 45.74
C TYR A 725 -25.81 30.34 45.05
N VAL A 726 -26.98 30.40 44.41
CA VAL A 726 -27.24 31.49 43.48
C VAL A 726 -27.57 32.77 44.22
N PRO A 727 -28.26 32.77 45.37
CA PRO A 727 -28.27 34.00 46.17
C PRO A 727 -27.02 34.02 47.05
N ARG A 728 -26.17 35.04 46.83
CA ARG A 728 -24.83 35.00 47.38
C ARG A 728 -24.36 36.42 47.68
N GLY A 729 -23.36 36.52 48.55
CA GLY A 729 -22.77 37.79 48.86
C GLY A 729 -23.13 38.29 50.25
N PRO A 730 -22.95 39.59 50.50
CA PRO A 730 -23.21 40.11 51.85
C PRO A 730 -24.67 40.03 52.25
N ALA A 731 -25.58 40.50 51.40
CA ALA A 731 -26.99 40.56 51.74
C ALA A 731 -27.57 39.17 51.89
N TYR A 732 -26.82 38.16 51.51
CA TYR A 732 -27.27 36.76 51.50
C TYR A 732 -26.41 35.92 52.44
N ALA A 733 -26.20 36.42 53.65
CA ALA A 733 -25.56 35.65 54.71
C ALA A 733 -26.57 35.04 55.67
N ASN A 734 -27.61 35.78 56.04
CA ASN A 734 -28.68 35.27 56.89
C ASN A 734 -29.77 34.70 55.99
N ILE A 735 -29.75 33.38 55.83
CA ILE A 735 -30.65 32.69 54.90
C ILE A 735 -31.23 31.45 55.59
N SER A 736 -32.51 31.20 55.37
CA SER A 736 -33.09 29.92 55.71
C SER A 736 -32.81 28.93 54.60
N SER A 737 -32.72 27.65 54.97
CA SER A 737 -32.23 26.64 54.03
C SER A 737 -32.98 26.71 52.70
N THR A 738 -34.31 26.71 52.76
CA THR A 738 -35.12 26.58 51.54
C THR A 738 -35.10 27.83 50.68
N GLU A 739 -34.33 28.85 51.03
CA GLU A 739 -34.27 30.10 50.26
C GLU A 739 -32.97 30.26 49.50
N SER A 740 -32.38 29.15 49.07
CA SER A 740 -31.13 29.19 48.31
C SER A 740 -30.86 27.81 47.75
N VAL A 741 -30.46 27.74 46.49
CA VAL A 741 -30.22 26.49 45.80
C VAL A 741 -28.74 26.37 45.49
N CYS A 742 -28.37 25.20 44.97
CA CYS A 742 -27.09 25.00 44.32
C CYS A 742 -27.27 25.23 42.82
N THR A 743 -26.24 25.76 42.19
CA THR A 743 -26.29 26.04 40.75
C THR A 743 -25.90 24.79 39.97
N VAL A 744 -26.83 23.84 39.92
CA VAL A 744 -26.63 22.60 39.18
C VAL A 744 -28.00 21.98 38.95
N VAL A 745 -28.08 21.11 37.94
CA VAL A 745 -29.39 20.66 37.44
C VAL A 745 -30.17 19.94 38.53
N GLY A 746 -29.52 19.02 39.24
CA GLY A 746 -30.21 18.23 40.23
C GLY A 746 -30.44 18.92 41.56
N ALA A 747 -30.10 20.20 41.67
CA ALA A 747 -30.14 20.88 42.95
C ALA A 747 -31.57 21.00 43.46
N VAL A 748 -31.69 21.06 44.79
CA VAL A 748 -32.96 21.31 45.47
C VAL A 748 -32.71 22.41 46.50
N PRO A 749 -33.59 23.39 46.65
CA PRO A 749 -33.35 24.45 47.64
C PRO A 749 -33.21 23.87 49.03
N GLY A 750 -32.24 24.39 49.77
CA GLY A 750 -31.99 23.96 51.12
C GLY A 750 -31.06 22.77 51.25
N GLN A 751 -30.63 22.17 50.15
CA GLN A 751 -29.73 21.03 50.21
C GLN A 751 -28.29 21.49 50.36
N ASP A 752 -27.57 20.85 51.27
CA ASP A 752 -26.14 21.07 51.42
C ASP A 752 -25.34 20.42 50.30
N TYR A 753 -26.00 19.68 49.42
CA TYR A 753 -25.34 18.85 48.42
C TYR A 753 -26.32 18.61 47.30
N VAL A 754 -25.85 17.92 46.26
CA VAL A 754 -26.73 17.37 45.24
C VAL A 754 -26.41 15.89 45.09
N LEU A 755 -27.45 15.07 45.02
CA LEU A 755 -27.28 13.65 44.78
C LEU A 755 -26.93 13.46 43.32
N GLY A 756 -25.81 12.79 43.04
CA GLY A 756 -25.40 12.59 41.67
C GLY A 756 -26.48 11.93 40.84
N ASP A 757 -27.26 11.05 41.46
CA ASP A 757 -28.37 10.41 40.76
C ASP A 757 -29.33 11.44 40.17
N ASP A 758 -29.70 12.43 40.98
CA ASP A 758 -30.60 13.48 40.48
C ASP A 758 -29.95 14.27 39.36
N PHE A 759 -28.65 14.56 39.49
CA PHE A 759 -27.99 15.34 38.46
C PHE A 759 -28.02 14.60 37.13
N ILE A 760 -27.69 13.31 37.12
CA ILE A 760 -27.70 12.58 35.86
C ILE A 760 -29.13 12.42 35.35
N ARG A 761 -30.09 12.20 36.25
CA ARG A 761 -31.48 12.06 35.82
C ARG A 761 -31.96 13.33 35.12
N GLY A 762 -31.54 14.50 35.63
CA GLY A 762 -31.97 15.76 35.05
C GLY A 762 -31.23 16.16 33.80
N THR A 763 -29.90 16.02 33.82
CA THR A 763 -29.08 16.42 32.68
C THR A 763 -29.13 15.38 31.57
N TYR A 764 -28.92 14.11 31.92
CA TYR A 764 -28.79 13.04 30.93
C TYR A 764 -29.98 12.10 30.88
N GLN A 765 -30.84 12.10 31.90
CA GLN A 765 -31.95 11.16 32.00
C GLN A 765 -31.43 9.72 32.04
N TYR A 766 -30.45 9.48 32.89
CA TYR A 766 -29.98 8.14 33.19
C TYR A 766 -30.48 7.74 34.58
N TYR A 767 -31.02 6.53 34.67
CA TYR A 767 -31.59 6.02 35.91
C TYR A 767 -30.81 4.81 36.37
N HIS A 768 -30.63 4.71 37.69
CA HIS A 768 -29.78 3.66 38.23
C HIS A 768 -30.24 2.27 37.81
N LYS A 769 -31.52 2.11 37.50
CA LYS A 769 -32.02 0.82 37.05
C LYS A 769 -31.38 0.38 35.74
N ASP A 770 -30.73 1.30 35.01
CA ASP A 770 -30.09 1.00 33.75
C ASP A 770 -28.59 0.78 33.87
N LYS A 771 -28.09 0.54 35.09
CA LYS A 771 -26.64 0.42 35.27
C LYS A 771 -26.09 -0.77 34.49
N TRP A 772 -26.77 -1.90 34.54
CA TRP A 772 -26.28 -3.13 33.92
C TRP A 772 -26.82 -3.35 32.52
N ARG A 773 -27.76 -2.53 32.06
CA ARG A 773 -28.23 -2.66 30.69
C ARG A 773 -27.10 -2.41 29.71
N GLY A 774 -26.25 -1.42 30.00
CA GLY A 774 -25.17 -1.09 29.09
C GLY A 774 -24.23 -2.25 28.87
N PHE A 775 -23.87 -2.95 29.95
CA PHE A 775 -22.99 -4.10 29.81
C PHE A 775 -23.65 -5.19 28.95
N GLY A 776 -24.93 -5.46 29.18
CA GLY A 776 -25.60 -6.48 28.41
C GLY A 776 -25.65 -6.16 26.93
N ILE A 777 -26.01 -4.92 26.60
CA ILE A 777 -26.10 -4.54 25.19
C ILE A 777 -24.71 -4.51 24.56
N GLY A 778 -23.70 -4.04 25.30
CA GLY A 778 -22.35 -4.06 24.77
C GLY A 778 -21.86 -5.45 24.48
N MET A 779 -22.15 -6.40 25.37
CA MET A 779 -21.77 -7.78 25.11
C MET A 779 -22.55 -8.36 23.95
N ALA A 780 -23.83 -8.00 23.82
CA ALA A 780 -24.61 -8.45 22.69
C ALA A 780 -23.98 -7.99 21.38
N TYR A 781 -23.58 -6.73 21.31
CA TYR A 781 -22.96 -6.24 20.07
C TYR A 781 -21.58 -6.84 19.86
N VAL A 782 -20.83 -7.08 20.94
CA VAL A 782 -19.56 -7.77 20.81
C VAL A 782 -19.76 -9.11 20.13
N VAL A 783 -20.70 -9.91 20.64
CA VAL A 783 -20.92 -11.24 20.10
C VAL A 783 -21.43 -11.17 18.68
N PHE A 784 -22.41 -10.30 18.44
CA PHE A 784 -23.04 -10.26 17.12
C PHE A 784 -22.05 -9.82 16.05
N PHE A 785 -21.25 -8.80 16.34
CA PHE A 785 -20.31 -8.35 15.32
C PHE A 785 -19.08 -9.24 15.23
N PHE A 786 -18.75 -9.99 16.28
CA PHE A 786 -17.76 -11.05 16.12
C PHE A 786 -18.24 -12.08 15.12
N PHE A 787 -19.48 -12.52 15.25
CA PHE A 787 -19.98 -13.54 14.33
C PHE A 787 -20.19 -12.98 12.92
N VAL A 788 -20.60 -11.72 12.81
CA VAL A 788 -20.68 -11.10 11.50
C VAL A 788 -19.30 -11.01 10.86
N TYR A 789 -18.27 -10.69 11.66
CA TYR A 789 -16.91 -10.64 11.13
C TYR A 789 -16.48 -12.00 10.61
N LEU A 790 -16.76 -13.06 11.38
CA LEU A 790 -16.41 -14.40 10.91
C LEU A 790 -17.14 -14.73 9.61
N PHE A 791 -18.44 -14.44 9.55
CA PHE A 791 -19.22 -14.78 8.36
C PHE A 791 -18.74 -13.99 7.15
N LEU A 792 -18.35 -12.73 7.34
CA LEU A 792 -17.86 -11.93 6.24
C LEU A 792 -16.52 -12.44 5.73
N CYS A 793 -15.57 -12.69 6.65
CA CYS A 793 -14.29 -13.21 6.22
C CYS A 793 -14.43 -14.58 5.58
N GLU A 794 -15.46 -15.34 5.97
CA GLU A 794 -15.64 -16.69 5.44
C GLU A 794 -16.01 -16.66 3.96
N TYR A 795 -16.91 -15.77 3.56
CA TYR A 795 -17.52 -15.83 2.23
C TYR A 795 -17.10 -14.67 1.33
N ASN A 796 -17.38 -13.43 1.74
CA ASN A 796 -17.37 -12.30 0.81
C ASN A 796 -15.94 -12.02 0.38
N GLU A 797 -15.46 -12.84 -0.55
CA GLU A 797 -14.14 -12.66 -1.15
C GLU A 797 -14.22 -13.08 -2.61
N GLY A 798 -13.25 -12.62 -3.40
CA GLY A 798 -13.20 -13.00 -4.80
C GLY A 798 -12.00 -12.39 -5.49
N ALA A 799 -11.65 -12.98 -6.63
CA ALA A 799 -10.54 -12.51 -7.45
C ALA A 799 -10.88 -12.77 -8.90
N LYS A 800 -10.97 -11.71 -9.69
CA LYS A 800 -11.46 -11.76 -11.06
C LYS A 800 -10.37 -11.33 -12.04
N GLN A 801 -10.50 -11.78 -13.27
CA GLN A 801 -9.56 -11.43 -14.33
C GLN A 801 -10.04 -10.19 -15.08
N LYS A 802 -9.11 -9.53 -15.76
CA LYS A 802 -9.40 -8.27 -16.44
C LYS A 802 -8.53 -8.15 -17.68
N GLY A 803 -9.09 -7.59 -18.74
CA GLY A 803 -8.33 -7.35 -19.94
C GLY A 803 -7.34 -6.21 -19.78
N GLU A 804 -6.29 -6.27 -20.61
CA GLU A 804 -5.29 -5.21 -20.63
C GLU A 804 -5.91 -4.00 -21.33
N ILE A 805 -6.41 -3.06 -20.53
CA ILE A 805 -7.28 -2.00 -21.01
C ILE A 805 -6.51 -0.68 -20.99
N LEU A 806 -6.53 0.03 -22.11
CA LEU A 806 -6.06 1.41 -22.18
C LEU A 806 -7.21 2.33 -21.79
N VAL A 807 -6.86 3.44 -21.13
CA VAL A 807 -7.86 4.29 -20.49
C VAL A 807 -8.29 5.44 -21.40
N PHE A 808 -7.36 6.10 -22.09
CA PHE A 808 -7.78 6.96 -23.19
C PHE A 808 -8.80 8.02 -22.78
N PRO A 809 -8.38 9.18 -22.25
CA PRO A 809 -9.36 10.15 -21.72
C PRO A 809 -10.58 10.35 -22.61
N ARG A 810 -11.68 10.81 -22.00
CA ARG A 810 -12.99 10.72 -22.65
C ARG A 810 -13.02 11.46 -23.98
N SER A 811 -12.43 12.65 -24.05
CA SER A 811 -12.43 13.39 -25.30
C SER A 811 -11.95 12.52 -26.45
N ILE A 812 -10.83 11.82 -26.23
CA ILE A 812 -10.31 10.92 -27.25
C ILE A 812 -11.28 9.78 -27.50
N VAL A 813 -11.81 9.18 -26.43
CA VAL A 813 -12.68 8.02 -26.58
C VAL A 813 -13.89 8.34 -27.43
N LYS A 814 -14.33 9.60 -27.44
CA LYS A 814 -15.45 9.99 -28.31
C LYS A 814 -15.17 9.56 -29.74
N ARG A 815 -13.99 9.90 -30.26
CA ARG A 815 -13.65 9.68 -31.66
C ARG A 815 -13.04 8.31 -31.89
N MET A 816 -12.03 7.96 -31.10
CA MET A 816 -11.34 6.69 -31.24
C MET A 816 -12.28 5.52 -31.02
N GLY A 861 12.43 13.81 -37.31
CA GLY A 861 13.87 13.70 -37.16
C GLY A 861 14.30 13.82 -35.71
N LEU A 862 15.59 13.62 -35.47
CA LEU A 862 16.16 13.72 -34.13
C LEU A 862 17.43 14.56 -34.17
N SER A 863 17.66 15.28 -33.07
CA SER A 863 18.85 16.11 -32.95
C SER A 863 20.06 15.22 -32.68
N LYS A 864 21.06 15.32 -33.56
CA LYS A 864 22.24 14.47 -33.44
C LYS A 864 23.03 14.82 -32.19
N SER A 865 23.49 13.79 -31.48
CA SER A 865 24.47 14.01 -30.44
C SER A 865 25.68 14.71 -31.05
N GLU A 866 26.10 15.81 -30.42
CA GLU A 866 27.04 16.71 -31.05
C GLU A 866 28.49 16.46 -30.66
N ALA A 867 28.76 16.09 -29.42
CA ALA A 867 30.12 16.08 -28.89
C ALA A 867 30.49 14.69 -28.39
N ILE A 868 31.79 14.39 -28.52
CA ILE A 868 32.33 13.16 -27.95
C ILE A 868 32.39 13.30 -26.43
N PHE A 869 32.05 12.23 -25.74
CA PHE A 869 32.10 12.19 -24.29
C PHE A 869 33.14 11.15 -23.90
N HIS A 870 33.94 11.43 -22.87
CA HIS A 870 34.90 10.42 -22.47
C HIS A 870 35.29 10.64 -21.01
N TRP A 871 35.79 9.59 -20.40
CA TRP A 871 36.25 9.64 -19.02
C TRP A 871 37.53 8.83 -18.91
N ARG A 872 38.32 9.15 -17.89
CA ARG A 872 39.66 8.60 -17.77
C ARG A 872 40.04 8.47 -16.31
N ASN A 873 40.63 7.33 -15.98
CA ASN A 873 41.13 7.07 -14.63
C ASN A 873 40.05 7.33 -13.58
N LEU A 874 38.81 7.22 -13.99
CA LEU A 874 37.70 7.47 -13.06
C LEU A 874 37.77 6.48 -11.91
N CYS A 875 37.68 6.99 -10.69
CA CYS A 875 37.63 6.17 -9.49
C CYS A 875 36.57 6.73 -8.56
N TYR A 876 35.97 5.86 -7.75
CA TYR A 876 34.83 6.23 -6.93
C TYR A 876 34.92 5.55 -5.58
N GLU A 877 34.53 6.27 -4.52
CA GLU A 877 34.65 5.75 -3.17
C GLU A 877 33.47 6.20 -2.33
N VAL A 878 33.13 5.39 -1.32
CA VAL A 878 32.07 5.70 -0.37
C VAL A 878 32.58 5.42 1.04
N GLN A 879 31.75 5.76 2.03
CA GLN A 879 32.11 5.56 3.42
C GLN A 879 30.99 4.95 4.24
N ILE A 880 29.96 4.38 3.61
CA ILE A 880 28.80 3.89 4.34
C ILE A 880 29.03 2.44 4.77
N LYS A 881 29.20 1.55 3.80
CA LYS A 881 29.41 0.14 4.12
C LYS A 881 30.81 -0.14 4.63
N ALA A 882 31.73 0.80 4.47
CA ALA A 882 33.10 0.66 4.96
C ALA A 882 33.76 2.02 4.93
N GLU A 883 34.99 2.08 5.44
CA GLU A 883 35.76 3.31 5.35
C GLU A 883 36.49 3.36 4.01
N THR A 884 36.02 4.23 3.12
CA THR A 884 36.60 4.37 1.77
C THR A 884 36.52 3.05 1.00
N ARG A 885 35.29 2.63 0.75
CA ARG A 885 35.01 1.40 0.00
C ARG A 885 34.90 1.74 -1.48
N ARG A 886 35.84 1.24 -2.27
CA ARG A 886 35.87 1.55 -3.69
C ARG A 886 34.78 0.80 -4.43
N ILE A 887 34.16 1.47 -5.39
CA ILE A 887 33.13 0.84 -6.22
C ILE A 887 33.39 1.02 -7.71
N LEU A 888 34.25 1.94 -8.12
CA LEU A 888 34.73 2.02 -9.49
C LEU A 888 36.22 2.31 -9.42
N ASN A 889 37.01 1.60 -10.22
CA ASN A 889 38.46 1.52 -10.01
C ASN A 889 39.16 1.74 -11.34
N ASN A 890 39.74 2.92 -11.51
CA ASN A 890 40.53 3.25 -12.70
C ASN A 890 39.77 2.95 -13.98
N VAL A 891 38.50 3.31 -14.00
CA VAL A 891 37.65 3.09 -15.17
C VAL A 891 37.88 4.20 -16.18
N ASP A 892 37.90 3.84 -17.46
CA ASP A 892 38.07 4.82 -18.52
C ASP A 892 37.32 4.35 -19.75
N GLY A 893 37.06 5.27 -20.66
CA GLY A 893 36.36 4.93 -21.89
C GLY A 893 35.76 6.18 -22.51
N TRP A 894 34.87 5.95 -23.48
CA TRP A 894 34.27 7.06 -24.21
C TRP A 894 33.04 6.58 -24.95
N VAL A 895 32.24 7.55 -25.38
CA VAL A 895 31.12 7.33 -26.28
C VAL A 895 31.12 8.45 -27.31
N LYS A 896 30.93 8.09 -28.57
CA LYS A 896 30.94 9.00 -29.70
C LYS A 896 29.54 9.13 -30.29
N PRO A 897 29.32 10.12 -31.14
CA PRO A 897 28.04 10.23 -31.83
C PRO A 897 27.74 9.00 -32.66
N GLY A 898 26.46 8.64 -32.72
CA GLY A 898 26.02 7.56 -33.56
C GLY A 898 26.54 6.19 -33.17
N THR A 899 26.96 6.01 -31.92
CA THR A 899 27.49 4.74 -31.45
C THR A 899 26.66 4.21 -30.29
N LEU A 900 26.41 2.91 -30.32
CA LEU A 900 25.73 2.20 -29.25
C LEU A 900 26.76 1.40 -28.47
N THR A 901 26.92 1.73 -27.19
CA THR A 901 27.89 1.10 -26.32
C THR A 901 27.15 0.38 -25.20
N ALA A 902 27.35 -0.92 -25.11
CA ALA A 902 26.84 -1.70 -24.00
C ALA A 902 27.80 -1.64 -22.83
N LEU A 903 27.24 -1.66 -21.63
CA LEU A 903 27.99 -1.70 -20.39
C LEU A 903 27.59 -2.97 -19.66
N MET A 904 28.53 -3.89 -19.51
CA MET A 904 28.21 -5.25 -19.10
C MET A 904 29.01 -5.62 -17.86
N GLY A 905 28.52 -6.63 -17.17
CA GLY A 905 29.09 -7.12 -15.94
C GLY A 905 28.01 -7.72 -15.07
N ALA A 906 28.42 -8.69 -14.25
CA ALA A 906 27.47 -9.32 -13.34
C ALA A 906 26.91 -8.29 -12.37
N SER A 907 25.88 -8.70 -11.64
CA SER A 907 25.30 -7.83 -10.61
C SER A 907 26.42 -7.22 -9.78
N GLY A 908 26.24 -5.97 -9.37
CA GLY A 908 27.34 -5.21 -8.84
C GLY A 908 28.21 -4.70 -9.98
N ALA A 909 29.52 -4.68 -9.79
CA ALA A 909 30.47 -4.19 -10.79
C ALA A 909 30.24 -2.73 -11.13
N GLY A 910 29.37 -2.03 -10.40
CA GLY A 910 29.19 -0.61 -10.59
C GLY A 910 28.72 -0.20 -11.97
N LYS A 911 27.91 -1.02 -12.65
CA LYS A 911 27.33 -0.58 -13.90
C LYS A 911 26.43 0.63 -13.67
N THR A 912 25.42 0.47 -12.82
CA THR A 912 24.59 1.60 -12.44
C THR A 912 25.42 2.66 -11.73
N THR A 913 26.41 2.24 -10.94
CA THR A 913 27.26 3.19 -10.25
C THR A 913 28.08 4.02 -11.24
N LEU A 914 28.66 3.35 -12.24
CA LEU A 914 29.41 4.08 -13.26
C LEU A 914 28.50 5.01 -14.07
N LEU A 915 27.30 4.54 -14.42
CA LEU A 915 26.38 5.41 -15.14
C LEU A 915 26.03 6.64 -14.31
N ASP A 916 25.83 6.46 -13.01
CA ASP A 916 25.51 7.59 -12.15
C ASP A 916 26.70 8.52 -12.00
N CYS A 917 27.91 7.98 -11.90
CA CYS A 917 29.10 8.82 -11.80
C CYS A 917 29.31 9.64 -13.06
N LEU A 918 29.12 9.02 -14.23
CA LEU A 918 29.29 9.76 -15.47
C LEU A 918 28.22 10.83 -15.63
N ALA A 919 26.97 10.50 -15.31
CA ALA A 919 25.86 11.43 -15.46
C ALA A 919 25.81 12.48 -14.36
N GLU A 920 26.82 12.56 -13.50
CA GLU A 920 26.85 13.55 -12.43
C GLU A 920 25.58 13.45 -11.59
N ARG A 921 25.25 12.23 -11.21
CA ARG A 921 23.98 11.92 -10.55
C ARG A 921 24.13 11.40 -9.13
N VAL A 922 25.35 11.23 -8.64
CA VAL A 922 25.58 10.65 -7.32
C VAL A 922 25.66 11.77 -6.28
N THR A 923 25.22 11.46 -5.06
CA THR A 923 25.35 12.36 -3.92
C THR A 923 26.43 11.92 -2.95
N MET A 924 26.51 10.63 -2.64
CA MET A 924 27.47 10.11 -1.68
C MET A 924 28.79 9.78 -2.37
N GLY A 925 29.84 9.67 -1.57
CA GLY A 925 31.13 9.26 -2.07
C GLY A 925 31.88 10.40 -2.75
N VAL A 926 33.08 10.05 -3.22
CA VAL A 926 33.97 10.99 -3.89
C VAL A 926 34.44 10.35 -5.18
N ILE A 927 34.66 11.20 -6.20
CA ILE A 927 35.05 10.79 -7.53
C ILE A 927 36.38 11.43 -7.88
N THR A 928 37.34 10.62 -8.31
CA THR A 928 38.58 11.09 -8.90
C THR A 928 38.64 10.64 -10.35
N GLY A 929 39.68 11.08 -11.05
CA GLY A 929 39.74 10.91 -12.47
C GLY A 929 38.77 11.83 -13.19
N ASP A 930 39.02 12.05 -14.47
CA ASP A 930 38.42 13.18 -15.17
C ASP A 930 37.41 12.71 -16.20
N ILE A 931 36.22 13.32 -16.15
CA ILE A 931 35.23 13.22 -17.21
C ILE A 931 35.34 14.49 -18.05
N LEU A 932 35.13 14.34 -19.36
CA LEU A 932 35.33 15.44 -20.29
C LEU A 932 34.37 15.32 -21.46
N VAL A 933 33.96 16.49 -21.96
CA VAL A 933 33.21 16.62 -23.20
C VAL A 933 34.08 17.42 -24.16
N ASN A 934 34.49 16.79 -25.26
CA ASN A 934 35.43 17.41 -26.18
C ASN A 934 36.66 17.91 -25.43
N GLY A 935 37.11 17.13 -24.46
CA GLY A 935 38.34 17.41 -23.74
C GLY A 935 38.23 18.47 -22.66
N ILE A 936 37.08 19.14 -22.53
CA ILE A 936 36.90 20.18 -21.54
C ILE A 936 36.13 19.58 -20.37
N PRO A 937 36.43 19.97 -19.12
CA PRO A 937 35.68 19.40 -18.00
C PRO A 937 34.20 19.67 -18.16
N ARG A 938 33.39 18.67 -17.82
CA ARG A 938 31.95 18.83 -17.94
C ARG A 938 31.49 19.97 -17.03
N ASP A 939 30.67 20.86 -17.59
CA ASP A 939 30.31 22.10 -16.90
C ASP A 939 29.26 21.80 -15.84
N LYS A 940 28.69 22.87 -15.26
CA LYS A 940 27.62 22.72 -14.29
C LYS A 940 26.25 22.65 -14.93
N SER A 941 26.16 22.86 -16.25
CA SER A 941 24.94 22.64 -17.01
C SER A 941 24.89 21.25 -17.63
N PHE A 942 25.91 20.43 -17.42
CA PHE A 942 25.97 19.11 -18.02
C PHE A 942 24.74 18.26 -17.72
N PRO A 943 24.20 18.25 -16.50
CA PRO A 943 23.03 17.39 -16.23
C PRO A 943 21.84 17.67 -17.12
N ARG A 944 21.78 18.84 -17.74
CA ARG A 944 20.71 19.16 -18.68
C ARG A 944 21.04 18.76 -20.11
N SER A 945 22.29 18.36 -20.38
CA SER A 945 22.68 17.95 -21.72
C SER A 945 22.59 16.44 -21.93
N ILE A 946 22.31 15.66 -20.89
CA ILE A 946 22.29 14.21 -20.97
C ILE A 946 20.91 13.71 -20.60
N GLY A 947 20.43 12.72 -21.34
CA GLY A 947 19.24 11.97 -20.97
C GLY A 947 19.65 10.71 -20.23
N TYR A 948 18.96 10.42 -19.13
CA TYR A 948 19.23 9.25 -18.31
C TYR A 948 17.91 8.51 -18.14
N CYS A 949 17.77 7.36 -18.79
CA CYS A 949 16.58 6.54 -18.65
C CYS A 949 16.79 5.55 -17.52
N GLN A 950 16.08 5.74 -16.42
CA GLN A 950 16.24 4.90 -15.25
C GLN A 950 15.63 3.52 -15.50
N GLN A 951 16.18 2.52 -14.81
CA GLN A 951 15.71 1.15 -15.01
C GLN A 951 14.26 1.01 -14.57
N GLN A 952 13.96 1.44 -13.35
CA GLN A 952 12.59 1.38 -12.83
C GLN A 952 11.91 2.70 -13.13
N ASP A 953 11.29 2.79 -14.30
CA ASP A 953 10.67 4.03 -14.74
C ASP A 953 9.41 4.32 -13.96
N LEU A 954 9.16 5.59 -13.71
CA LEU A 954 8.00 6.01 -12.94
C LEU A 954 7.49 7.32 -13.52
N HIS A 955 6.20 7.37 -13.81
CA HIS A 955 5.56 8.54 -14.39
C HIS A 955 4.28 8.83 -13.64
N LEU A 956 3.84 10.08 -13.72
CA LEU A 956 2.54 10.45 -13.16
C LEU A 956 1.46 9.58 -13.78
N LYS A 957 0.78 8.80 -12.94
CA LYS A 957 -0.13 7.79 -13.45
C LYS A 957 -1.38 8.39 -14.09
N THR A 958 -1.72 9.64 -13.77
CA THR A 958 -2.87 10.28 -14.38
C THR A 958 -2.55 10.93 -15.71
N ALA A 959 -1.29 11.29 -15.94
CA ALA A 959 -0.91 11.95 -17.18
C ALA A 959 -1.04 10.99 -18.35
N THR A 960 -1.28 11.54 -19.53
CA THR A 960 -1.27 10.75 -20.74
C THR A 960 0.16 10.64 -21.26
N VAL A 961 0.35 9.87 -22.32
CA VAL A 961 1.67 9.75 -22.92
C VAL A 961 2.09 11.07 -23.55
N ARG A 962 1.20 11.64 -24.37
CA ARG A 962 1.55 12.90 -25.04
C ARG A 962 1.74 14.03 -24.03
N GLU A 963 0.88 14.08 -23.00
CA GLU A 963 1.05 15.12 -21.99
C GLU A 963 2.36 14.96 -21.25
N SER A 964 2.74 13.72 -20.95
CA SER A 964 4.02 13.48 -20.28
C SER A 964 5.18 13.91 -21.15
N LEU A 965 5.15 13.55 -22.44
CA LEU A 965 6.23 13.94 -23.34
C LEU A 965 6.32 15.44 -23.47
N ARG A 966 5.18 16.11 -23.59
CA ARG A 966 5.20 17.56 -23.77
C ARG A 966 5.58 18.28 -22.49
N PHE A 967 5.21 17.75 -21.33
CA PHE A 967 5.72 18.28 -20.08
C PHE A 967 7.24 18.19 -20.04
N SER A 968 7.79 17.03 -20.41
CA SER A 968 9.23 16.88 -20.42
C SER A 968 9.88 17.85 -21.39
N ALA A 969 9.27 18.04 -22.57
CA ALA A 969 9.86 18.92 -23.56
C ALA A 969 9.75 20.39 -23.16
N TYR A 970 8.62 20.78 -22.57
CA TYR A 970 8.40 22.18 -22.24
C TYR A 970 9.38 22.67 -21.19
N LEU A 971 9.75 21.81 -20.24
CA LEU A 971 10.57 22.24 -19.11
C LEU A 971 12.06 22.04 -19.34
N ARG A 972 12.45 21.10 -20.19
CA ARG A 972 13.87 20.77 -20.35
C ARG A 972 14.49 21.38 -21.59
N GLN A 973 13.77 21.47 -22.69
CA GLN A 973 14.32 22.12 -23.87
C GLN A 973 14.53 23.60 -23.59
N PRO A 974 15.37 24.27 -24.39
CA PRO A 974 15.68 25.67 -24.10
C PRO A 974 14.44 26.55 -24.12
N ALA A 975 14.47 27.60 -23.29
CA ALA A 975 13.32 28.49 -23.20
C ALA A 975 13.13 29.30 -24.47
N GLU A 976 14.20 29.56 -25.22
CA GLU A 976 14.09 30.33 -26.46
C GLU A 976 13.32 29.59 -27.54
N VAL A 977 13.08 28.29 -27.37
CA VAL A 977 12.35 27.51 -28.36
C VAL A 977 10.86 27.69 -28.14
N SER A 978 10.13 28.03 -29.20
CA SER A 978 8.69 28.23 -29.08
C SER A 978 8.02 26.94 -28.63
N ILE A 979 6.75 27.05 -28.27
CA ILE A 979 6.00 25.86 -27.87
C ILE A 979 5.49 25.11 -29.09
N GLU A 980 5.30 25.79 -30.21
CA GLU A 980 4.95 25.09 -31.44
C GLU A 980 6.07 24.15 -31.87
N GLU A 981 7.32 24.62 -31.77
CA GLU A 981 8.45 23.77 -32.12
C GLU A 981 8.60 22.60 -31.16
N LYS A 982 8.40 22.85 -29.87
CA LYS A 982 8.45 21.76 -28.89
C LYS A 982 7.35 20.74 -29.17
N ASN A 983 6.16 21.21 -29.54
CA ASN A 983 5.09 20.29 -29.91
C ASN A 983 5.47 19.47 -31.14
N ARG A 984 6.05 20.11 -32.15
CA ARG A 984 6.46 19.38 -33.35
C ARG A 984 7.48 18.33 -33.00
N TYR A 985 8.45 18.65 -32.14
CA TYR A 985 9.45 17.68 -31.76
C TYR A 985 8.84 16.53 -30.96
N VAL A 986 7.88 16.83 -30.09
CA VAL A 986 7.22 15.75 -29.36
C VAL A 986 6.49 14.82 -30.32
N GLU A 987 5.85 15.38 -31.34
CA GLU A 987 5.18 14.53 -32.32
C GLU A 987 6.18 13.68 -33.10
N GLU A 988 7.32 14.28 -33.46
CA GLU A 988 8.36 13.51 -34.15
C GLU A 988 8.85 12.36 -33.28
N VAL A 989 9.04 12.61 -31.98
CA VAL A 989 9.51 11.57 -31.08
C VAL A 989 8.45 10.48 -30.92
N ILE A 990 7.19 10.88 -30.82
CA ILE A 990 6.11 9.90 -30.75
C ILE A 990 6.13 9.02 -32.00
N LYS A 991 6.36 9.61 -33.16
CA LYS A 991 6.41 8.84 -34.40
C LYS A 991 7.62 7.91 -34.42
N ILE A 992 8.77 8.38 -33.94
CA ILE A 992 9.98 7.56 -34.00
C ILE A 992 9.82 6.31 -33.16
N LEU A 993 9.32 6.45 -31.94
CA LEU A 993 9.19 5.32 -31.04
C LEU A 993 7.98 4.46 -31.32
N GLU A 994 7.17 4.80 -32.32
CA GLU A 994 6.02 3.98 -32.72
C GLU A 994 5.04 3.83 -31.56
N MET A 995 4.44 4.96 -31.17
CA MET A 995 3.41 4.94 -30.14
C MET A 995 2.20 5.80 -30.47
N GLU A 996 2.03 6.23 -31.72
CA GLU A 996 0.82 7.00 -32.02
C GLU A 996 -0.45 6.20 -31.83
N LYS A 997 -0.36 4.87 -31.75
CA LYS A 997 -1.53 4.07 -31.43
C LYS A 997 -1.95 4.20 -29.97
N TYR A 998 -1.02 4.60 -29.10
CA TYR A 998 -1.34 4.83 -27.70
C TYR A 998 -0.70 6.12 -27.19
N ALA A 999 -0.49 7.09 -28.07
CA ALA A 999 0.10 8.36 -27.68
C ALA A 999 -0.83 9.23 -26.88
N ASP A 1000 -2.12 8.89 -26.81
CA ASP A 1000 -3.07 9.60 -25.98
C ASP A 1000 -3.66 8.68 -24.91
N ALA A 1001 -2.93 7.65 -24.52
CA ALA A 1001 -3.36 6.76 -23.45
C ALA A 1001 -2.88 7.27 -22.11
N VAL A 1002 -3.66 6.99 -21.08
CA VAL A 1002 -3.28 7.37 -19.72
C VAL A 1002 -2.21 6.41 -19.22
N VAL A 1003 -1.18 6.96 -18.56
CA VAL A 1003 -0.09 6.13 -18.08
C VAL A 1003 -0.61 5.07 -17.13
N GLY A 1004 -1.45 5.46 -16.18
CA GLY A 1004 -2.08 4.49 -15.32
C GLY A 1004 -1.06 3.74 -14.48
N VAL A 1005 -1.40 2.50 -14.16
CA VAL A 1005 -0.59 1.67 -13.30
C VAL A 1005 -0.11 0.46 -14.10
N ALA A 1006 0.71 -0.38 -13.45
CA ALA A 1006 1.28 -1.53 -14.15
C ALA A 1006 0.20 -2.51 -14.59
N GLY A 1007 -0.95 -2.50 -13.92
CA GLY A 1007 -2.03 -3.39 -14.28
C GLY A 1007 -2.92 -2.86 -15.39
N GLU A 1008 -3.25 -1.57 -15.32
CA GLU A 1008 -4.14 -0.95 -16.29
C GLU A 1008 -3.53 0.36 -16.77
N GLY A 1009 -3.76 0.66 -18.05
CA GLY A 1009 -3.08 1.75 -18.70
C GLY A 1009 -2.03 1.22 -19.65
N LEU A 1010 -0.78 1.65 -19.48
CA LEU A 1010 0.31 1.12 -20.28
C LEU A 1010 0.82 -0.18 -19.66
N ASN A 1011 1.60 -0.91 -20.45
CA ASN A 1011 2.27 -2.13 -19.99
C ASN A 1011 3.77 -1.88 -19.92
N VAL A 1012 4.51 -2.91 -19.49
CA VAL A 1012 5.94 -2.73 -19.24
C VAL A 1012 6.64 -2.20 -20.48
N GLU A 1013 6.35 -2.78 -21.64
CA GLU A 1013 7.00 -2.33 -22.87
C GLU A 1013 6.66 -0.89 -23.19
N GLN A 1014 5.36 -0.55 -23.13
CA GLN A 1014 4.95 0.81 -23.44
C GLN A 1014 5.44 1.80 -22.39
N ARG A 1015 5.50 1.38 -21.13
CA ARG A 1015 6.05 2.25 -20.10
C ARG A 1015 7.53 2.53 -20.35
N LYS A 1016 8.30 1.52 -20.75
CA LYS A 1016 9.70 1.76 -21.08
C LYS A 1016 9.83 2.64 -22.32
N ARG A 1017 8.95 2.45 -23.30
CA ARG A 1017 8.97 3.32 -24.47
C ARG A 1017 8.68 4.76 -24.09
N LEU A 1018 7.72 4.96 -23.18
CA LEU A 1018 7.44 6.31 -22.69
C LEU A 1018 8.64 6.88 -21.96
N THR A 1019 9.34 6.06 -21.18
CA THR A 1019 10.54 6.53 -20.50
C THR A 1019 11.57 7.02 -21.50
N ILE A 1020 11.85 6.20 -22.51
CA ILE A 1020 12.83 6.57 -23.52
C ILE A 1020 12.40 7.84 -24.24
N GLY A 1021 11.12 7.95 -24.58
CA GLY A 1021 10.62 9.15 -25.24
C GLY A 1021 10.68 10.38 -24.36
N VAL A 1022 10.42 10.22 -23.06
CA VAL A 1022 10.51 11.34 -22.15
C VAL A 1022 11.93 11.86 -22.06
N GLU A 1023 12.90 10.95 -22.03
CA GLU A 1023 14.28 11.40 -22.00
C GLU A 1023 14.75 11.91 -23.35
N LEU A 1024 14.15 11.45 -24.44
CA LEU A 1024 14.52 11.91 -25.77
C LEU A 1024 13.94 13.27 -26.08
N THR A 1025 12.72 13.53 -25.63
CA THR A 1025 12.04 14.77 -26.00
C THR A 1025 12.66 16.00 -25.33
N ALA A 1026 13.59 15.81 -24.41
CA ALA A 1026 14.34 16.90 -23.83
C ALA A 1026 15.51 17.33 -24.69
N LYS A 1027 15.66 16.74 -25.88
CA LYS A 1027 16.75 17.05 -26.80
C LYS A 1027 18.09 17.00 -26.08
N PRO A 1028 18.49 15.84 -25.58
CA PRO A 1028 19.80 15.73 -24.92
C PRO A 1028 20.92 16.01 -25.91
N LYS A 1029 21.72 17.03 -25.60
CA LYS A 1029 22.77 17.43 -26.52
C LYS A 1029 23.82 16.33 -26.66
N LEU A 1030 24.25 15.74 -25.56
CA LEU A 1030 25.40 14.85 -25.55
C LEU A 1030 25.04 13.37 -25.67
N LEU A 1031 24.37 12.82 -24.67
CA LEU A 1031 24.22 11.37 -24.55
C LEU A 1031 22.81 11.00 -24.13
N VAL A 1032 22.54 9.72 -24.21
CA VAL A 1032 21.36 9.10 -23.62
C VAL A 1032 21.86 7.90 -22.83
N PHE A 1033 22.09 8.08 -21.54
CA PHE A 1033 22.37 6.96 -20.66
C PHE A 1033 21.09 6.14 -20.47
N LEU A 1034 21.20 4.83 -20.65
CA LEU A 1034 20.09 3.92 -20.41
C LEU A 1034 20.55 2.87 -19.40
N ASP A 1035 19.79 2.70 -18.34
CA ASP A 1035 20.06 1.68 -17.34
C ASP A 1035 19.14 0.50 -17.61
N GLU A 1036 19.74 -0.65 -17.93
CA GLU A 1036 19.05 -1.93 -18.13
C GLU A 1036 17.69 -1.72 -18.81
N PRO A 1037 17.68 -1.17 -20.04
CA PRO A 1037 16.40 -0.96 -20.72
C PRO A 1037 15.63 -2.25 -21.01
N THR A 1038 16.33 -3.37 -21.14
CA THR A 1038 15.69 -4.64 -21.46
C THR A 1038 15.29 -5.44 -20.22
N SER A 1039 15.90 -5.17 -19.08
CA SER A 1039 15.68 -6.00 -17.90
C SER A 1039 14.20 -6.07 -17.56
N GLY A 1040 13.74 -7.27 -17.24
CA GLY A 1040 12.36 -7.49 -16.84
C GLY A 1040 11.41 -7.78 -17.97
N LEU A 1041 11.86 -7.71 -19.22
CA LEU A 1041 11.00 -7.92 -20.37
C LEU A 1041 11.17 -9.33 -20.92
N ASP A 1042 10.26 -9.70 -21.80
CA ASP A 1042 10.42 -10.91 -22.59
C ASP A 1042 11.39 -10.66 -23.74
N SER A 1043 11.83 -11.74 -24.37
CA SER A 1043 12.88 -11.63 -25.39
C SER A 1043 12.43 -10.81 -26.58
N GLN A 1044 11.14 -10.85 -26.94
CA GLN A 1044 10.69 -10.14 -28.13
C GLN A 1044 10.60 -8.64 -27.89
N THR A 1045 10.06 -8.22 -26.75
CA THR A 1045 10.02 -6.79 -26.47
C THR A 1045 11.39 -6.26 -26.09
N ALA A 1046 12.24 -7.10 -25.48
CA ALA A 1046 13.63 -6.69 -25.29
C ALA A 1046 14.32 -6.50 -26.62
N TRP A 1047 14.04 -7.35 -27.60
CA TRP A 1047 14.59 -7.16 -28.93
C TRP A 1047 14.04 -5.91 -29.58
N SER A 1048 12.75 -5.61 -29.37
CA SER A 1048 12.21 -4.37 -29.92
C SER A 1048 12.89 -3.15 -29.31
N ILE A 1049 13.14 -3.19 -28.00
CA ILE A 1049 13.85 -2.09 -27.35
C ILE A 1049 15.25 -1.95 -27.91
N CYS A 1050 15.95 -3.07 -28.12
CA CYS A 1050 17.27 -3.00 -28.70
C CYS A 1050 17.23 -2.45 -30.12
N GLN A 1051 16.20 -2.82 -30.88
CA GLN A 1051 16.04 -2.25 -32.22
C GLN A 1051 15.84 -0.74 -32.14
N LEU A 1052 15.05 -0.29 -31.18
CA LEU A 1052 14.86 1.15 -31.00
C LEU A 1052 16.17 1.83 -30.67
N MET A 1053 16.97 1.22 -29.79
CA MET A 1053 18.27 1.80 -29.44
C MET A 1053 19.17 1.88 -30.66
N LYS A 1054 19.18 0.83 -31.48
CA LYS A 1054 20.02 0.86 -32.67
C LYS A 1054 19.54 1.90 -33.66
N LYS A 1055 18.21 2.04 -33.81
CA LYS A 1055 17.68 3.11 -34.65
C LYS A 1055 18.15 4.47 -34.16
N LEU A 1056 18.06 4.72 -32.86
CA LEU A 1056 18.49 5.99 -32.31
C LEU A 1056 19.98 6.20 -32.56
N ALA A 1057 20.79 5.16 -32.39
CA ALA A 1057 22.21 5.26 -32.70
C ALA A 1057 22.45 5.47 -34.18
N ASN A 1058 21.48 5.15 -35.03
CA ASN A 1058 21.59 5.41 -36.46
C ASN A 1058 21.05 6.78 -36.85
N HIS A 1059 20.11 7.32 -36.07
CA HIS A 1059 19.68 8.70 -36.27
C HIS A 1059 20.78 9.69 -35.93
N GLY A 1060 21.80 9.26 -35.20
CA GLY A 1060 22.89 10.13 -34.79
C GLY A 1060 23.05 10.27 -33.29
N GLN A 1061 22.26 9.57 -32.48
CA GLN A 1061 22.42 9.64 -31.03
C GLN A 1061 23.67 8.88 -30.60
N ALA A 1062 24.10 9.14 -29.38
CA ALA A 1062 25.21 8.44 -28.75
C ALA A 1062 24.66 7.77 -27.48
N ILE A 1063 24.50 6.45 -27.53
CA ILE A 1063 23.81 5.73 -26.47
C ILE A 1063 24.83 4.90 -25.70
N LEU A 1064 24.85 5.06 -24.39
CA LEU A 1064 25.63 4.24 -23.47
C LEU A 1064 24.65 3.52 -22.55
N CYS A 1065 24.24 2.32 -22.93
CA CYS A 1065 23.21 1.60 -22.19
C CYS A 1065 23.85 0.47 -21.39
N THR A 1066 23.35 0.26 -20.18
CA THR A 1066 23.75 -0.88 -19.37
C THR A 1066 22.88 -2.08 -19.74
N ILE A 1067 23.51 -3.21 -19.97
CA ILE A 1067 22.83 -4.42 -20.41
C ILE A 1067 23.07 -5.52 -19.40
N HIS A 1068 22.00 -6.26 -19.06
CA HIS A 1068 22.05 -7.32 -18.07
C HIS A 1068 21.58 -8.62 -18.72
N GLN A 1069 22.46 -9.62 -18.70
CA GLN A 1069 22.17 -10.95 -19.23
C GLN A 1069 21.44 -10.90 -20.57
N PRO A 1070 22.06 -10.31 -21.59
CA PRO A 1070 21.45 -10.29 -22.92
C PRO A 1070 21.68 -11.60 -23.67
N SER A 1071 20.81 -11.85 -24.64
CA SER A 1071 21.01 -12.97 -25.53
C SER A 1071 22.01 -12.59 -26.62
N ALA A 1072 22.43 -13.60 -27.38
CA ALA A 1072 23.38 -13.34 -28.46
C ALA A 1072 22.80 -12.39 -29.49
N ILE A 1073 21.51 -12.56 -29.81
CA ILE A 1073 20.88 -11.72 -30.82
C ILE A 1073 20.87 -10.26 -30.37
N LEU A 1074 20.51 -10.03 -29.11
CA LEU A 1074 20.55 -8.67 -28.57
C LEU A 1074 21.98 -8.13 -28.59
N MET A 1075 22.95 -8.96 -28.21
CA MET A 1075 24.34 -8.51 -28.14
C MET A 1075 24.84 -8.08 -29.51
N GLN A 1076 24.41 -8.78 -30.56
CA GLN A 1076 24.91 -8.45 -31.90
C GLN A 1076 24.66 -6.99 -32.25
N GLU A 1077 23.57 -6.42 -31.75
CA GLU A 1077 23.16 -5.09 -32.19
C GLU A 1077 24.08 -3.98 -31.70
N PHE A 1078 24.91 -4.25 -30.69
CA PHE A 1078 25.71 -3.20 -30.08
C PHE A 1078 27.00 -2.97 -30.84
N ASP A 1079 27.46 -1.73 -30.83
CA ASP A 1079 28.69 -1.37 -31.50
C ASP A 1079 29.90 -1.62 -30.61
N ARG A 1080 29.92 -1.05 -29.41
CA ARG A 1080 31.06 -1.20 -28.52
C ARG A 1080 30.62 -1.86 -27.20
N LEU A 1081 31.58 -2.41 -26.49
CA LEU A 1081 31.34 -3.08 -25.22
C LEU A 1081 32.32 -2.57 -24.17
N LEU A 1082 31.81 -2.35 -22.96
CA LEU A 1082 32.64 -2.02 -21.81
C LEU A 1082 32.27 -3.00 -20.70
N PHE A 1083 33.15 -3.95 -20.44
CA PHE A 1083 32.89 -5.06 -19.53
C PHE A 1083 33.64 -4.82 -18.24
N MET A 1084 32.93 -4.85 -17.11
CA MET A 1084 33.53 -4.61 -15.81
C MET A 1084 33.33 -5.80 -14.89
N GLN A 1085 34.25 -5.94 -13.94
CA GLN A 1085 34.16 -6.90 -12.85
C GLN A 1085 33.62 -6.22 -11.60
N ARG A 1086 33.12 -7.05 -10.67
CA ARG A 1086 32.69 -6.59 -9.36
C ARG A 1086 33.69 -5.59 -8.81
N GLY A 1087 33.17 -4.55 -8.18
CA GLY A 1087 34.01 -3.44 -7.78
C GLY A 1087 34.36 -2.51 -8.92
N GLY A 1088 33.73 -2.66 -10.07
CA GLY A 1088 33.97 -1.78 -11.19
C GLY A 1088 35.38 -1.85 -11.73
N LYS A 1089 35.89 -3.05 -11.94
CA LYS A 1089 37.26 -3.22 -12.44
C LYS A 1089 37.16 -3.61 -13.91
N THR A 1090 37.44 -2.66 -14.80
CA THR A 1090 37.27 -2.90 -16.23
C THR A 1090 38.17 -4.05 -16.68
N VAL A 1091 37.58 -4.96 -17.46
CA VAL A 1091 38.27 -6.14 -17.97
C VAL A 1091 38.47 -6.05 -19.48
N TYR A 1092 37.50 -5.51 -20.21
CA TYR A 1092 37.62 -5.37 -21.66
C TYR A 1092 36.83 -4.15 -22.11
N PHE A 1093 37.49 -3.24 -22.79
CA PHE A 1093 36.85 -2.12 -23.46
C PHE A 1093 37.28 -2.13 -24.92
N GLY A 1094 36.30 -2.03 -25.81
CA GLY A 1094 36.59 -2.06 -27.23
C GLY A 1094 35.34 -2.40 -28.02
N ASP A 1095 35.52 -2.44 -29.33
CA ASP A 1095 34.43 -2.82 -30.22
C ASP A 1095 34.33 -4.33 -30.26
N LEU A 1096 33.15 -4.87 -29.95
CA LEU A 1096 33.01 -6.31 -29.85
C LEU A 1096 32.94 -6.95 -31.22
N GLY A 1097 32.44 -6.25 -32.24
CA GLY A 1097 32.49 -6.73 -33.60
C GLY A 1097 31.39 -7.71 -33.91
N GLU A 1098 31.41 -8.20 -35.15
CA GLU A 1098 30.40 -9.16 -35.58
C GLU A 1098 30.45 -10.41 -34.72
N GLY A 1099 29.28 -10.93 -34.38
CA GLY A 1099 29.18 -12.13 -33.57
C GLY A 1099 30.02 -12.05 -32.31
N CYS A 1100 30.30 -10.84 -31.84
CA CYS A 1100 31.17 -10.63 -30.70
C CYS A 1100 32.54 -11.24 -30.92
N LYS A 1101 32.97 -11.29 -32.19
CA LYS A 1101 34.21 -11.96 -32.53
C LYS A 1101 35.41 -11.25 -31.95
N THR A 1102 35.42 -9.91 -31.96
CA THR A 1102 36.57 -9.19 -31.43
C THR A 1102 36.76 -9.47 -29.95
N MET A 1103 35.66 -9.42 -29.19
CA MET A 1103 35.75 -9.72 -27.76
C MET A 1103 36.15 -11.17 -27.53
N ILE A 1104 35.58 -12.10 -28.31
CA ILE A 1104 35.94 -13.50 -28.15
C ILE A 1104 37.43 -13.70 -28.40
N ASP A 1105 37.96 -13.07 -29.45
CA ASP A 1105 39.37 -13.22 -29.77
C ASP A 1105 40.24 -12.62 -28.68
N TYR A 1106 39.88 -11.43 -28.18
CA TYR A 1106 40.67 -10.84 -27.11
C TYR A 1106 40.72 -11.79 -25.91
N PHE A 1107 39.58 -12.33 -25.51
CA PHE A 1107 39.55 -13.15 -24.31
C PHE A 1107 40.26 -14.48 -24.52
N GLU A 1108 40.07 -15.11 -25.68
CA GLU A 1108 40.73 -16.38 -25.96
C GLU A 1108 42.25 -16.21 -26.03
N SER A 1109 42.72 -15.15 -26.68
CA SER A 1109 44.14 -14.96 -26.89
C SER A 1109 44.90 -14.71 -25.60
N HIS A 1110 44.24 -14.73 -24.44
CA HIS A 1110 44.90 -14.54 -23.16
C HIS A 1110 44.62 -15.70 -22.21
N GLY A 1111 44.48 -16.90 -22.76
CA GLY A 1111 44.34 -18.08 -21.94
C GLY A 1111 42.95 -18.38 -21.44
N ALA A 1112 41.91 -17.89 -22.13
CA ALA A 1112 40.55 -18.21 -21.76
C ALA A 1112 40.09 -19.49 -22.47
N HIS A 1113 39.16 -20.20 -21.83
CA HIS A 1113 38.56 -21.35 -22.48
C HIS A 1113 37.61 -20.88 -23.57
N LYS A 1114 37.59 -21.61 -24.68
CA LYS A 1114 36.98 -21.11 -25.89
C LYS A 1114 35.47 -20.99 -25.76
N CYS A 1115 34.88 -20.24 -26.67
CA CYS A 1115 33.43 -20.03 -26.68
C CYS A 1115 32.78 -21.09 -27.57
N PRO A 1116 31.95 -21.96 -27.02
CA PRO A 1116 31.28 -22.96 -27.86
C PRO A 1116 30.39 -22.31 -28.90
N ALA A 1117 30.28 -22.95 -30.07
CA ALA A 1117 29.54 -22.37 -31.17
C ALA A 1117 28.07 -22.15 -30.86
N ASP A 1118 27.54 -22.82 -29.83
CA ASP A 1118 26.16 -22.64 -29.41
C ASP A 1118 26.04 -21.81 -28.15
N ALA A 1119 27.13 -21.24 -27.65
CA ALA A 1119 27.11 -20.51 -26.39
C ALA A 1119 26.86 -19.04 -26.62
N ASN A 1120 26.11 -18.43 -25.71
CA ASN A 1120 25.93 -16.99 -25.73
C ASN A 1120 27.26 -16.33 -25.34
N PRO A 1121 27.82 -15.43 -26.15
CA PRO A 1121 29.13 -14.86 -25.80
C PRO A 1121 29.13 -14.13 -24.47
N ALA A 1122 28.03 -13.46 -24.10
CA ALA A 1122 28.01 -12.75 -22.83
C ALA A 1122 28.12 -13.72 -21.65
N GLU A 1123 27.34 -14.80 -21.68
CA GLU A 1123 27.47 -15.82 -20.65
C GLU A 1123 28.88 -16.42 -20.67
N TRP A 1124 29.44 -16.61 -21.86
CA TRP A 1124 30.77 -17.18 -21.95
C TRP A 1124 31.80 -16.29 -21.29
N MET A 1125 31.71 -14.98 -21.49
CA MET A 1125 32.71 -14.08 -20.92
C MET A 1125 32.48 -13.87 -19.43
N LEU A 1126 31.23 -13.97 -18.95
CA LEU A 1126 31.02 -13.98 -17.51
C LEU A 1126 31.47 -15.28 -16.88
N GLU A 1127 31.56 -16.37 -17.65
CA GLU A 1127 32.16 -17.60 -17.13
C GLU A 1127 33.67 -17.51 -17.15
N VAL A 1128 34.24 -16.87 -18.18
CA VAL A 1128 35.69 -16.71 -18.25
C VAL A 1128 36.19 -16.01 -17.00
N VAL A 1129 35.56 -14.91 -16.63
CA VAL A 1129 35.83 -14.22 -15.37
C VAL A 1129 34.55 -13.55 -14.90
N GLY A 1130 34.01 -14.01 -13.78
CA GLY A 1130 32.79 -13.41 -13.27
C GLY A 1130 32.21 -14.25 -12.14
N ALA A 1131 30.98 -13.91 -11.79
CA ALA A 1131 30.27 -14.54 -10.67
C ALA A 1131 29.26 -15.58 -11.13
N ALA A 1132 29.28 -15.98 -12.39
CA ALA A 1132 28.35 -16.99 -12.85
C ALA A 1132 28.69 -18.34 -12.23
N PRO A 1133 27.70 -19.20 -12.00
CA PRO A 1133 27.99 -20.54 -11.47
C PRO A 1133 29.11 -21.20 -12.25
N GLY A 1134 30.14 -21.64 -11.53
CA GLY A 1134 31.42 -21.86 -12.14
C GLY A 1134 32.22 -20.58 -12.23
N SER A 1135 32.17 -19.77 -11.17
CA SER A 1135 32.68 -18.41 -11.16
C SER A 1135 34.18 -18.32 -11.01
N HIS A 1136 34.91 -19.42 -11.21
CA HIS A 1136 36.36 -19.43 -11.02
C HIS A 1136 37.04 -18.98 -12.30
N ALA A 1137 37.89 -17.95 -12.20
CA ALA A 1137 38.69 -17.47 -13.30
C ALA A 1137 40.13 -17.90 -13.10
N ASN A 1138 40.72 -18.48 -14.15
CA ASN A 1138 42.10 -18.95 -14.04
C ASN A 1138 43.04 -17.83 -13.61
N GLN A 1139 42.75 -16.59 -14.01
CA GLN A 1139 43.56 -15.44 -13.65
C GLN A 1139 42.63 -14.25 -13.42
N ASP A 1140 43.21 -13.16 -12.93
CA ASP A 1140 42.47 -11.92 -12.76
C ASP A 1140 42.66 -11.08 -14.02
N TYR A 1141 41.55 -10.78 -14.70
CA TYR A 1141 41.62 -10.18 -16.02
C TYR A 1141 41.68 -8.66 -16.00
N TYR A 1142 41.48 -8.03 -14.85
CA TYR A 1142 41.81 -6.61 -14.74
C TYR A 1142 43.28 -6.40 -15.07
N GLU A 1143 44.15 -7.26 -14.54
CA GLU A 1143 45.58 -7.17 -14.84
C GLU A 1143 45.84 -7.39 -16.33
N VAL A 1144 45.16 -8.37 -16.93
CA VAL A 1144 45.36 -8.65 -18.35
C VAL A 1144 44.98 -7.41 -19.17
N TRP A 1145 43.85 -6.79 -18.85
CA TRP A 1145 43.49 -5.55 -19.51
C TRP A 1145 44.59 -4.51 -19.32
N ARG A 1146 45.01 -4.29 -18.08
CA ARG A 1146 46.02 -3.28 -17.81
C ARG A 1146 47.25 -3.48 -18.69
N ASN A 1147 47.65 -4.73 -18.89
CA ASN A 1147 48.89 -5.04 -19.59
C ASN A 1147 48.66 -5.42 -21.06
N SER A 1148 47.48 -5.16 -21.59
CA SER A 1148 47.14 -5.60 -22.94
C SER A 1148 47.56 -4.57 -23.98
N GLU A 1149 47.43 -4.97 -25.25
CA GLU A 1149 47.63 -4.03 -26.35
C GLU A 1149 46.44 -3.10 -26.48
N GLU A 1150 45.23 -3.65 -26.33
CA GLU A 1150 44.03 -2.84 -26.45
C GLU A 1150 44.00 -1.73 -25.41
N TYR A 1151 44.54 -1.98 -24.23
CA TYR A 1151 44.57 -0.94 -23.20
C TYR A 1151 45.42 0.24 -23.64
N ARG A 1152 46.61 -0.03 -24.20
CA ARG A 1152 47.42 1.06 -24.73
C ARG A 1152 46.78 1.71 -25.94
N ALA A 1153 46.03 0.96 -26.75
CA ALA A 1153 45.28 1.60 -27.84
C ALA A 1153 44.24 2.57 -27.28
N VAL A 1154 43.52 2.14 -26.24
CA VAL A 1154 42.50 2.99 -25.62
C VAL A 1154 43.16 4.23 -25.03
N GLN A 1155 44.30 4.05 -24.36
CA GLN A 1155 44.99 5.19 -23.77
C GLN A 1155 45.47 6.17 -24.85
N SER A 1156 45.98 5.65 -25.97
CA SER A 1156 46.43 6.54 -27.04
C SER A 1156 45.25 7.31 -27.62
N GLU A 1157 44.13 6.63 -27.86
CA GLU A 1157 42.96 7.31 -28.40
C GLU A 1157 42.45 8.36 -27.42
N LEU A 1158 42.50 8.05 -26.12
CA LEU A 1158 42.02 8.99 -25.12
C LEU A 1158 42.95 10.19 -24.99
N ASP A 1159 44.27 9.98 -25.11
CA ASP A 1159 45.19 11.12 -25.20
C ASP A 1159 44.89 11.98 -26.42
N TRP A 1160 44.65 11.36 -27.56
CA TRP A 1160 44.35 12.12 -28.76
C TRP A 1160 43.07 12.92 -28.58
N MET A 1161 42.06 12.31 -27.96
CA MET A 1161 40.82 13.05 -27.69
C MET A 1161 41.06 14.19 -26.71
N GLU A 1162 41.93 13.99 -25.72
CA GLU A 1162 42.28 15.10 -24.82
C GLU A 1162 42.91 16.24 -25.60
N ARG A 1163 43.78 15.93 -26.56
CA ARG A 1163 44.37 16.96 -27.42
C ARG A 1163 43.39 17.49 -28.46
N GLU A 1164 42.26 16.82 -28.65
CA GLU A 1164 41.28 17.14 -29.68
C GLU A 1164 40.32 18.26 -29.30
N LEU A 1165 40.39 18.79 -28.08
CA LEU A 1165 39.42 19.80 -27.66
C LEU A 1165 39.38 21.02 -28.55
N PRO A 1166 40.50 21.55 -29.08
CA PRO A 1166 40.30 22.68 -29.98
C PRO A 1166 39.65 22.25 -31.30
N HIS A 1178 21.64 29.10 -14.74
CA HIS A 1178 21.41 28.21 -15.88
C HIS A 1178 21.39 26.74 -15.45
N GLU A 1179 21.23 26.50 -14.15
CA GLU A 1179 21.06 25.14 -13.66
C GLU A 1179 19.77 24.51 -14.15
N PHE A 1180 18.82 25.31 -14.64
CA PHE A 1180 17.58 24.83 -15.21
C PHE A 1180 17.30 25.56 -16.52
N SER A 1181 16.47 24.95 -17.35
CA SER A 1181 16.18 25.52 -18.66
C SER A 1181 15.11 26.59 -18.63
N GLN A 1182 14.33 26.67 -17.55
CA GLN A 1182 13.16 27.54 -17.49
C GLN A 1182 13.17 28.31 -16.19
N SER A 1183 12.53 29.48 -16.20
CA SER A 1183 12.43 30.31 -15.02
C SER A 1183 11.57 29.62 -13.96
N ILE A 1184 11.85 29.93 -12.69
CA ILE A 1184 11.13 29.27 -11.60
C ILE A 1184 9.63 29.49 -11.74
N ILE A 1185 9.23 30.67 -12.22
CA ILE A 1185 7.81 30.94 -12.39
C ILE A 1185 7.21 30.01 -13.43
N TYR A 1186 7.90 29.82 -14.56
CA TYR A 1186 7.40 28.93 -15.60
C TYR A 1186 7.33 27.49 -15.12
N GLN A 1187 8.36 27.04 -14.39
CA GLN A 1187 8.35 25.70 -13.83
C GLN A 1187 7.18 25.52 -12.87
N THR A 1188 6.95 26.50 -12.00
CA THR A 1188 5.83 26.39 -11.07
C THR A 1188 4.51 26.39 -11.81
N LYS A 1189 4.38 27.18 -12.87
CA LYS A 1189 3.16 27.16 -13.66
C LYS A 1189 2.92 25.77 -14.23
N LEU A 1190 3.92 25.19 -14.91
CA LEU A 1190 3.72 23.89 -15.51
C LEU A 1190 3.47 22.80 -14.48
N VAL A 1191 4.22 22.82 -13.37
CA VAL A 1191 4.07 21.77 -12.36
C VAL A 1191 2.71 21.89 -11.68
N SER A 1192 2.27 23.11 -11.38
CA SER A 1192 0.96 23.28 -10.77
C SER A 1192 -0.16 22.89 -11.74
N ILE A 1193 0.01 23.16 -13.03
CA ILE A 1193 -0.97 22.72 -14.00
C ILE A 1193 -1.06 21.19 -14.02
N ARG A 1194 0.10 20.53 -13.99
CA ARG A 1194 0.09 19.07 -13.97
C ARG A 1194 -0.55 18.54 -12.70
N LEU A 1195 -0.32 19.21 -11.57
CA LEU A 1195 -0.92 18.76 -10.33
C LEU A 1195 -2.43 19.00 -10.31
N PHE A 1196 -2.90 20.09 -10.90
CA PHE A 1196 -4.33 20.30 -11.06
C PHE A 1196 -4.93 19.21 -11.93
N GLN A 1197 -4.24 18.85 -13.02
CA GLN A 1197 -4.69 17.74 -13.84
C GLN A 1197 -4.59 16.41 -13.12
N GLN A 1198 -3.81 16.33 -12.05
CA GLN A 1198 -3.79 15.12 -11.25
C GLN A 1198 -4.94 15.07 -10.26
N TYR A 1199 -5.31 16.21 -9.68
CA TYR A 1199 -6.43 16.23 -8.74
C TYR A 1199 -7.73 15.95 -9.47
N TRP A 1200 -8.10 16.82 -10.41
CA TRP A 1200 -8.90 16.39 -11.54
C TRP A 1200 -8.26 15.13 -12.09
N ARG A 1201 -9.07 14.10 -12.39
CA ARG A 1201 -8.61 12.77 -12.75
C ARG A 1201 -8.22 11.96 -11.53
N SER A 1202 -8.30 12.52 -10.33
CA SER A 1202 -8.21 11.73 -9.10
C SER A 1202 -9.57 11.78 -8.44
N PRO A 1203 -10.59 11.21 -9.09
CA PRO A 1203 -11.93 11.29 -8.50
C PRO A 1203 -12.02 10.69 -7.13
N ASP A 1204 -11.25 9.65 -6.84
CA ASP A 1204 -11.35 9.03 -5.52
C ASP A 1204 -10.99 10.03 -4.43
N TYR A 1205 -9.87 10.72 -4.57
CA TYR A 1205 -9.44 11.64 -3.54
C TYR A 1205 -10.43 12.79 -3.36
N LEU A 1206 -10.77 13.48 -4.44
CA LEU A 1206 -11.64 14.64 -4.31
C LEU A 1206 -13.03 14.24 -3.85
N TRP A 1207 -13.56 13.14 -4.36
CA TRP A 1207 -14.92 12.76 -3.99
C TRP A 1207 -14.97 12.19 -2.58
N SER A 1208 -13.96 11.47 -2.14
CA SER A 1208 -13.93 11.07 -0.74
C SER A 1208 -13.83 12.29 0.15
N LYS A 1209 -12.99 13.25 -0.21
CA LYS A 1209 -12.89 14.49 0.55
C LYS A 1209 -14.25 15.16 0.67
N PHE A 1210 -14.94 15.33 -0.47
CA PHE A 1210 -16.16 16.11 -0.47
C PHE A 1210 -17.32 15.36 0.17
N ILE A 1211 -17.43 14.05 -0.04
CA ILE A 1211 -18.54 13.33 0.58
C ILE A 1211 -18.29 13.16 2.07
N LEU A 1212 -17.03 13.04 2.48
CA LEU A 1212 -16.76 13.05 3.92
C LEU A 1212 -17.12 14.39 4.52
N THR A 1213 -16.69 15.48 3.89
CA THR A 1213 -17.08 16.80 4.37
C THR A 1213 -18.60 16.91 4.45
N ILE A 1214 -19.29 16.54 3.37
CA ILE A 1214 -20.74 16.72 3.32
C ILE A 1214 -21.41 15.91 4.42
N PHE A 1215 -21.10 14.61 4.49
CA PHE A 1215 -21.75 13.77 5.48
C PHE A 1215 -21.43 14.26 6.89
N ASN A 1216 -20.15 14.40 7.22
CA ASN A 1216 -19.78 14.79 8.58
C ASN A 1216 -20.46 16.09 8.96
N GLN A 1217 -20.36 17.11 8.11
CA GLN A 1217 -20.79 18.43 8.51
C GLN A 1217 -22.31 18.53 8.51
N LEU A 1218 -22.97 17.86 7.57
CA LEU A 1218 -24.42 17.81 7.57
C LEU A 1218 -24.93 17.08 8.79
N PHE A 1219 -24.22 16.03 9.20
CA PHE A 1219 -24.60 15.26 10.39
C PHE A 1219 -24.43 16.09 11.65
N ILE A 1220 -23.35 16.86 11.75
CA ILE A 1220 -23.20 17.77 12.88
C ILE A 1220 -24.31 18.81 12.85
N GLY A 1221 -24.60 19.36 11.68
CA GLY A 1221 -25.56 20.44 11.59
C GLY A 1221 -26.95 19.99 11.97
N PHE A 1222 -27.34 18.78 11.60
CA PHE A 1222 -28.68 18.29 11.86
C PHE A 1222 -28.78 17.46 13.13
N THR A 1223 -27.67 17.11 13.77
CA THR A 1223 -27.75 16.58 15.13
C THR A 1223 -28.04 17.70 16.12
N PHE A 1224 -27.36 18.84 15.95
CA PHE A 1224 -27.61 20.03 16.75
C PHE A 1224 -28.53 21.00 16.03
N PHE A 1225 -29.43 20.50 15.19
CA PHE A 1225 -30.36 21.31 14.45
C PHE A 1225 -31.06 22.31 15.37
N LYS A 1226 -30.81 23.60 15.15
CA LYS A 1226 -31.39 24.67 15.94
C LYS A 1226 -31.31 24.34 17.43
N ALA A 1227 -30.07 24.23 17.91
CA ALA A 1227 -29.84 23.84 19.30
C ALA A 1227 -30.43 24.83 20.29
N GLY A 1228 -30.74 26.05 19.86
CA GLY A 1228 -31.34 27.02 20.73
C GLY A 1228 -30.31 27.72 21.59
N THR A 1229 -30.82 28.44 22.60
CA THR A 1229 -29.97 29.24 23.47
C THR A 1229 -30.21 28.94 24.95
N SER A 1230 -30.71 27.76 25.27
CA SER A 1230 -30.73 27.33 26.66
C SER A 1230 -29.31 27.03 27.12
N LEU A 1231 -29.13 26.90 28.43
CA LEU A 1231 -27.79 26.70 28.96
C LEU A 1231 -27.18 25.40 28.47
N GLN A 1232 -27.98 24.34 28.36
CA GLN A 1232 -27.50 23.13 27.71
C GLN A 1232 -27.42 23.31 26.20
N GLY A 1233 -28.26 24.17 25.63
CA GLY A 1233 -28.16 24.45 24.22
C GLY A 1233 -26.86 25.11 23.84
N LEU A 1234 -26.42 26.08 24.64
CA LEU A 1234 -25.13 26.72 24.38
C LEU A 1234 -24.01 25.71 24.45
N GLN A 1235 -24.06 24.83 25.46
CA GLN A 1235 -23.02 23.81 25.59
C GLN A 1235 -23.05 22.84 24.42
N ASN A 1236 -24.25 22.49 23.95
CA ASN A 1236 -24.35 21.62 22.79
C ASN A 1236 -23.77 22.30 21.55
N GLN A 1237 -23.99 23.60 21.39
CA GLN A 1237 -23.38 24.30 20.27
C GLN A 1237 -21.87 24.37 20.41
N MET A 1238 -21.37 24.50 21.64
CA MET A 1238 -19.93 24.46 21.86
C MET A 1238 -19.36 23.11 21.42
N LEU A 1239 -19.99 22.02 21.87
CA LEU A 1239 -19.56 20.70 21.45
C LEU A 1239 -19.76 20.48 19.96
N ALA A 1240 -20.69 21.19 19.33
CA ALA A 1240 -20.87 21.07 17.88
C ALA A 1240 -19.72 21.73 17.13
N VAL A 1241 -19.36 22.95 17.56
CA VAL A 1241 -18.18 23.60 16.98
C VAL A 1241 -16.95 22.74 17.24
N PHE A 1242 -16.94 22.00 18.34
CA PHE A 1242 -15.83 21.10 18.64
C PHE A 1242 -15.82 19.91 17.67
N MET A 1243 -17.00 19.32 17.42
CA MET A 1243 -17.10 18.23 16.46
C MET A 1243 -16.73 18.67 15.06
N PHE A 1244 -16.97 19.94 14.74
CA PHE A 1244 -16.62 20.44 13.41
C PHE A 1244 -15.17 20.15 13.09
N THR A 1245 -14.30 20.19 14.09
CA THR A 1245 -12.87 20.02 13.88
C THR A 1245 -12.46 18.56 13.69
N VAL A 1246 -13.26 17.60 14.14
CA VAL A 1246 -12.82 16.22 14.19
C VAL A 1246 -12.77 15.60 12.80
N ILE A 1247 -13.14 16.36 11.77
CA ILE A 1247 -12.88 15.94 10.40
C ILE A 1247 -11.43 16.15 10.02
N PHE A 1248 -10.60 16.64 10.94
CA PHE A 1248 -9.22 16.96 10.64
C PHE A 1248 -8.46 15.76 10.12
N ASN A 1249 -8.49 14.65 10.86
CA ASN A 1249 -7.61 13.53 10.53
C ASN A 1249 -7.98 12.88 9.21
N PRO A 1250 -9.23 12.53 8.94
CA PRO A 1250 -9.55 11.91 7.65
C PRO A 1250 -9.16 12.76 6.46
N ILE A 1251 -9.37 14.08 6.52
CA ILE A 1251 -9.01 14.93 5.40
C ILE A 1251 -7.51 14.92 5.17
N LEU A 1252 -6.73 15.07 6.24
CA LEU A 1252 -5.28 15.05 6.12
C LEU A 1252 -4.80 13.72 5.54
N GLN A 1253 -5.35 12.61 6.03
CA GLN A 1253 -4.89 11.31 5.56
C GLN A 1253 -5.29 11.06 4.12
N GLN A 1254 -6.48 11.48 3.72
CA GLN A 1254 -6.86 11.41 2.32
C GLN A 1254 -5.90 12.22 1.46
N TYR A 1255 -5.45 13.37 1.98
CA TYR A 1255 -4.58 14.23 1.18
C TYR A 1255 -3.20 13.62 1.00
N LEU A 1256 -2.62 13.10 2.08
CA LEU A 1256 -1.20 12.77 2.07
C LEU A 1256 -0.78 11.91 0.88
N PRO A 1257 -1.52 10.88 0.47
CA PRO A 1257 -1.07 10.07 -0.68
C PRO A 1257 -0.82 10.86 -1.95
N SER A 1258 -1.58 11.93 -2.20
CA SER A 1258 -1.33 12.74 -3.39
C SER A 1258 0.06 13.37 -3.35
N PHE A 1259 0.39 13.99 -2.21
CA PHE A 1259 1.72 14.57 -2.07
C PHE A 1259 2.79 13.49 -2.16
N VAL A 1260 2.55 12.33 -1.54
CA VAL A 1260 3.55 11.26 -1.59
C VAL A 1260 3.79 10.82 -3.02
N GLN A 1261 2.73 10.72 -3.81
CA GLN A 1261 2.87 10.32 -5.21
C GLN A 1261 3.68 11.35 -5.99
N GLN A 1262 3.31 12.62 -5.90
CA GLN A 1262 4.05 13.66 -6.59
C GLN A 1262 5.50 13.70 -6.12
N ARG A 1263 5.72 13.50 -4.82
CA ARG A 1263 7.05 13.54 -4.24
C ARG A 1263 7.91 12.38 -4.73
N ASP A 1264 7.34 11.18 -4.79
CA ASP A 1264 8.07 10.05 -5.33
C ASP A 1264 8.50 10.34 -6.76
N LEU A 1265 7.56 10.76 -7.60
CA LEU A 1265 7.92 11.07 -8.98
C LEU A 1265 9.06 12.10 -9.02
N TYR A 1266 8.88 13.22 -8.30
CA TYR A 1266 9.88 14.28 -8.33
C TYR A 1266 11.25 13.75 -7.91
N GLU A 1267 11.36 13.30 -6.66
CA GLU A 1267 12.65 12.91 -6.12
C GLU A 1267 13.30 11.83 -6.97
N ALA A 1268 12.52 10.88 -7.49
CA ALA A 1268 13.12 9.78 -8.21
C ALA A 1268 13.65 10.22 -9.58
N ARG A 1269 12.86 10.98 -10.33
CA ARG A 1269 13.24 11.27 -11.71
C ARG A 1269 13.46 12.74 -11.99
N GLU A 1270 12.55 13.62 -11.56
CA GLU A 1270 12.59 15.00 -12.02
C GLU A 1270 13.70 15.79 -11.34
N ARG A 1271 14.01 15.46 -10.08
CA ARG A 1271 15.10 16.15 -9.40
C ARG A 1271 16.44 15.87 -10.07
N PRO A 1272 16.88 14.62 -10.18
CA PRO A 1272 18.17 14.37 -10.84
C PRO A 1272 18.21 14.85 -12.28
N SER A 1273 17.10 14.75 -13.01
CA SER A 1273 17.06 15.22 -14.39
C SER A 1273 17.16 16.74 -14.49
N ARG A 1274 17.05 17.45 -13.38
CA ARG A 1274 17.01 18.92 -13.40
C ARG A 1274 15.86 19.42 -14.27
N THR A 1275 14.71 18.75 -14.15
CA THR A 1275 13.51 19.22 -14.83
C THR A 1275 13.00 20.50 -14.17
N PHE A 1276 12.88 20.51 -12.85
CA PHE A 1276 12.45 21.69 -12.12
C PHE A 1276 12.96 21.59 -10.69
N SER A 1277 13.00 22.74 -10.02
CA SER A 1277 13.59 22.84 -8.70
C SER A 1277 12.58 22.43 -7.63
N TRP A 1278 13.10 22.14 -6.43
CA TRP A 1278 12.23 21.80 -5.32
C TRP A 1278 11.28 22.93 -4.98
N ILE A 1279 11.71 24.18 -5.24
CA ILE A 1279 10.83 25.33 -5.00
C ILE A 1279 9.55 25.16 -5.79
N SER A 1280 9.68 24.86 -7.08
CA SER A 1280 8.50 24.68 -7.92
C SER A 1280 7.65 23.51 -7.44
N PHE A 1281 8.30 22.41 -7.07
CA PHE A 1281 7.58 21.24 -6.59
C PHE A 1281 6.72 21.58 -5.38
N ILE A 1282 7.32 22.19 -4.35
CA ILE A 1282 6.59 22.47 -3.13
C ILE A 1282 5.52 23.53 -3.37
N PHE A 1283 5.82 24.55 -4.16
CA PHE A 1283 4.83 25.58 -4.41
C PHE A 1283 3.66 25.04 -5.21
N ALA A 1284 3.89 24.05 -6.07
CA ALA A 1284 2.76 23.40 -6.72
C ALA A 1284 1.94 22.61 -5.72
N GLN A 1285 2.62 21.83 -4.86
CA GLN A 1285 1.89 21.09 -3.84
C GLN A 1285 1.03 21.99 -2.99
N ILE A 1286 1.45 23.24 -2.80
CA ILE A 1286 0.71 24.18 -1.97
C ILE A 1286 -0.43 24.82 -2.76
N PHE A 1287 -0.11 25.38 -3.93
CA PHE A 1287 -1.08 26.15 -4.69
C PHE A 1287 -2.23 25.28 -5.14
N VAL A 1288 -1.96 24.02 -5.50
CA VAL A 1288 -3.05 23.17 -5.95
C VAL A 1288 -3.96 22.82 -4.78
N GLU A 1289 -3.38 22.48 -3.64
CA GLU A 1289 -4.18 22.07 -2.49
C GLU A 1289 -5.08 23.18 -1.99
N VAL A 1290 -4.57 24.43 -1.96
CA VAL A 1290 -5.31 25.49 -1.29
C VAL A 1290 -6.71 25.70 -1.88
N PRO A 1291 -6.89 25.84 -3.19
CA PRO A 1291 -8.25 26.10 -3.71
C PRO A 1291 -9.24 24.98 -3.43
N TRP A 1292 -8.82 23.72 -3.50
CA TRP A 1292 -9.75 22.63 -3.23
C TRP A 1292 -10.20 22.65 -1.78
N ASN A 1293 -9.28 22.95 -0.86
CA ASN A 1293 -9.66 23.06 0.54
C ASN A 1293 -10.59 24.25 0.76
N ILE A 1294 -10.37 25.35 0.05
CA ILE A 1294 -11.29 26.48 0.18
C ILE A 1294 -12.69 26.08 -0.29
N LEU A 1295 -12.77 25.35 -1.41
CA LEU A 1295 -14.07 24.90 -1.88
C LEU A 1295 -14.74 23.96 -0.88
N ALA A 1296 -13.97 23.03 -0.31
CA ALA A 1296 -14.52 22.14 0.70
C ALA A 1296 -15.01 22.93 1.91
N GLY A 1297 -14.27 23.96 2.31
CA GLY A 1297 -14.70 24.78 3.42
C GLY A 1297 -15.98 25.53 3.12
N THR A 1298 -16.14 26.00 1.89
CA THR A 1298 -17.39 26.66 1.51
C THR A 1298 -18.56 25.70 1.58
N ILE A 1299 -18.38 24.49 1.07
CA ILE A 1299 -19.46 23.50 1.14
C ILE A 1299 -19.82 23.22 2.59
N ALA A 1300 -18.80 23.01 3.44
CA ALA A 1300 -19.05 22.74 4.84
C ALA A 1300 -19.76 23.90 5.50
N TYR A 1301 -19.35 25.13 5.20
CA TYR A 1301 -20.02 26.30 5.76
C TYR A 1301 -21.50 26.27 5.41
N PHE A 1302 -21.82 26.06 4.14
CA PHE A 1302 -23.23 26.11 3.75
C PHE A 1302 -24.03 25.02 4.44
N ILE A 1303 -23.48 23.80 4.57
CA ILE A 1303 -24.26 22.72 5.16
C ILE A 1303 -24.10 22.61 6.67
N TYR A 1304 -23.37 23.52 7.31
CA TYR A 1304 -23.18 23.49 8.75
C TYR A 1304 -23.72 24.72 9.45
N TYR A 1305 -23.44 25.92 8.93
CA TYR A 1305 -23.84 27.14 9.61
C TYR A 1305 -25.35 27.24 9.74
N TYR A 1306 -26.07 26.96 8.67
CA TYR A 1306 -27.49 27.23 8.65
C TYR A 1306 -28.30 26.13 9.33
N PRO A 1307 -28.03 24.85 9.06
CA PRO A 1307 -28.80 23.80 9.75
C PRO A 1307 -28.72 23.89 11.26
N ILE A 1308 -27.55 24.21 11.80
CA ILE A 1308 -27.39 24.29 13.25
C ILE A 1308 -28.06 25.54 13.81
N GLY A 1309 -28.33 26.54 12.98
CA GLY A 1309 -29.10 27.68 13.39
C GLY A 1309 -28.33 28.91 13.78
N PHE A 1310 -27.03 28.95 13.54
CA PHE A 1310 -26.25 30.14 13.91
C PHE A 1310 -26.74 31.38 13.16
N TYR A 1311 -27.32 31.18 11.98
CA TYR A 1311 -27.75 32.33 11.19
C TYR A 1311 -28.85 33.12 11.90
N SER A 1312 -29.78 32.41 12.56
CA SER A 1312 -30.82 33.10 13.31
C SER A 1312 -30.23 33.83 14.52
N ASN A 1313 -29.22 33.24 15.16
CA ASN A 1313 -28.54 33.93 16.25
C ASN A 1313 -27.93 35.24 15.75
N ALA A 1314 -27.30 35.21 14.58
CA ALA A 1314 -26.75 36.44 14.00
C ALA A 1314 -27.86 37.43 13.71
N SER A 1315 -28.93 36.98 13.05
CA SER A 1315 -29.99 37.89 12.64
C SER A 1315 -30.60 38.60 13.83
N ALA A 1316 -30.90 37.86 14.89
CA ALA A 1316 -31.53 38.46 16.06
C ALA A 1316 -30.68 39.59 16.63
N ALA A 1317 -29.37 39.53 16.44
CA ALA A 1317 -28.46 40.59 16.88
C ALA A 1317 -28.24 41.66 15.83
N GLY A 1318 -28.83 41.53 14.64
CA GLY A 1318 -28.59 42.48 13.57
C GLY A 1318 -27.16 42.44 13.05
N GLN A 1319 -26.57 41.25 12.97
CA GLN A 1319 -25.20 41.06 12.51
C GLN A 1319 -25.14 39.95 11.47
N LEU A 1320 -26.20 39.79 10.68
CA LEU A 1320 -26.32 38.64 9.80
C LEU A 1320 -25.14 38.51 8.86
N HIS A 1321 -24.97 39.49 7.97
CA HIS A 1321 -24.02 39.33 6.87
C HIS A 1321 -22.59 39.24 7.38
N GLU A 1322 -22.23 40.09 8.34
CA GLU A 1322 -20.85 40.12 8.82
C GLU A 1322 -20.49 38.80 9.51
N ARG A 1323 -21.39 38.28 10.35
CA ARG A 1323 -21.09 37.04 11.05
C ARG A 1323 -21.11 35.85 10.10
N GLY A 1324 -22.01 35.85 9.13
CA GLY A 1324 -21.97 34.80 8.13
C GLY A 1324 -20.68 34.79 7.35
N ALA A 1325 -20.23 35.97 6.91
CA ALA A 1325 -18.98 36.05 6.17
C ALA A 1325 -17.81 35.58 7.03
N LEU A 1326 -17.78 35.98 8.29
CA LEU A 1326 -16.67 35.58 9.14
C LEU A 1326 -16.70 34.07 9.40
N PHE A 1327 -17.90 33.50 9.57
CA PHE A 1327 -17.99 32.06 9.79
C PHE A 1327 -17.51 31.30 8.55
N TRP A 1328 -17.89 31.77 7.36
CA TRP A 1328 -17.41 31.13 6.14
C TRP A 1328 -15.90 31.25 6.01
N LEU A 1329 -15.36 32.42 6.35
CA LEU A 1329 -13.92 32.59 6.34
C LEU A 1329 -13.25 31.59 7.27
N PHE A 1330 -13.81 31.40 8.46
CA PHE A 1330 -13.23 30.47 9.41
C PHE A 1330 -13.30 29.04 8.91
N SER A 1331 -14.40 28.66 8.27
CA SER A 1331 -14.51 27.32 7.73
C SER A 1331 -13.46 27.07 6.65
N CYS A 1332 -13.35 27.99 5.69
CA CYS A 1332 -12.34 27.86 4.66
C CYS A 1332 -10.94 27.85 5.26
N ALA A 1333 -10.71 28.68 6.27
CA ALA A 1333 -9.40 28.70 6.91
C ALA A 1333 -9.10 27.38 7.60
N PHE A 1334 -10.11 26.76 8.20
CA PHE A 1334 -9.89 25.48 8.85
C PHE A 1334 -9.49 24.41 7.84
N TYR A 1335 -10.16 24.38 6.69
CA TYR A 1335 -9.81 23.36 5.71
C TYR A 1335 -8.44 23.64 5.10
N VAL A 1336 -8.14 24.90 4.81
CA VAL A 1336 -6.80 25.26 4.34
C VAL A 1336 -5.77 24.88 5.39
N TYR A 1337 -6.11 25.02 6.66
CA TYR A 1337 -5.19 24.68 7.74
C TYR A 1337 -4.94 23.18 7.79
N VAL A 1338 -5.98 22.38 7.59
CA VAL A 1338 -5.80 20.94 7.54
C VAL A 1338 -4.83 20.58 6.41
N GLY A 1339 -5.02 21.21 5.25
CA GLY A 1339 -4.09 20.98 4.16
C GLY A 1339 -2.66 21.37 4.51
N SER A 1340 -2.50 22.53 5.14
CA SER A 1340 -1.16 23.02 5.46
C SER A 1340 -0.48 22.12 6.49
N MET A 1341 -1.24 21.60 7.45
CA MET A 1341 -0.66 20.72 8.45
C MET A 1341 -0.30 19.38 7.83
N GLY A 1342 -1.10 18.90 6.89
CA GLY A 1342 -0.71 17.72 6.13
C GLY A 1342 0.62 17.94 5.43
N LEU A 1343 0.78 19.10 4.79
CA LEU A 1343 2.05 19.40 4.15
C LEU A 1343 3.18 19.42 5.17
N LEU A 1344 2.95 20.04 6.32
CA LEU A 1344 4.01 20.16 7.32
C LEU A 1344 4.46 18.78 7.78
N VAL A 1345 3.52 17.88 8.06
CA VAL A 1345 3.92 16.58 8.57
C VAL A 1345 4.54 15.72 7.46
N ILE A 1346 4.08 15.84 6.22
CA ILE A 1346 4.61 15.00 5.15
C ILE A 1346 5.89 15.55 4.55
N SER A 1347 6.27 16.78 4.87
CA SER A 1347 7.45 17.38 4.27
C SER A 1347 8.71 16.60 4.64
N PHE A 1348 8.87 16.25 5.92
CA PHE A 1348 10.08 15.58 6.37
C PHE A 1348 9.90 14.09 6.58
N ASN A 1349 8.68 13.62 6.84
CA ASN A 1349 8.45 12.19 6.96
C ASN A 1349 8.58 11.50 5.61
N GLN A 1350 9.04 10.25 5.64
CA GLN A 1350 9.19 9.47 4.42
C GLN A 1350 7.87 8.82 4.02
N VAL A 1351 7.32 8.00 4.90
CA VAL A 1351 6.09 7.27 4.62
C VAL A 1351 4.89 8.12 5.00
N ALA A 1352 3.76 7.87 4.34
CA ALA A 1352 2.54 8.61 4.64
C ALA A 1352 2.00 8.27 6.02
N GLU A 1353 2.08 6.99 6.40
CA GLU A 1353 1.46 6.56 7.65
C GLU A 1353 2.08 7.24 8.86
N SER A 1354 3.41 7.38 8.87
CA SER A 1354 4.07 8.04 9.99
C SER A 1354 3.68 9.50 10.07
N ALA A 1355 3.62 10.19 8.92
CA ALA A 1355 3.21 11.58 8.92
C ALA A 1355 1.77 11.73 9.41
N ALA A 1356 0.90 10.79 9.00
CA ALA A 1356 -0.47 10.81 9.49
C ALA A 1356 -0.54 10.61 11.00
N ASN A 1357 0.27 9.68 11.52
CA ASN A 1357 0.30 9.46 12.96
C ASN A 1357 0.75 10.70 13.70
N LEU A 1358 1.80 11.37 13.20
CA LEU A 1358 2.29 12.57 13.86
C LEU A 1358 1.26 13.69 13.80
N ALA A 1359 0.61 13.88 12.65
CA ALA A 1359 -0.43 14.89 12.55
C ALA A 1359 -1.58 14.59 13.50
N SER A 1360 -1.96 13.30 13.60
CA SER A 1360 -3.03 12.93 14.52
C SER A 1360 -2.64 13.23 15.95
N LEU A 1361 -1.39 12.96 16.32
CA LEU A 1361 -0.93 13.28 17.67
C LEU A 1361 -1.00 14.78 17.95
N LEU A 1362 -0.52 15.58 17.02
CA LEU A 1362 -0.55 17.04 17.22
C LEU A 1362 -1.99 17.54 17.29
N PHE A 1363 -2.87 17.02 16.43
CA PHE A 1363 -4.26 17.45 16.47
C PHE A 1363 -4.94 17.00 17.76
N THR A 1364 -4.58 15.82 18.26
CA THR A 1364 -5.11 15.38 19.54
C THR A 1364 -4.69 16.33 20.65
N MET A 1365 -3.43 16.75 20.66
CA MET A 1365 -2.98 17.70 21.65
C MET A 1365 -3.78 19.00 21.54
N SER A 1366 -3.87 19.55 20.33
CA SER A 1366 -4.58 20.81 20.14
C SER A 1366 -6.03 20.71 20.61
N LEU A 1367 -6.74 19.67 20.15
CA LEU A 1367 -8.15 19.51 20.47
C LEU A 1367 -8.35 19.27 21.96
N SER A 1368 -7.49 18.45 22.58
CA SER A 1368 -7.66 18.13 23.99
C SER A 1368 -7.47 19.36 24.86
N PHE A 1369 -6.47 20.19 24.55
CA PHE A 1369 -6.20 21.37 25.35
C PHE A 1369 -6.86 22.62 24.79
N CYS A 1370 -7.79 22.47 23.85
CA CYS A 1370 -8.50 23.60 23.28
C CYS A 1370 -9.22 24.44 24.32
N GLY A 1371 -9.54 23.89 25.48
CA GLY A 1371 -10.29 24.59 26.49
C GLY A 1371 -11.78 24.27 26.52
N VAL A 1372 -12.22 23.33 25.69
CA VAL A 1372 -13.64 22.96 25.63
C VAL A 1372 -13.93 21.75 26.51
N MET A 1373 -13.08 20.73 26.44
CA MET A 1373 -13.27 19.57 27.29
C MET A 1373 -12.89 19.89 28.74
N THR A 1374 -12.09 20.92 28.93
CA THR A 1374 -11.76 21.43 30.25
C THR A 1374 -11.36 22.89 30.11
N THR A 1375 -12.01 23.77 30.87
CA THR A 1375 -11.73 25.18 30.74
C THR A 1375 -10.31 25.49 31.22
N PRO A 1376 -9.66 26.50 30.64
CA PRO A 1376 -8.29 26.81 31.07
C PRO A 1376 -8.19 27.13 32.55
N SER A 1377 -9.23 27.72 33.13
CA SER A 1377 -9.23 27.98 34.56
C SER A 1377 -9.02 26.71 35.35
N ALA A 1378 -9.74 25.64 34.99
CA ALA A 1378 -9.60 24.35 35.65
C ALA A 1378 -8.40 23.56 35.17
N MET A 1379 -7.76 23.98 34.08
CA MET A 1379 -6.57 23.29 33.60
C MET A 1379 -5.43 23.48 34.60
N PRO A 1380 -4.55 22.49 34.74
CA PRO A 1380 -3.37 22.70 35.58
C PRO A 1380 -2.50 23.83 35.05
N ARG A 1381 -1.84 24.52 35.98
CA ARG A 1381 -0.96 25.61 35.62
C ARG A 1381 0.09 25.19 34.60
N PHE A 1382 0.48 23.91 34.63
CA PHE A 1382 1.52 23.44 33.73
C PHE A 1382 1.07 23.54 32.27
N TRP A 1383 -0.18 23.19 32.00
CA TRP A 1383 -0.64 22.97 30.63
C TRP A 1383 -1.16 24.22 29.94
N ILE A 1384 -1.13 25.38 30.62
CA ILE A 1384 -1.69 26.58 30.01
C ILE A 1384 -0.97 26.90 28.71
N PHE A 1385 0.33 26.63 28.62
CA PHE A 1385 1.04 26.89 27.38
C PHE A 1385 0.40 26.14 26.23
N MET A 1386 0.03 24.87 26.44
CA MET A 1386 -0.63 24.12 25.38
C MET A 1386 -1.99 24.71 25.06
N TYR A 1387 -2.66 25.32 26.03
CA TYR A 1387 -3.91 26.01 25.75
C TYR A 1387 -3.68 27.32 25.03
N ARG A 1388 -2.47 27.86 25.10
CA ARG A 1388 -2.18 29.12 24.40
C ARG A 1388 -1.72 28.87 22.98
N VAL A 1389 -0.94 27.81 22.77
CA VAL A 1389 -0.32 27.60 21.46
C VAL A 1389 -1.18 26.78 20.51
N SER A 1390 -2.17 26.07 21.00
CA SER A 1390 -2.98 25.24 20.12
C SER A 1390 -3.86 26.12 19.25
N PRO A 1391 -3.85 25.94 17.93
CA PRO A 1391 -4.68 26.82 17.07
C PRO A 1391 -6.16 26.66 17.32
N LEU A 1392 -6.59 25.48 17.75
CA LEU A 1392 -8.01 25.24 17.90
C LEU A 1392 -8.61 26.04 19.04
N THR A 1393 -7.82 26.46 20.03
CA THR A 1393 -8.35 27.37 21.03
C THR A 1393 -8.93 28.60 20.36
N TYR A 1394 -8.13 29.25 19.51
CA TYR A 1394 -8.58 30.47 18.85
C TYR A 1394 -9.65 30.17 17.82
N PHE A 1395 -9.47 29.11 17.04
CA PHE A 1395 -10.49 28.74 16.07
C PHE A 1395 -11.84 28.56 16.73
N ILE A 1396 -11.90 27.74 17.77
CA ILE A 1396 -13.19 27.38 18.36
C ILE A 1396 -13.75 28.53 19.17
N GLN A 1397 -12.91 29.26 19.91
CA GLN A 1397 -13.40 30.44 20.61
C GLN A 1397 -14.07 31.39 19.62
N ALA A 1398 -13.37 31.75 18.55
CA ALA A 1398 -13.93 32.70 17.60
C ALA A 1398 -15.16 32.14 16.92
N LEU A 1399 -15.15 30.85 16.60
CA LEU A 1399 -16.23 30.29 15.80
C LEU A 1399 -17.50 30.17 16.62
N LEU A 1400 -17.38 29.75 17.88
CA LEU A 1400 -18.54 29.74 18.77
C LEU A 1400 -19.01 31.14 19.09
N ALA A 1401 -18.10 32.10 19.22
CA ALA A 1401 -18.52 33.48 19.45
C ALA A 1401 -19.32 34.00 18.27
N VAL A 1402 -18.85 33.73 17.05
CA VAL A 1402 -19.57 34.12 15.85
C VAL A 1402 -20.87 33.34 15.71
N GLY A 1403 -20.96 32.17 16.35
CA GLY A 1403 -22.16 31.38 16.28
C GLY A 1403 -23.27 31.81 17.21
N VAL A 1404 -22.96 32.08 18.48
CA VAL A 1404 -24.00 32.24 19.50
C VAL A 1404 -23.99 33.60 20.17
N ALA A 1405 -22.99 34.45 19.94
CA ALA A 1405 -22.84 35.64 20.76
C ALA A 1405 -23.93 36.66 20.48
N ASN A 1406 -24.10 37.57 21.44
CA ASN A 1406 -24.92 38.78 21.31
C ASN A 1406 -26.41 38.49 21.25
N VAL A 1407 -26.88 37.40 21.85
CA VAL A 1407 -28.29 37.10 21.95
C VAL A 1407 -28.62 36.76 23.40
N ASP A 1408 -29.91 36.59 23.66
CA ASP A 1408 -30.39 36.35 25.02
C ASP A 1408 -30.50 34.86 25.29
N VAL A 1409 -30.08 34.46 26.48
CA VAL A 1409 -30.24 33.09 26.93
C VAL A 1409 -31.69 32.87 27.33
N LYS A 1410 -32.21 31.69 27.02
CA LYS A 1410 -33.58 31.30 27.36
C LYS A 1410 -33.51 29.96 28.08
N CYS A 1411 -33.30 30.00 29.38
CA CYS A 1411 -33.14 28.79 30.17
C CYS A 1411 -34.37 27.89 30.03
N ALA A 1412 -34.12 26.59 29.95
CA ALA A 1412 -35.20 25.62 29.87
C ALA A 1412 -35.80 25.38 31.25
N ASP A 1413 -36.93 24.67 31.27
CA ASP A 1413 -37.65 24.46 32.52
C ASP A 1413 -36.78 23.79 33.57
N TYR A 1414 -36.06 22.73 33.20
CA TYR A 1414 -35.23 22.02 34.17
C TYR A 1414 -33.96 22.78 34.50
N GLU A 1415 -33.58 23.77 33.69
CA GLU A 1415 -32.36 24.52 33.97
C GLU A 1415 -32.60 25.64 34.97
N LEU A 1416 -33.85 26.10 35.10
CA LEU A 1416 -34.14 27.21 35.99
C LEU A 1416 -33.99 26.80 37.45
N LEU A 1417 -33.41 27.69 38.25
CA LEU A 1417 -33.29 27.47 39.67
C LEU A 1417 -34.58 27.81 40.40
N GLU A 1418 -35.02 26.92 41.28
CA GLU A 1418 -36.25 27.10 42.02
C GLU A 1418 -35.93 27.20 43.51
N PHE A 1419 -36.29 28.32 44.12
CA PHE A 1419 -36.23 28.50 45.56
C PHE A 1419 -37.33 29.50 45.94
N THR A 1420 -37.37 29.86 47.21
CA THR A 1420 -38.42 30.74 47.70
C THR A 1420 -37.80 31.97 48.35
N PRO A 1421 -38.47 33.12 48.27
CA PRO A 1421 -37.90 34.34 48.85
C PRO A 1421 -38.17 34.42 50.33
N PRO A 1422 -37.50 35.33 51.03
CA PRO A 1422 -37.79 35.51 52.47
C PRO A 1422 -39.21 35.99 52.70
N SER A 1423 -39.56 36.19 53.98
CA SER A 1423 -40.91 36.61 54.32
C SER A 1423 -41.18 38.02 53.82
N GLY A 1424 -42.31 38.19 53.13
CA GLY A 1424 -42.83 39.50 52.81
C GLY A 1424 -42.22 40.19 51.62
N MET A 1425 -41.18 39.64 51.00
CA MET A 1425 -40.53 40.26 49.86
C MET A 1425 -40.64 39.35 48.65
N THR A 1426 -40.99 39.94 47.51
CA THR A 1426 -40.98 39.21 46.25
C THR A 1426 -39.54 38.88 45.84
N CYS A 1427 -39.42 37.95 44.90
CA CYS A 1427 -38.09 37.57 44.43
C CYS A 1427 -37.36 38.72 43.74
N GLY A 1428 -38.08 39.69 43.18
CA GLY A 1428 -37.41 40.85 42.64
C GLY A 1428 -36.59 41.57 43.70
N GLN A 1429 -37.25 41.91 44.81
CA GLN A 1429 -36.54 42.56 45.91
C GLN A 1429 -35.47 41.64 46.50
N TYR A 1430 -35.81 40.36 46.66
CA TYR A 1430 -34.87 39.42 47.27
C TYR A 1430 -33.59 39.32 46.47
N MET A 1431 -33.71 39.24 45.15
CA MET A 1431 -32.57 39.00 44.27
C MET A 1431 -31.95 40.28 43.75
N GLU A 1432 -32.54 41.44 44.03
CA GLU A 1432 -31.95 42.68 43.53
C GLU A 1432 -30.52 42.90 44.00
N PRO A 1433 -30.18 42.79 45.29
CA PRO A 1433 -28.78 42.97 45.69
C PRO A 1433 -27.83 42.02 44.99
N TYR A 1434 -28.24 40.77 44.78
CA TYR A 1434 -27.36 39.82 44.10
C TYR A 1434 -27.09 40.25 42.67
N LEU A 1435 -28.15 40.61 41.94
CA LEU A 1435 -27.98 41.07 40.57
C LEU A 1435 -27.20 42.38 40.48
N GLN A 1436 -27.21 43.20 41.53
CA GLN A 1436 -26.35 44.38 41.54
C GLN A 1436 -24.88 43.98 41.38
N LEU A 1437 -24.46 42.89 42.02
CA LEU A 1437 -23.07 42.45 41.96
C LEU A 1437 -22.83 41.52 40.78
N ALA A 1438 -23.51 40.37 40.76
CA ALA A 1438 -23.39 39.43 39.65
C ALA A 1438 -24.24 39.98 38.51
N LYS A 1439 -23.61 40.78 37.65
CA LYS A 1439 -24.33 41.53 36.64
C LYS A 1439 -24.75 40.63 35.48
N THR A 1440 -25.55 39.63 35.82
CA THR A 1440 -26.12 38.70 34.85
C THR A 1440 -27.10 37.74 35.53
N GLY A 1441 -28.07 37.26 34.78
CA GLY A 1441 -29.14 36.44 35.32
C GLY A 1441 -30.45 37.21 35.35
N TYR A 1442 -31.54 36.46 35.32
CA TYR A 1442 -32.87 37.07 35.27
C TYR A 1442 -33.86 36.16 35.99
N LEU A 1443 -34.98 36.76 36.38
CA LEU A 1443 -36.06 36.06 37.05
C LEU A 1443 -37.27 35.94 36.12
N THR A 1444 -37.91 34.78 36.15
CA THR A 1444 -39.11 34.59 35.34
C THR A 1444 -40.23 35.52 35.78
N ASP A 1445 -40.43 35.66 37.09
CA ASP A 1445 -41.44 36.56 37.64
C ASP A 1445 -40.75 37.39 38.73
N GLU A 1446 -40.28 38.57 38.35
CA GLU A 1446 -39.61 39.44 39.31
C GLU A 1446 -40.53 39.83 40.46
N ASN A 1447 -41.85 39.80 40.25
CA ASN A 1447 -42.81 40.20 41.27
C ASN A 1447 -43.44 39.01 41.99
N ALA A 1448 -43.06 37.79 41.65
CA ALA A 1448 -43.61 36.63 42.33
C ALA A 1448 -43.23 36.65 43.81
N THR A 1449 -44.15 36.16 44.64
CA THR A 1449 -43.97 36.18 46.08
C THR A 1449 -43.86 34.78 46.69
N ASP A 1450 -44.18 33.74 45.95
CA ASP A 1450 -44.22 32.37 46.48
C ASP A 1450 -42.94 31.60 46.16
N THR A 1451 -42.60 31.49 44.87
CA THR A 1451 -41.39 30.78 44.46
C THR A 1451 -41.05 31.25 43.05
N CYS A 1452 -39.77 31.46 42.80
CA CYS A 1452 -39.31 32.07 41.56
C CYS A 1452 -38.26 31.21 40.87
N SER A 1453 -38.36 31.18 39.55
CA SER A 1453 -37.42 30.49 38.69
C SER A 1453 -36.36 31.48 38.23
N PHE A 1454 -35.09 31.10 38.38
CA PHE A 1454 -33.98 31.99 38.13
C PHE A 1454 -33.00 31.34 37.16
N CYS A 1455 -32.69 32.05 36.08
CA CYS A 1455 -31.72 31.58 35.09
C CYS A 1455 -30.40 32.31 35.31
N GLN A 1456 -29.32 31.54 35.45
CA GLN A 1456 -28.04 32.12 35.84
C GLN A 1456 -27.61 33.21 34.88
N ILE A 1457 -27.69 32.90 33.59
CA ILE A 1457 -27.13 33.72 32.53
C ILE A 1457 -28.27 34.44 31.84
N SER A 1458 -28.08 35.73 31.58
CA SER A 1458 -29.08 36.51 30.86
C SER A 1458 -28.77 36.68 29.38
N THR A 1459 -27.51 36.55 28.99
CA THR A 1459 -27.11 36.66 27.59
C THR A 1459 -26.06 35.62 27.28
N THR A 1460 -26.03 35.16 26.03
CA THR A 1460 -25.05 34.16 25.64
C THR A 1460 -23.63 34.69 25.75
N ASN A 1461 -23.44 36.01 25.75
CA ASN A 1461 -22.11 36.57 25.96
C ASN A 1461 -21.57 36.21 27.33
N ASP A 1462 -22.44 36.23 28.34
CA ASP A 1462 -22.02 35.85 29.68
C ASP A 1462 -21.61 34.40 29.75
N TYR A 1463 -22.37 33.51 29.09
CA TYR A 1463 -21.97 32.11 29.03
C TYR A 1463 -20.65 31.95 28.31
N LEU A 1464 -20.47 32.68 27.20
CA LEU A 1464 -19.23 32.55 26.44
C LEU A 1464 -18.03 32.99 27.26
N ALA A 1465 -18.18 34.06 28.04
CA ALA A 1465 -17.07 34.52 28.87
C ALA A 1465 -16.55 33.40 29.76
N ASN A 1466 -17.43 32.53 30.26
CA ASN A 1466 -16.97 31.38 31.04
C ASN A 1466 -16.08 30.48 30.21
N VAL A 1467 -16.48 30.21 28.96
CA VAL A 1467 -15.65 29.45 28.03
C VAL A 1467 -14.41 30.21 27.60
N ASN A 1468 -14.34 31.51 27.93
CA ASN A 1468 -13.26 32.38 27.50
C ASN A 1468 -13.33 32.69 26.02
N SER A 1469 -14.54 32.68 25.46
CA SER A 1469 -14.80 33.03 24.08
C SER A 1469 -15.50 34.38 24.04
N PHE A 1470 -14.94 35.32 23.28
CA PHE A 1470 -15.47 36.67 23.22
C PHE A 1470 -15.76 37.05 21.78
N TYR A 1471 -16.90 37.72 21.57
CA TYR A 1471 -17.25 38.20 20.25
C TYR A 1471 -16.39 39.38 19.83
N SER A 1472 -15.74 40.05 20.78
CA SER A 1472 -14.85 41.15 20.45
C SER A 1472 -13.51 40.67 19.91
N GLU A 1473 -13.17 39.39 20.13
CA GLU A 1473 -11.90 38.84 19.73
C GLU A 1473 -11.99 38.00 18.46
N ARG A 1474 -13.11 38.08 17.74
CA ARG A 1474 -13.31 37.20 16.59
C ARG A 1474 -12.29 37.48 15.50
N TRP A 1475 -12.06 38.76 15.18
CA TRP A 1475 -11.15 39.09 14.09
C TRP A 1475 -9.70 38.86 14.49
N ARG A 1476 -9.36 39.12 15.75
CA ARG A 1476 -8.03 38.79 16.25
C ARG A 1476 -7.78 37.30 16.15
N ASN A 1477 -8.77 36.48 16.51
CA ASN A 1477 -8.61 35.04 16.45
C ASN A 1477 -8.51 34.57 15.00
N TYR A 1478 -9.23 35.22 14.09
CA TYR A 1478 -9.07 34.89 12.68
C TYR A 1478 -7.66 35.19 12.21
N GLY A 1479 -7.12 36.35 12.61
CA GLY A 1479 -5.74 36.65 12.27
C GLY A 1479 -4.76 35.65 12.84
N ILE A 1480 -4.99 35.22 14.08
CA ILE A 1480 -4.10 34.26 14.71
C ILE A 1480 -4.13 32.93 13.97
N PHE A 1481 -5.32 32.49 13.57
CA PHE A 1481 -5.43 31.25 12.82
C PHE A 1481 -4.75 31.36 11.45
N ILE A 1482 -4.92 32.49 10.77
CA ILE A 1482 -4.23 32.69 9.50
C ILE A 1482 -2.72 32.64 9.71
N CYS A 1483 -2.23 33.24 10.79
CA CYS A 1483 -0.81 33.16 11.09
C CYS A 1483 -0.38 31.72 11.35
N TYR A 1484 -1.25 30.91 11.96
CA TYR A 1484 -0.94 29.50 12.11
C TYR A 1484 -0.79 28.81 10.76
N ILE A 1485 -1.70 29.11 9.83
CA ILE A 1485 -1.62 28.51 8.50
C ILE A 1485 -0.32 28.91 7.82
N ALA A 1486 0.03 30.20 7.90
CA ALA A 1486 1.26 30.67 7.28
C ALA A 1486 2.47 30.00 7.89
N PHE A 1487 2.51 29.88 9.21
CA PHE A 1487 3.62 29.20 9.86
C PHE A 1487 3.70 27.75 9.42
N ASN A 1488 2.56 27.08 9.31
CA ASN A 1488 2.58 25.70 8.87
C ASN A 1488 3.20 25.57 7.50
N TYR A 1489 2.77 26.42 6.56
CA TYR A 1489 3.30 26.30 5.21
C TYR A 1489 4.78 26.65 5.16
N ILE A 1490 5.20 27.70 5.88
CA ILE A 1490 6.60 28.09 5.84
C ILE A 1490 7.48 27.02 6.48
N ALA A 1491 7.07 26.49 7.63
CA ALA A 1491 7.82 25.44 8.27
C ALA A 1491 7.84 24.17 7.42
N GLY A 1492 6.76 23.90 6.69
CA GLY A 1492 6.77 22.75 5.79
C GLY A 1492 7.75 22.91 4.66
N VAL A 1493 7.81 24.10 4.06
CA VAL A 1493 8.80 24.35 3.02
C VAL A 1493 10.21 24.18 3.59
N PHE A 1494 10.46 24.75 4.77
CA PHE A 1494 11.79 24.66 5.36
C PHE A 1494 12.16 23.21 5.69
N PHE A 1495 11.21 22.44 6.22
CA PHE A 1495 11.52 21.06 6.58
C PHE A 1495 11.68 20.19 5.35
N TYR A 1496 10.98 20.51 4.25
CA TYR A 1496 11.27 19.81 3.01
C TYR A 1496 12.69 20.12 2.54
N TRP A 1497 13.09 21.39 2.61
CA TRP A 1497 14.46 21.73 2.23
C TRP A 1497 15.47 21.04 3.14
N LEU A 1498 15.14 20.85 4.41
CA LEU A 1498 16.06 20.20 5.33
C LEU A 1498 16.17 18.70 5.06
N ALA A 1499 15.04 17.99 5.21
CA ALA A 1499 15.07 16.54 5.28
C ALA A 1499 15.19 15.86 3.92
N ARG A 1500 14.93 16.58 2.83
CA ARG A 1500 14.79 15.93 1.53
C ARG A 1500 15.69 16.51 0.45
N VAL A 1501 15.92 17.82 0.45
CA VAL A 1501 16.70 18.45 -0.61
C VAL A 1501 18.19 18.27 -0.29
N PRO A 1502 18.99 17.69 -1.20
CA PRO A 1502 20.40 17.45 -0.90
C PRO A 1502 21.20 18.73 -0.64
PG ATP B . 0.59 -12.73 -18.39
O1G ATP B . -0.64 -12.18 -17.71
O2G ATP B . 1.44 -11.70 -19.08
O3G ATP B . 1.37 -13.71 -17.52
PB ATP B . -0.67 -13.03 -20.88
O1B ATP B . -1.10 -11.62 -20.61
O2B ATP B . 0.23 -13.33 -22.04
O3B ATP B . 0.01 -13.66 -19.57
PA ATP B . -3.47 -13.38 -20.98
O1A ATP B . -3.46 -12.16 -20.09
O2A ATP B . -4.38 -14.52 -20.65
O3A ATP B . -1.97 -13.96 -21.07
O5' ATP B . -3.74 -12.91 -22.48
C5' ATP B . -5.07 -12.90 -22.99
C4' ATP B . -5.33 -11.62 -23.77
O4' ATP B . -6.74 -11.46 -23.93
C3' ATP B . -4.82 -10.39 -23.05
O3' ATP B . -4.11 -9.55 -23.96
C2' ATP B . -6.04 -9.68 -22.55
O2' ATP B . -5.89 -8.27 -22.65
C1' ATP B . -7.14 -10.16 -23.48
N9 ATP B . -8.48 -10.25 -22.82
C8 ATP B . -9.60 -9.70 -23.32
N7 ATP B . -10.66 -9.94 -22.51
C5 ATP B . -10.21 -10.66 -21.47
C6 ATP B . -10.81 -11.23 -20.26
N6 ATP B . -12.13 -11.07 -20.01
N1 ATP B . -9.99 -11.90 -19.42
C2 ATP B . -8.68 -12.04 -19.67
N3 ATP B . -8.07 -11.55 -20.76
C4 ATP B . -8.77 -10.85 -21.68
H5'1 ATP B . -5.78 -12.98 -22.17
H5'2 ATP B . -5.21 -13.76 -23.65
H4' ATP B . -4.84 -11.70 -24.75
H3' ATP B . -4.19 -10.67 -22.20
HO3' ATP B . -3.55 -8.93 -23.48
H2' ATP B . -6.26 -9.98 -21.52
HO2' ATP B . -5.05 -8.02 -22.25
H1' ATP B . -7.20 -9.48 -24.33
H8 ATP B . -9.65 -9.14 -24.24
HN61 ATP B . -12.53 -11.47 -19.17
HN62 ATP B . -12.71 -10.56 -20.66
H2 ATP B . -8.08 -12.60 -18.96
PB ADP C . 24.34 -3.06 -10.72
O1B ADP C . 25.58 -2.83 -11.53
O2B ADP C . 24.52 -4.06 -9.59
O3B ADP C . 23.06 -3.23 -11.51
PA ADP C . 25.42 -1.05 -9.19
O1A ADP C . 26.11 -0.05 -10.08
O2A ADP C . 26.21 -2.20 -8.63
O3A ADP C . 24.15 -1.67 -9.95
O5' ADP C . 24.76 -0.27 -7.95
C5' ADP C . 24.91 -0.85 -6.66
C4' ADP C . 26.34 -0.62 -6.16
O4' ADP C . 26.41 0.60 -5.42
C3' ADP C . 26.80 -1.74 -5.24
O3' ADP C . 27.64 -2.65 -5.95
C2' ADP C . 27.54 -1.04 -4.13
O2' ADP C . 28.95 -1.13 -4.33
C1' ADP C . 27.08 0.41 -4.18
N9 ADP C . 26.12 0.67 -3.09
C8 ADP C . 24.93 0.05 -2.96
N7 ADP C . 24.27 0.50 -1.86
C5 ADP C . 25.05 1.43 -1.28
C6 ADP C . 24.94 2.30 -0.08
N6 ADP C . 23.85 2.25 0.71
N1 ADP C . 25.97 3.14 0.18
C2 ADP C . 27.07 3.19 -0.61
N3 ADP C . 27.21 2.43 -1.71
C4 ADP C . 26.26 1.54 -2.09
H5'1 ADP C . 24.71 -1.93 -6.71
H5'2 ADP C . 24.20 -0.41 -5.97
H4' ADP C . 27.02 -0.56 -7.02
H3' ADP C . 25.93 -2.26 -4.83
HO3' ADP C . 27.84 -3.40 -5.38
H2' ADP C . 27.26 -1.48 -3.16
HO2' ADP C . 29.24 -2.04 -4.22
H1' ADP C . 27.95 1.08 -4.11
H8 ADP C . 24.56 -0.71 -3.63
HN61 ADP C . 23.10 1.61 0.49
HN62 ADP C . 23.79 2.85 1.52
H2 ADP C . 27.86 3.89 -0.35
#